data_7TW0
#
_entry.id   7TW0
#
_cell.length_a   1.00
_cell.length_b   1.00
_cell.length_c   1.00
_cell.angle_alpha   90.00
_cell.angle_beta   90.00
_cell.angle_gamma   90.00
#
_symmetry.space_group_name_H-M   'P 1'
#
loop_
_entity.id
_entity.type
_entity.pdbx_description
1 polymer 'Band 3 anion transport protein'
2 polymer 'Protein 4.2'
3 non-polymer 2-acetamido-2-deoxy-beta-D-glucopyranose
#
loop_
_entity_poly.entity_id
_entity_poly.type
_entity_poly.pdbx_seq_one_letter_code
_entity_poly.pdbx_strand_id
1 'polypeptide(L)'
;MEELQDDYEDMMEENLEQEEYEDPDIPESQMEEPAAHDTEATATDYHTTSHPGTHKVYVELQELVMDEKNQELRWMEAAR
WVQLEENLGENGAWGRPHLSHLTFWSLLELRRVFTKGTVLLDLQETSLAGVANQLLDRFIFEDQIRPQDREELLRALLLK
HSHAGELEALGGVKPAVLTRSGDPSQPLLPQHSSLETQLFCEQGDGGTEGHSPSGILEKIPPDSEATLVLVGRADFLEQP
VLGFVRLQEAAELEAVELPVPIRFLFVLLGPEAPHIDYTQLGRAAATLMSERVFRIDAYMAQSRGELLHSLEGFLDCSLV
LPPTDAPSEQALLSLVPVQRELLRRRYQSSPAKPDSSFYKGLDLNGGPDDPLQQTGQLFGGLVRDIRRRYPYYLSDITDA
FSPQVLAAVIFIYFAALSPAITFGGLLGEKTRNQMGVSELLISTAVQGILFALLGAQPLLVVGFSGPLLVFEEAFFSFCE
TNGLEYIVGRVWIGFWLILLVVLVVAFEGSFLVRFISRYTQEIFSFLISLIFIYETFSKLIKIFQDHPLQKTYNYNVLMV
PKPQGPLPNTALLSLVLMAGTFFFAMMLRKFKNSSYFPGKLRRVIGDFGVPISILIMVLVDFFIQDTYTQKLSVPDGFKV
SNSSARGWVIHPLGLRSEFPIWMMFASALPALLVFILIFLESQITTLIVSKPERKMVKGSGFHLDLLLVVGMGGVAALFG
MPWLSATTVRSVTHANALTVMGKASTPGAAAQIQEVKEQRISGLLVAVLVGLSILMEPILSRIPLAVLFGIFLYMGVTSL
SGIQLFDRILLLFKPPKYHPDVPYVKRVKTWRMHLFTGIQIICLAVLWVVKSTPASLALPFVLILTVPLRRVLLPLIFRN
VELQCLDADDAKATFDEEEGRDEYDEVAMPV
;
B,A
2 'polypeptide(L)'
;MGQALGIKSCDFQAARNNEEHHTKALSSRRLFVRRGQPFTIILYFRAPVRAFLPALKKVALTAQTGEQPSKINRTQATFP
ISSLGDRKWWSAVVEERDAQSWTISVTTPADAVIGHYSLLLQVSGRKQLLLGQFTLLFNPWNREDAVFLKNEAQRMEYLL
NQNGLIYLGTADCIQAESWDFGQFEGDVIDLSLRLLSKDKQVEKWSQPVHVARVLGALLHFLKEQRVLPTPQTQATQEGA
LLNKRRGSVPILRQWLTGRGRPVYDGQAWVLAAVACTVLRCLGIPARVVTTFASAQGTGGRLLIDEYYNEEGLQNGEGQR
GRIWIFQTSTECWMTRPALPQGYDGWQILHPSAPNGGGVLGSCDLVPVRAVKEGTLGLTPAVSDLFAAINASCVVWKCCE
DGTLELTDSNTKYVGNNISTKGVGSDRCEDITQNYKYPEGSLQEKEVLERVEKEKMEREKDNGIRPPSLETASPLYLLLK
APSSLPLRGDAQISVTLVNHSEQEKAVQLAIGVQAVHYNGVLAAKLWRKKLHLTLSANLEKIITIGLFFSNFERNPPENT
FLRLTAMATHSESNLSCFAQEDIAICRPHLAIKMPEKAEQYQPLTASVSLQNSLDAPMEDCVISILGRGLIHRERSYRFR
SVWPENTMCAKFQFTPTHVGLQRLTVEVDCNMFQNLTNYKSVTVVAPELSA
;
E
#
loop_
_chem_comp.id
_chem_comp.type
_chem_comp.name
_chem_comp.formula
NAG D-saccharide, beta linking 2-acetamido-2-deoxy-beta-D-glucopyranose 'C8 H15 N O6'
#
# COMPACT_ATOMS: atom_id res chain seq x y z
N HIS A 55 -15.91 18.87 39.01
CA HIS A 55 -15.63 18.99 37.59
C HIS A 55 -14.67 17.90 37.14
N LYS A 56 -14.01 17.26 38.11
CA LYS A 56 -13.07 16.19 37.82
C LYS A 56 -12.92 15.33 39.08
N VAL A 57 -12.72 14.03 38.86
CA VAL A 57 -12.69 13.05 39.93
C VAL A 57 -11.49 12.14 39.73
N TYR A 58 -11.31 11.20 40.66
CA TYR A 58 -10.25 10.21 40.61
C TYR A 58 -10.88 8.83 40.50
N VAL A 59 -10.40 8.03 39.57
CA VAL A 59 -10.96 6.71 39.31
C VAL A 59 -9.86 5.68 39.42
N GLU A 60 -10.12 4.62 40.20
CA GLU A 60 -9.12 3.60 40.46
C GLU A 60 -9.67 2.22 40.11
N LEU A 61 -8.90 1.50 39.29
CA LEU A 61 -9.20 0.14 38.87
C LEU A 61 -8.56 -0.84 39.85
N GLN A 62 -9.35 -1.78 40.36
CA GLN A 62 -8.84 -2.76 41.31
C GLN A 62 -9.11 -4.16 40.80
N GLU A 63 -8.11 -5.03 40.93
CA GLU A 63 -8.20 -6.42 40.50
C GLU A 63 -7.83 -7.36 41.64
N LEU A 64 -8.40 -8.54 41.61
CA LEU A 64 -8.08 -9.61 42.56
C LEU A 64 -6.89 -10.40 42.00
N VAL A 65 -5.73 -10.28 42.66
CA VAL A 65 -4.51 -10.90 42.17
C VAL A 65 -3.93 -11.78 43.27
N MET A 66 -2.87 -12.51 42.91
CA MET A 66 -2.18 -13.43 43.80
C MET A 66 -0.69 -13.13 43.77
N ASP A 67 -0.04 -13.23 44.93
CA ASP A 67 1.36 -12.88 45.08
C ASP A 67 2.26 -14.11 44.94
N GLU A 68 3.39 -13.93 44.24
CA GLU A 68 4.22 -15.07 43.84
C GLU A 68 4.87 -15.76 45.04
N LYS A 69 5.23 -15.01 46.09
CA LYS A 69 5.95 -15.59 47.22
C LYS A 69 5.15 -16.69 47.90
N ASN A 70 4.01 -16.32 48.49
CA ASN A 70 3.14 -17.27 49.17
C ASN A 70 1.74 -17.13 48.61
N GLN A 71 1.08 -18.26 48.34
CA GLN A 71 -0.20 -18.25 47.67
C GLN A 71 -1.31 -17.64 48.52
N GLU A 72 -1.73 -16.42 48.17
CA GLU A 72 -2.83 -15.75 48.82
C GLU A 72 -3.36 -14.67 47.88
N LEU A 73 -4.55 -14.18 48.17
CA LEU A 73 -5.23 -13.23 47.32
C LEU A 73 -5.18 -11.83 47.93
N ARG A 74 -5.18 -10.82 47.06
CA ARG A 74 -5.22 -9.43 47.51
C ARG A 74 -5.75 -8.55 46.40
N TRP A 75 -6.15 -7.34 46.77
CA TRP A 75 -6.60 -6.35 45.81
C TRP A 75 -5.42 -5.49 45.37
N MET A 76 -5.25 -5.34 44.07
CA MET A 76 -4.16 -4.56 43.50
C MET A 76 -4.72 -3.50 42.56
N GLU A 77 -4.19 -2.28 42.68
CA GLU A 77 -4.53 -1.23 41.74
C GLU A 77 -3.91 -1.52 40.38
N ALA A 78 -4.60 -1.09 39.33
CA ALA A 78 -4.14 -1.35 37.98
C ALA A 78 -4.08 -0.14 37.08
N ALA A 79 -4.91 0.88 37.30
CA ALA A 79 -4.92 2.07 36.46
C ALA A 79 -5.63 3.19 37.17
N ARG A 80 -5.23 4.42 36.86
CA ARG A 80 -5.79 5.62 37.47
C ARG A 80 -6.28 6.56 36.38
N TRP A 81 -7.28 7.36 36.73
CA TRP A 81 -7.92 8.27 35.78
C TRP A 81 -8.09 9.63 36.43
N VAL A 82 -7.32 10.62 35.96
CA VAL A 82 -7.60 12.03 36.21
C VAL A 82 -7.61 12.69 34.83
N GLN A 83 -8.78 12.69 34.17
CA GLN A 83 -8.98 13.21 32.83
C GLN A 83 -8.12 12.51 31.78
N LEU A 84 -7.32 11.53 32.21
CA LEU A 84 -6.42 10.77 31.36
C LEU A 84 -6.15 9.44 32.04
N GLU A 85 -5.76 8.44 31.25
CA GLU A 85 -5.56 7.09 31.76
C GLU A 85 -4.08 6.84 31.98
N GLU A 86 -3.74 6.29 33.15
CA GLU A 86 -2.39 5.86 33.45
C GLU A 86 -2.42 4.43 33.95
N ASN A 87 -1.58 3.58 33.37
CA ASN A 87 -1.47 2.18 33.73
C ASN A 87 -0.13 1.93 34.42
N LEU A 88 0.01 0.75 35.02
CA LEU A 88 1.25 0.36 35.67
C LEU A 88 1.73 -0.96 35.07
N GLY A 89 3.04 -1.07 34.87
CA GLY A 89 3.65 -2.26 34.32
C GLY A 89 4.05 -3.25 35.39
N GLU A 90 4.78 -4.28 34.94
CA GLU A 90 5.25 -5.31 35.87
C GLU A 90 6.32 -4.78 36.81
N ASN A 91 7.07 -3.77 36.39
CA ASN A 91 8.11 -3.19 37.25
C ASN A 91 7.51 -2.52 38.48
N GLY A 92 6.38 -1.83 38.30
CA GLY A 92 5.78 -1.08 39.38
C GLY A 92 5.82 0.41 39.15
N ALA A 93 6.20 0.81 37.94
CA ALA A 93 6.25 2.22 37.56
C ALA A 93 5.17 2.50 36.54
N TRP A 94 4.42 3.57 36.75
CA TRP A 94 3.33 3.91 35.86
C TRP A 94 3.83 4.41 34.52
N GLY A 95 3.08 4.12 33.46
CA GLY A 95 3.42 4.54 32.12
C GLY A 95 3.08 5.99 31.84
N ARG A 96 3.40 6.41 30.62
CA ARG A 96 3.20 7.79 30.19
C ARG A 96 1.71 8.10 30.02
N PRO A 97 1.29 9.34 30.26
CA PRO A 97 -0.13 9.68 30.08
C PRO A 97 -0.57 9.49 28.64
N HIS A 98 -1.81 9.05 28.48
CA HIS A 98 -2.36 8.76 27.16
C HIS A 98 -3.88 8.79 27.25
N LEU A 99 -4.50 8.94 26.08
CA LEU A 99 -5.94 8.85 25.99
C LEU A 99 -6.37 7.38 26.05
N SER A 100 -7.66 7.17 26.33
CA SER A 100 -8.22 5.84 26.51
C SER A 100 -8.90 5.37 25.23
N HIS A 101 -8.58 4.14 24.82
CA HIS A 101 -9.18 3.51 23.66
C HIS A 101 -9.67 2.12 24.08
N LEU A 102 -10.97 1.99 24.28
CA LEU A 102 -11.58 0.76 24.77
C LEU A 102 -11.76 -0.23 23.62
N THR A 103 -12.49 -1.31 23.86
CA THR A 103 -12.72 -2.33 22.83
C THR A 103 -14.21 -2.58 22.68
N PHE A 104 -14.56 -3.17 21.53
CA PHE A 104 -15.96 -3.41 21.19
C PHE A 104 -16.61 -4.40 22.14
N TRP A 105 -15.95 -5.54 22.38
CA TRP A 105 -16.54 -6.58 23.22
C TRP A 105 -16.73 -6.10 24.65
N SER A 106 -15.77 -5.35 25.17
CA SER A 106 -15.85 -4.88 26.56
C SER A 106 -17.05 -3.97 26.76
N LEU A 107 -17.22 -2.97 25.89
CA LEU A 107 -18.36 -2.07 26.00
C LEU A 107 -19.67 -2.80 25.74
N LEU A 108 -19.67 -3.76 24.80
CA LEU A 108 -20.88 -4.53 24.54
C LEU A 108 -21.33 -5.30 25.76
N GLU A 109 -20.40 -6.01 26.41
CA GLU A 109 -20.75 -6.76 27.61
C GLU A 109 -21.10 -5.83 28.76
N LEU A 110 -20.46 -4.67 28.83
CA LEU A 110 -20.82 -3.68 29.84
C LEU A 110 -22.27 -3.25 29.67
N ARG A 111 -22.68 -2.96 28.43
CA ARG A 111 -24.08 -2.59 28.19
C ARG A 111 -25.01 -3.74 28.53
N ARG A 112 -24.66 -4.97 28.13
CA ARG A 112 -25.53 -6.12 28.37
C ARG A 112 -25.73 -6.34 29.87
N VAL A 113 -24.64 -6.25 30.65
CA VAL A 113 -24.77 -6.46 32.09
C VAL A 113 -25.39 -5.25 32.78
N PHE A 114 -25.33 -4.07 32.16
CA PHE A 114 -25.88 -2.88 32.80
C PHE A 114 -27.37 -2.72 32.52
N THR A 115 -27.89 -3.36 31.47
CA THR A 115 -29.32 -3.29 31.20
C THR A 115 -30.14 -3.99 32.29
N LYS A 116 -29.54 -4.94 33.01
CA LYS A 116 -30.25 -5.68 34.04
C LYS A 116 -29.59 -5.59 35.41
N GLY A 117 -28.46 -4.89 35.52
CA GLY A 117 -27.80 -4.73 36.79
C GLY A 117 -28.61 -3.88 37.76
N THR A 118 -28.33 -4.05 39.04
CA THR A 118 -29.05 -3.33 40.09
C THR A 118 -28.39 -1.99 40.36
N VAL A 119 -29.20 -1.06 40.87
CA VAL A 119 -28.74 0.28 41.21
C VAL A 119 -29.16 0.58 42.64
N LEU A 120 -28.20 1.00 43.46
CA LEU A 120 -28.46 1.40 44.84
C LEU A 120 -28.17 2.89 44.97
N LEU A 121 -29.19 3.67 45.25
CA LEU A 121 -29.07 5.12 45.34
C LEU A 121 -29.21 5.57 46.78
N ASP A 122 -28.35 6.51 47.18
CA ASP A 122 -28.39 7.14 48.51
C ASP A 122 -28.23 6.11 49.62
N LEU A 123 -27.21 5.26 49.50
CA LEU A 123 -26.89 4.34 50.58
C LEU A 123 -26.27 5.10 51.74
N GLN A 124 -26.77 4.82 52.95
CA GLN A 124 -26.30 5.50 54.16
C GLN A 124 -25.29 4.61 54.86
N GLU A 125 -24.08 4.54 54.30
CA GLU A 125 -22.99 3.78 54.88
C GLU A 125 -21.69 4.56 54.74
N THR A 126 -20.75 4.26 55.64
CA THR A 126 -19.42 4.86 55.64
C THR A 126 -18.30 3.84 55.51
N SER A 127 -18.51 2.62 55.99
CA SER A 127 -17.48 1.59 55.99
C SER A 127 -17.70 0.61 54.84
N LEU A 128 -16.64 -0.14 54.53
CA LEU A 128 -16.69 -1.11 53.46
C LEU A 128 -17.61 -2.27 53.78
N ALA A 129 -17.65 -2.70 55.04
CA ALA A 129 -18.45 -3.88 55.42
C ALA A 129 -19.94 -3.64 55.18
N GLY A 130 -20.44 -2.47 55.56
CA GLY A 130 -21.85 -2.18 55.35
C GLY A 130 -22.23 -2.10 53.88
N VAL A 131 -21.34 -1.51 53.07
CA VAL A 131 -21.60 -1.42 51.64
C VAL A 131 -21.61 -2.81 51.01
N ALA A 132 -20.65 -3.65 51.38
CA ALA A 132 -20.61 -5.00 50.83
C ALA A 132 -21.82 -5.81 51.26
N ASN A 133 -22.22 -5.68 52.53
CA ASN A 133 -23.40 -6.39 53.01
C ASN A 133 -24.65 -5.95 52.28
N GLN A 134 -24.83 -4.64 52.09
CA GLN A 134 -26.01 -4.13 51.40
C GLN A 134 -26.04 -4.57 49.95
N LEU A 135 -24.90 -4.51 49.25
CA LEU A 135 -24.89 -4.94 47.85
C LEU A 135 -25.16 -6.43 47.73
N LEU A 136 -24.61 -7.24 48.64
CA LEU A 136 -24.89 -8.67 48.61
C LEU A 136 -26.35 -8.95 48.91
N ASP A 137 -26.94 -8.20 49.84
CA ASP A 137 -28.36 -8.33 50.14
C ASP A 137 -29.22 -8.01 48.93
N ARG A 138 -28.86 -6.94 48.21
CA ARG A 138 -29.63 -6.57 47.02
C ARG A 138 -29.44 -7.60 45.91
N PHE A 139 -28.24 -8.16 45.77
CA PHE A 139 -28.03 -9.25 44.82
C PHE A 139 -28.89 -10.45 45.16
N ILE A 140 -28.98 -10.80 46.45
CA ILE A 140 -29.79 -11.94 46.88
C ILE A 140 -31.26 -11.66 46.61
N PHE A 141 -31.70 -10.42 46.84
CA PHE A 141 -33.12 -10.08 46.72
C PHE A 141 -33.63 -10.28 45.29
N GLU A 142 -32.86 -9.88 44.28
CA GLU A 142 -33.31 -9.92 42.91
C GLU A 142 -33.00 -11.25 42.22
N ASP A 143 -32.70 -12.30 43.00
CA ASP A 143 -32.48 -13.65 42.50
C ASP A 143 -31.36 -13.71 41.46
N GLN A 144 -30.35 -12.85 41.60
CA GLN A 144 -29.22 -12.88 40.68
C GLN A 144 -28.12 -13.81 41.17
N ILE A 145 -27.93 -13.90 42.49
CA ILE A 145 -26.90 -14.74 43.08
C ILE A 145 -27.57 -15.69 44.07
N ARG A 146 -26.99 -16.87 44.22
CA ARG A 146 -27.56 -17.86 45.12
C ARG A 146 -27.23 -17.52 46.57
N PRO A 147 -28.12 -17.89 47.50
CA PRO A 147 -27.85 -17.62 48.93
C PRO A 147 -26.63 -18.35 49.46
N GLN A 148 -26.23 -19.47 48.86
CA GLN A 148 -25.11 -20.26 49.34
C GLN A 148 -23.76 -19.71 48.88
N ASP A 149 -23.73 -18.57 48.19
CA ASP A 149 -22.49 -18.00 47.70
C ASP A 149 -22.08 -16.71 48.41
N ARG A 150 -22.97 -16.13 49.21
CA ARG A 150 -22.65 -14.86 49.87
C ARG A 150 -21.51 -15.01 50.86
N GLU A 151 -21.49 -16.11 51.61
CA GLU A 151 -20.48 -16.28 52.65
C GLU A 151 -19.07 -16.34 52.06
N GLU A 152 -18.90 -16.89 50.86
CA GLU A 152 -17.61 -16.90 50.19
C GLU A 152 -17.28 -15.53 49.61
N LEU A 153 -18.29 -14.87 49.03
CA LEU A 153 -18.07 -13.57 48.39
C LEU A 153 -17.67 -12.51 49.40
N LEU A 154 -18.30 -12.51 50.58
CA LEU A 154 -17.97 -11.51 51.59
C LEU A 154 -16.53 -11.66 52.07
N ARG A 155 -16.08 -12.91 52.23
CA ARG A 155 -14.69 -13.15 52.60
C ARG A 155 -13.73 -12.77 51.48
N ALA A 156 -14.13 -13.00 50.22
CA ALA A 156 -13.27 -12.63 49.10
C ALA A 156 -13.13 -11.12 48.96
N LEU A 157 -14.24 -10.39 49.11
CA LEU A 157 -14.22 -8.94 48.90
C LEU A 157 -13.50 -8.21 50.02
N LEU A 158 -13.77 -8.57 51.28
CA LEU A 158 -13.15 -7.91 52.43
C LEU A 158 -11.73 -8.44 52.58
N LEU A 159 -10.84 -7.87 51.78
CA LEU A 159 -9.47 -8.35 51.64
C LEU A 159 -8.52 -7.17 51.56
N LYS A 160 -7.24 -7.45 51.82
CA LYS A 160 -6.22 -6.40 51.87
C LYS A 160 -6.01 -5.74 50.52
N HIS A 161 -5.87 -4.42 50.52
CA HIS A 161 -5.57 -3.65 49.33
C HIS A 161 -4.12 -3.18 49.39
N SER A 162 -3.35 -3.47 48.34
CA SER A 162 -1.94 -3.10 48.28
C SER A 162 -1.71 -2.18 47.10
N HIS A 163 -0.92 -1.12 47.33
CA HIS A 163 -0.62 -0.16 46.29
C HIS A 163 0.65 -0.58 45.55
N ALA A 164 1.16 0.32 44.69
CA ALA A 164 2.33 -0.02 43.88
C ALA A 164 3.59 -0.13 44.73
N GLY A 165 3.67 0.63 45.83
CA GLY A 165 4.86 0.63 46.66
C GLY A 165 5.19 -0.71 47.28
N GLU A 166 4.22 -1.62 47.35
CA GLU A 166 4.45 -2.96 47.87
C GLU A 166 4.61 -4.00 46.78
N LEU A 167 4.80 -3.56 45.53
CA LEU A 167 4.96 -4.55 44.46
C LEU A 167 6.33 -5.23 44.56
N GLU A 168 7.40 -4.43 44.58
CA GLU A 168 8.74 -5.00 44.67
C GLU A 168 8.95 -5.72 46.00
N ALA A 169 8.21 -5.32 47.04
CA ALA A 169 8.27 -6.01 48.32
C ALA A 169 7.69 -7.42 48.23
N LEU A 170 6.81 -7.67 47.28
CA LEU A 170 6.24 -9.00 47.06
C LEU A 170 6.78 -9.69 45.83
N GLY A 171 7.35 -8.95 44.88
CA GLY A 171 7.98 -9.54 43.72
C GLY A 171 7.15 -9.54 42.45
N GLY A 172 6.03 -8.83 42.43
CA GLY A 172 5.16 -8.80 41.28
C GLY A 172 3.85 -9.50 41.52
N VAL A 173 2.89 -9.22 40.65
CA VAL A 173 1.56 -9.79 40.75
C VAL A 173 1.17 -10.39 39.41
N LYS A 174 0.27 -11.36 39.47
CA LYS A 174 -0.26 -12.05 38.31
C LYS A 174 -1.77 -12.19 38.44
N PRO A 175 -2.50 -12.27 37.33
CA PRO A 175 -3.94 -12.46 37.41
C PRO A 175 -4.29 -13.78 38.10
N ALA A 176 -5.36 -13.75 38.89
CA ALA A 176 -5.78 -14.91 39.66
C ALA A 176 -7.29 -15.07 39.54
N VAL A 177 -7.74 -16.30 39.75
CA VAL A 177 -9.15 -16.65 39.62
C VAL A 177 -9.62 -17.29 40.92
N LEU A 178 -10.66 -16.73 41.53
CA LEU A 178 -11.26 -17.32 42.71
C LEU A 178 -12.01 -18.59 42.34
N THR A 179 -12.02 -19.55 43.26
CA THR A 179 -12.71 -20.82 43.07
C THR A 179 -13.73 -21.02 44.19
N ARG A 180 -14.46 -22.13 44.11
CA ARG A 180 -15.46 -22.45 45.13
C ARG A 180 -14.80 -22.68 46.49
N SER A 181 -13.66 -23.37 46.49
CA SER A 181 -12.95 -23.62 47.74
C SER A 181 -12.47 -22.33 48.39
N GLY A 182 -11.97 -21.39 47.58
CA GLY A 182 -11.47 -20.13 48.10
C GLY A 182 -10.00 -19.91 47.83
N ASP A 183 -9.38 -20.85 47.14
CA ASP A 183 -7.96 -20.77 46.81
C ASP A 183 -7.76 -20.11 45.45
N PRO A 184 -6.63 -19.44 45.24
CA PRO A 184 -6.35 -18.85 43.93
C PRO A 184 -6.13 -19.93 42.89
N SER A 185 -6.37 -19.57 41.63
CA SER A 185 -6.19 -20.52 40.55
C SER A 185 -5.91 -19.76 39.25
N GLN A 186 -5.25 -20.44 38.32
CA GLN A 186 -4.95 -19.88 37.02
C GLN A 186 -6.20 -19.89 36.15
N PRO A 187 -6.34 -18.92 35.25
CA PRO A 187 -7.49 -18.92 34.35
C PRO A 187 -7.47 -20.13 33.41
N LEU A 188 -8.66 -20.63 33.11
CA LEU A 188 -8.77 -21.78 32.22
C LEU A 188 -8.65 -21.36 30.76
N LEU A 189 -9.33 -20.28 30.38
CA LEU A 189 -9.20 -19.77 29.03
C LEU A 189 -7.81 -19.19 28.81
N PRO A 190 -7.28 -19.29 27.58
CA PRO A 190 -5.93 -18.76 27.33
C PRO A 190 -5.88 -17.26 27.46
N GLN A 191 -4.72 -16.75 27.84
CA GLN A 191 -4.50 -15.33 28.02
C GLN A 191 -3.43 -14.84 27.04
N HIS A 192 -3.45 -13.52 26.81
CA HIS A 192 -2.44 -12.85 26.03
C HIS A 192 -2.04 -11.59 26.78
N SER A 193 -0.87 -11.06 26.42
CA SER A 193 -0.38 -9.85 27.08
C SER A 193 -1.34 -8.69 26.83
N SER A 194 -1.56 -7.88 27.86
CA SER A 194 -2.49 -6.76 27.74
C SER A 194 -1.93 -5.71 26.78
N LEU A 195 -2.83 -4.96 26.17
CA LEU A 195 -2.43 -4.04 25.10
C LEU A 195 -1.85 -2.75 25.66
N GLU A 196 -2.53 -2.15 26.64
CA GLU A 196 -2.09 -0.85 27.15
C GLU A 196 -0.74 -0.96 27.87
N THR A 197 -0.56 -1.99 28.70
CA THR A 197 0.69 -2.13 29.45
C THR A 197 1.85 -2.57 28.57
N GLN A 198 1.58 -3.13 27.39
CA GLN A 198 2.63 -3.53 26.47
C GLN A 198 3.06 -2.38 25.56
N LEU A 199 2.14 -1.47 25.25
CA LEU A 199 2.39 -0.37 24.33
C LEU A 199 2.82 0.91 25.03
N PHE A 200 2.11 1.32 26.08
CA PHE A 200 2.34 2.61 26.69
C PHE A 200 3.32 2.58 27.85
N CYS A 201 3.36 1.48 28.62
CA CYS A 201 4.28 1.44 29.76
C CYS A 201 5.73 1.35 29.31
N GLU A 202 6.00 0.79 28.13
CA GLU A 202 7.35 0.68 27.62
C GLU A 202 7.48 1.36 26.26
N HIS A 211 8.10 13.97 40.94
CA HIS A 211 7.82 13.49 39.60
C HIS A 211 6.32 13.32 39.36
N SER A 212 5.95 12.15 38.83
CA SER A 212 4.55 11.86 38.54
C SER A 212 3.65 11.87 39.76
N PRO A 213 3.99 11.27 40.92
CA PRO A 213 3.07 11.34 42.07
C PRO A 213 2.76 12.75 42.52
N SER A 214 3.74 13.65 42.49
CA SER A 214 3.47 15.04 42.86
C SER A 214 2.46 15.67 41.89
N GLY A 215 2.66 15.45 40.59
CA GLY A 215 1.73 15.96 39.60
C GLY A 215 0.33 15.39 39.80
N ILE A 216 0.24 14.12 40.19
CA ILE A 216 -1.04 13.53 40.56
C ILE A 216 -1.64 14.32 41.73
N LEU A 217 -0.80 14.69 42.69
CA LEU A 217 -1.30 15.38 43.88
C LEU A 217 -1.85 16.76 43.54
N GLU A 218 -1.23 17.50 42.62
CA GLU A 218 -1.87 18.79 42.32
C GLU A 218 -3.01 18.66 41.32
N LYS A 219 -2.99 17.68 40.42
CA LYS A 219 -4.04 17.60 39.41
C LYS A 219 -5.39 17.32 40.02
N ILE A 220 -5.44 16.52 41.09
CA ILE A 220 -6.72 16.31 41.78
C ILE A 220 -7.19 17.62 42.39
N PRO A 221 -8.45 18.02 42.19
CA PRO A 221 -8.93 19.25 42.81
C PRO A 221 -8.89 19.15 44.31
N PRO A 222 -8.70 20.27 45.01
CA PRO A 222 -8.60 20.22 46.48
C PRO A 222 -9.83 19.67 47.17
N ASP A 223 -11.02 19.94 46.64
CA ASP A 223 -12.27 19.44 47.22
C ASP A 223 -13.04 18.76 46.09
N SER A 224 -12.96 17.42 46.05
CA SER A 224 -13.64 16.65 45.02
C SER A 224 -13.84 15.24 45.52
N GLU A 225 -14.67 14.48 44.80
CA GLU A 225 -14.99 13.11 45.15
C GLU A 225 -14.24 12.15 44.23
N ALA A 226 -14.26 10.87 44.59
CA ALA A 226 -13.59 9.83 43.81
C ALA A 226 -14.52 8.64 43.65
N THR A 227 -14.25 7.87 42.60
CA THR A 227 -14.96 6.63 42.32
C THR A 227 -13.96 5.48 42.23
N LEU A 228 -14.38 4.32 42.68
CA LEU A 228 -13.54 3.13 42.65
C LEU A 228 -14.28 2.05 41.91
N VAL A 229 -13.59 1.33 41.03
CA VAL A 229 -14.17 0.25 40.25
C VAL A 229 -13.41 -1.04 40.55
N LEU A 230 -14.14 -2.11 40.82
CA LEU A 230 -13.59 -3.39 41.24
C LEU A 230 -13.95 -4.45 40.22
N VAL A 231 -12.98 -5.26 39.82
CA VAL A 231 -13.21 -6.34 38.87
C VAL A 231 -12.70 -7.64 39.47
N GLY A 232 -13.26 -8.75 39.00
CA GLY A 232 -12.87 -10.06 39.48
C GLY A 232 -13.69 -11.20 38.91
N ARG A 233 -13.04 -12.34 38.70
CA ARG A 233 -13.65 -13.53 38.13
C ARG A 233 -13.97 -14.55 39.22
N ALA A 234 -15.10 -15.23 39.06
CA ALA A 234 -15.52 -16.24 40.04
C ALA A 234 -16.09 -17.44 39.28
N ASP A 235 -15.52 -18.62 39.53
CA ASP A 235 -15.92 -19.81 38.80
C ASP A 235 -17.25 -20.38 39.27
N PHE A 236 -17.68 -20.04 40.48
CA PHE A 236 -18.92 -20.56 41.05
C PHE A 236 -20.13 -19.69 40.75
N LEU A 237 -20.06 -18.85 39.72
CA LEU A 237 -21.16 -17.97 39.35
C LEU A 237 -21.77 -18.37 38.02
N GLU A 238 -22.96 -17.86 37.76
CA GLU A 238 -23.71 -18.17 36.54
C GLU A 238 -23.49 -17.13 35.45
N GLN A 239 -23.79 -15.87 35.72
CA GLN A 239 -23.64 -14.79 34.77
C GLN A 239 -22.94 -13.62 35.45
N PRO A 240 -22.27 -12.76 34.69
CA PRO A 240 -21.65 -11.57 35.29
C PRO A 240 -22.71 -10.64 35.88
N VAL A 241 -22.33 -9.97 36.97
CA VAL A 241 -23.22 -9.04 37.67
C VAL A 241 -22.49 -7.73 37.90
N LEU A 242 -23.24 -6.63 37.78
CA LEU A 242 -22.74 -5.28 37.98
C LEU A 242 -23.54 -4.63 39.10
N GLY A 243 -22.83 -4.01 40.04
CA GLY A 243 -23.45 -3.27 41.12
C GLY A 243 -22.95 -1.85 41.21
N PHE A 244 -23.87 -0.88 41.15
CA PHE A 244 -23.57 0.55 41.19
C PHE A 244 -24.24 1.16 42.40
N VAL A 245 -23.45 1.74 43.30
CA VAL A 245 -23.99 2.36 44.51
C VAL A 245 -23.42 3.78 44.66
N ARG A 246 -24.31 4.72 44.98
CA ARG A 246 -23.95 6.12 45.21
C ARG A 246 -24.18 6.46 46.67
N LEU A 247 -23.14 6.95 47.35
CA LEU A 247 -23.24 7.27 48.76
C LEU A 247 -24.02 8.56 48.99
N GLN A 248 -24.72 8.62 50.13
CA GLN A 248 -25.39 9.85 50.53
C GLN A 248 -24.39 10.96 50.79
N GLU A 249 -23.29 10.63 51.46
CA GLU A 249 -22.23 11.59 51.79
C GLU A 249 -20.90 10.94 51.47
N ALA A 250 -20.00 11.70 50.84
CA ALA A 250 -18.69 11.17 50.49
C ALA A 250 -17.95 10.75 51.76
N ALA A 251 -17.38 9.55 51.73
CA ALA A 251 -16.72 9.01 52.90
C ALA A 251 -15.39 8.38 52.51
N GLU A 252 -14.46 8.38 53.45
CA GLU A 252 -13.15 7.79 53.22
C GLU A 252 -13.22 6.27 53.26
N LEU A 253 -12.31 5.63 52.55
CA LEU A 253 -12.20 4.18 52.52
C LEU A 253 -10.74 3.79 52.71
N GLU A 254 -10.51 2.66 53.37
CA GLU A 254 -9.16 2.19 53.61
C GLU A 254 -8.51 1.60 52.36
N ALA A 255 -9.29 1.34 51.31
CA ALA A 255 -8.71 0.75 50.11
C ALA A 255 -7.81 1.74 49.37
N VAL A 256 -8.19 3.01 49.35
CA VAL A 256 -7.45 4.06 48.64
C VAL A 256 -6.64 4.84 49.66
N GLU A 257 -5.32 4.91 49.44
CA GLU A 257 -4.45 5.66 50.33
C GLU A 257 -4.55 7.16 50.10
N LEU A 258 -5.03 7.57 48.92
CA LEU A 258 -5.18 8.99 48.64
C LEU A 258 -6.27 9.59 49.52
N PRO A 259 -6.10 10.84 49.96
CA PRO A 259 -7.08 11.46 50.87
C PRO A 259 -8.38 11.90 50.21
N VAL A 260 -8.56 11.65 48.93
CA VAL A 260 -9.79 12.08 48.25
C VAL A 260 -10.95 11.22 48.73
N PRO A 261 -12.10 11.81 49.05
CA PRO A 261 -13.25 11.00 49.46
C PRO A 261 -13.88 10.27 48.28
N ILE A 262 -14.69 9.27 48.62
CA ILE A 262 -15.28 8.36 47.64
C ILE A 262 -16.79 8.56 47.62
N ARG A 263 -17.35 8.63 46.41
CA ARG A 263 -18.78 8.87 46.22
C ARG A 263 -19.50 7.72 45.54
N PHE A 264 -18.97 7.17 44.45
CA PHE A 264 -19.59 6.09 43.71
C PHE A 264 -18.77 4.81 43.87
N LEU A 265 -19.44 3.67 43.70
CA LEU A 265 -18.75 2.39 43.76
C LEU A 265 -19.35 1.42 42.74
N PHE A 266 -18.47 0.82 41.95
CA PHE A 266 -18.82 -0.24 40.99
C PHE A 266 -18.24 -1.56 41.49
N VAL A 267 -19.03 -2.63 41.37
CA VAL A 267 -18.59 -3.98 41.70
C VAL A 267 -18.96 -4.89 40.53
N LEU A 268 -17.96 -5.59 39.99
CA LEU A 268 -18.15 -6.43 38.81
C LEU A 268 -17.73 -7.86 39.11
N LEU A 269 -18.66 -8.79 38.98
CA LEU A 269 -18.37 -10.21 39.18
C LEU A 269 -18.83 -11.01 37.96
N GLY A 270 -18.42 -12.28 37.92
CA GLY A 270 -18.88 -13.17 36.90
C GLY A 270 -17.91 -14.29 36.58
N PRO A 271 -18.35 -15.26 35.79
CA PRO A 271 -17.48 -16.37 35.38
C PRO A 271 -16.74 -16.06 34.09
N GLU A 272 -15.88 -17.00 33.70
CA GLU A 272 -15.14 -16.86 32.46
C GLU A 272 -16.01 -17.24 31.26
N ALA A 273 -15.84 -16.50 30.17
CA ALA A 273 -16.54 -16.74 28.92
C ALA A 273 -15.72 -16.13 27.80
N PRO A 274 -15.80 -16.68 26.60
CA PRO A 274 -15.03 -16.12 25.48
C PRO A 274 -15.53 -14.73 25.11
N HIS A 275 -14.60 -13.91 24.63
CA HIS A 275 -14.85 -12.52 24.20
C HIS A 275 -15.23 -11.61 25.37
N ILE A 276 -14.80 -11.96 26.58
CA ILE A 276 -14.90 -11.07 27.74
C ILE A 276 -13.52 -10.97 28.38
N ASP A 277 -12.98 -9.74 28.44
CA ASP A 277 -11.75 -9.45 29.15
C ASP A 277 -12.06 -8.45 30.24
N TYR A 278 -11.79 -8.82 31.49
CA TYR A 278 -12.25 -8.02 32.62
C TYR A 278 -11.48 -6.72 32.78
N THR A 279 -10.18 -6.72 32.48
CA THR A 279 -9.41 -5.48 32.54
C THR A 279 -9.93 -4.46 31.53
N GLN A 280 -10.23 -4.92 30.31
CA GLN A 280 -10.71 -4.01 29.28
C GLN A 280 -12.10 -3.47 29.61
N LEU A 281 -12.97 -4.31 30.18
CA LEU A 281 -14.30 -3.81 30.55
C LEU A 281 -14.22 -2.84 31.72
N GLY A 282 -13.30 -3.09 32.66
CA GLY A 282 -13.06 -2.10 33.70
C GLY A 282 -12.55 -0.78 33.14
N ARG A 283 -11.68 -0.86 32.13
CA ARG A 283 -11.22 0.34 31.44
C ARG A 283 -12.40 1.07 30.79
N ALA A 284 -13.32 0.32 30.18
CA ALA A 284 -14.49 0.92 29.57
C ALA A 284 -15.36 1.62 30.60
N ALA A 285 -15.57 0.98 31.76
CA ALA A 285 -16.36 1.60 32.83
C ALA A 285 -15.70 2.88 33.33
N ALA A 286 -14.37 2.84 33.51
CA ALA A 286 -13.65 4.03 33.96
C ALA A 286 -13.74 5.16 32.94
N THR A 287 -13.63 4.81 31.66
CA THR A 287 -13.76 5.82 30.61
C THR A 287 -15.16 6.43 30.60
N LEU A 288 -16.18 5.61 30.81
CA LEU A 288 -17.54 6.12 30.91
C LEU A 288 -17.70 7.06 32.10
N MET A 289 -17.09 6.69 33.24
CA MET A 289 -17.17 7.53 34.43
C MET A 289 -16.38 8.83 34.29
N SER A 290 -15.36 8.83 33.43
CA SER A 290 -14.47 9.99 33.36
C SER A 290 -15.15 11.21 32.74
N GLU A 291 -16.17 11.01 31.91
CA GLU A 291 -16.82 12.13 31.24
C GLU A 291 -17.60 12.98 32.23
N ARG A 292 -17.57 14.30 32.01
CA ARG A 292 -18.25 15.24 32.89
C ARG A 292 -19.76 15.12 32.79
N VAL A 293 -20.29 14.98 31.58
CA VAL A 293 -21.74 14.96 31.39
C VAL A 293 -22.36 13.74 32.07
N PHE A 294 -21.75 12.56 31.86
CA PHE A 294 -22.25 11.36 32.51
C PHE A 294 -22.10 11.45 34.02
N ARG A 295 -21.03 12.08 34.51
CA ARG A 295 -20.86 12.26 35.94
C ARG A 295 -21.96 13.14 36.52
N ILE A 296 -22.32 14.23 35.83
CA ILE A 296 -23.43 15.06 36.28
C ILE A 296 -24.73 14.28 36.25
N ASP A 297 -24.93 13.47 35.20
CA ASP A 297 -26.12 12.64 35.13
C ASP A 297 -26.20 11.67 36.30
N ALA A 298 -25.05 11.10 36.70
CA ALA A 298 -25.01 10.25 37.88
C ALA A 298 -25.31 11.04 39.14
N TYR A 299 -24.85 12.28 39.22
CA TYR A 299 -25.19 13.15 40.33
C TYR A 299 -26.69 13.45 40.40
N MET A 300 -27.39 13.41 39.26
CA MET A 300 -28.81 13.73 39.25
C MET A 300 -29.72 12.55 38.93
N ALA A 301 -29.18 11.36 38.72
CA ALA A 301 -30.01 10.21 38.38
C ALA A 301 -30.88 9.79 39.56
N GLN A 302 -32.12 9.40 39.25
CA GLN A 302 -33.06 8.91 40.25
C GLN A 302 -33.44 7.45 40.06
N SER A 303 -33.19 6.87 38.90
CA SER A 303 -33.48 5.47 38.63
C SER A 303 -32.51 4.96 37.57
N ARG A 304 -32.75 3.73 37.10
CA ARG A 304 -31.87 3.12 36.11
C ARG A 304 -32.18 3.57 34.69
N GLY A 305 -33.40 4.04 34.42
CA GLY A 305 -33.76 4.41 33.06
C GLY A 305 -32.96 5.57 32.52
N GLU A 306 -32.74 6.60 33.35
CA GLU A 306 -31.95 7.73 32.92
C GLU A 306 -30.49 7.34 32.68
N LEU A 307 -29.95 6.45 33.52
CA LEU A 307 -28.59 5.95 33.27
C LEU A 307 -28.51 5.17 31.98
N LEU A 308 -29.54 4.35 31.71
CA LEU A 308 -29.58 3.62 30.44
C LEU A 308 -29.63 4.58 29.25
N HIS A 309 -30.45 5.63 29.35
CA HIS A 309 -30.55 6.60 28.26
C HIS A 309 -29.22 7.35 28.08
N SER A 310 -28.57 7.71 29.18
CA SER A 310 -27.28 8.39 29.08
C SER A 310 -26.23 7.48 28.46
N LEU A 311 -26.23 6.20 28.81
CA LEU A 311 -25.29 5.26 28.20
C LEU A 311 -25.55 5.10 26.72
N GLU A 312 -26.83 5.03 26.33
CA GLU A 312 -27.18 4.92 24.92
C GLU A 312 -26.76 6.16 24.15
N GLY A 313 -26.96 7.33 24.74
CA GLY A 313 -26.49 8.56 24.11
C GLY A 313 -24.97 8.60 23.99
N PHE A 314 -24.26 8.14 25.02
CA PHE A 314 -22.81 8.12 24.99
C PHE A 314 -22.29 7.21 23.89
N LEU A 315 -22.90 6.03 23.73
CA LEU A 315 -22.49 5.15 22.64
C LEU A 315 -22.92 5.69 21.29
N ASP A 316 -24.05 6.39 21.22
CA ASP A 316 -24.56 6.90 19.95
C ASP A 316 -23.62 7.94 19.36
N CYS A 317 -23.08 8.83 20.19
CA CYS A 317 -22.19 9.88 19.74
C CYS A 317 -20.72 9.46 19.82
N SER A 318 -20.46 8.16 19.81
CA SER A 318 -19.11 7.62 19.79
C SER A 318 -18.73 7.25 18.36
N LEU A 319 -17.45 7.38 18.05
CA LEU A 319 -16.95 7.18 16.69
C LEU A 319 -16.03 5.96 16.66
N VAL A 320 -16.49 4.89 16.01
CA VAL A 320 -15.73 3.65 15.86
C VAL A 320 -15.21 3.55 14.45
N LEU A 321 -13.92 3.22 14.31
CA LEU A 321 -13.29 3.07 13.02
C LEU A 321 -12.77 1.65 12.86
N PRO A 322 -12.93 1.04 11.69
CA PRO A 322 -12.57 -0.36 11.51
C PRO A 322 -11.10 -0.49 11.13
N PRO A 323 -10.55 -1.71 11.21
CA PRO A 323 -9.19 -1.92 10.70
C PRO A 323 -9.14 -1.75 9.19
N THR A 324 -7.99 -1.30 8.70
CA THR A 324 -7.81 -1.08 7.28
C THR A 324 -6.53 -1.83 6.88
N ASP A 325 -6.08 -1.71 5.64
CA ASP A 325 -4.87 -2.36 5.18
C ASP A 325 -3.66 -1.44 5.21
N ALA A 326 -3.76 -0.26 4.61
CA ALA A 326 -2.69 0.73 4.62
C ALA A 326 -3.25 2.09 5.05
N PRO A 327 -3.43 2.29 6.35
CA PRO A 327 -3.89 3.60 6.83
C PRO A 327 -2.85 4.67 6.56
N SER A 328 -3.33 5.89 6.29
CA SER A 328 -2.46 7.01 5.99
C SER A 328 -2.92 8.22 6.80
N GLU A 329 -1.97 9.07 7.15
CA GLU A 329 -2.27 10.26 7.94
C GLU A 329 -2.94 11.36 7.13
N GLN A 330 -3.03 11.22 5.81
CA GLN A 330 -3.69 12.24 5.00
C GLN A 330 -5.20 12.03 4.96
N ALA A 331 -5.66 10.82 4.67
CA ALA A 331 -7.09 10.52 4.75
C ALA A 331 -7.58 10.57 6.19
N LEU A 332 -6.76 10.10 7.14
CA LEU A 332 -7.14 10.09 8.55
C LEU A 332 -7.37 11.48 9.10
N LEU A 333 -6.80 12.52 8.48
CA LEU A 333 -7.04 13.89 8.91
C LEU A 333 -8.31 14.48 8.30
N SER A 334 -9.05 13.70 7.53
CA SER A 334 -10.36 14.11 7.04
C SER A 334 -11.46 13.88 8.07
N LEU A 335 -11.14 13.25 9.19
CA LEU A 335 -12.09 12.99 10.26
C LEU A 335 -12.07 14.06 11.34
N VAL A 336 -11.31 15.14 11.14
CA VAL A 336 -11.26 16.21 12.12
C VAL A 336 -12.62 16.86 12.35
N PRO A 337 -13.36 17.29 11.32
CA PRO A 337 -14.69 17.87 11.60
C PRO A 337 -15.69 16.89 12.20
N VAL A 338 -15.68 15.64 11.71
CA VAL A 338 -16.73 14.68 12.09
C VAL A 338 -16.80 14.51 13.59
N GLN A 339 -15.65 14.20 14.22
CA GLN A 339 -15.60 14.09 15.68
C GLN A 339 -16.16 15.34 16.33
N ARG A 340 -15.74 16.52 15.86
CA ARG A 340 -16.26 17.78 16.38
C ARG A 340 -17.78 17.77 16.36
N GLU A 341 -18.38 17.43 15.22
CA GLU A 341 -19.82 17.37 15.11
C GLU A 341 -20.41 16.44 16.16
N LEU A 342 -19.83 15.24 16.28
CA LEU A 342 -20.31 14.30 17.29
C LEU A 342 -20.21 14.92 18.68
N LEU A 343 -19.07 15.57 18.96
CA LEU A 343 -18.91 16.24 20.24
C LEU A 343 -20.00 17.28 20.43
N ARG A 344 -20.31 18.04 19.37
CA ARG A 344 -21.38 19.02 19.46
C ARG A 344 -22.70 18.33 19.80
N ARG A 345 -22.97 17.19 19.17
CA ARG A 345 -24.19 16.46 19.48
C ARG A 345 -24.19 16.03 20.94
N ARG A 346 -23.02 15.64 21.46
CA ARG A 346 -22.93 15.25 22.87
C ARG A 346 -23.30 16.43 23.76
N TYR A 347 -22.99 17.64 23.34
CA TYR A 347 -23.40 18.80 24.10
C TYR A 347 -24.65 19.46 23.54
N GLN A 348 -25.25 18.89 22.49
CA GLN A 348 -26.54 19.38 22.03
C GLN A 348 -27.62 19.08 23.05
N SER A 349 -27.56 17.91 23.66
CA SER A 349 -28.51 17.50 24.71
C SER A 349 -27.94 17.63 26.10
N SER A 350 -26.80 18.30 26.26
CA SER A 350 -26.17 18.45 27.56
C SER A 350 -26.35 19.86 28.10
N PRO A 351 -26.76 20.00 29.36
CA PRO A 351 -26.86 21.35 29.96
C PRO A 351 -25.53 22.06 30.09
N ALA A 352 -24.41 21.33 30.09
CA ALA A 352 -23.10 21.93 30.19
C ALA A 352 -22.63 22.41 28.80
N LYS A 353 -21.40 22.89 28.74
CA LYS A 353 -20.82 23.40 27.52
C LYS A 353 -19.45 22.77 27.28
N PRO A 354 -19.04 22.63 26.02
CA PRO A 354 -17.75 21.99 25.73
C PRO A 354 -16.57 22.83 26.21
N ASP A 355 -15.46 22.16 26.45
CA ASP A 355 -14.23 22.81 26.90
C ASP A 355 -13.33 23.23 25.74
N SER A 356 -13.07 22.33 24.81
CA SER A 356 -12.18 22.59 23.68
C SER A 356 -13.03 22.97 22.47
N SER A 357 -13.00 24.26 22.11
CA SER A 357 -13.77 24.75 20.97
C SER A 357 -12.88 25.56 20.03
N ASP A 369 -5.96 36.69 37.48
CA ASP A 369 -5.27 37.96 37.64
C ASP A 369 -4.64 38.40 36.33
N ASP A 370 -4.44 39.71 36.19
CA ASP A 370 -3.82 40.27 35.00
C ASP A 370 -2.60 41.09 35.39
N PRO A 371 -1.53 41.07 34.59
CA PRO A 371 -0.42 41.98 34.86
C PRO A 371 -0.81 43.44 34.76
N LEU A 372 -1.78 43.76 33.90
CA LEU A 372 -2.26 45.12 33.70
C LEU A 372 -3.74 45.17 34.03
N GLN A 373 -4.12 46.10 34.90
CA GLN A 373 -5.50 46.31 35.31
C GLN A 373 -5.58 47.63 36.05
N GLN A 374 -6.67 48.36 35.82
CA GLN A 374 -6.89 49.64 36.49
C GLN A 374 -7.14 49.38 37.96
N THR A 375 -6.42 50.11 38.82
CA THR A 375 -6.50 49.91 40.26
C THR A 375 -6.86 51.22 40.93
N GLY A 376 -7.76 51.14 41.91
CA GLY A 376 -8.28 52.27 42.65
C GLY A 376 -7.35 52.85 43.69
N GLN A 377 -6.16 52.27 43.89
CA GLN A 377 -5.24 52.71 44.92
C GLN A 377 -3.98 53.27 44.28
N LEU A 378 -3.34 54.19 44.99
CA LEU A 378 -2.12 54.84 44.50
C LEU A 378 -0.98 53.82 44.42
N PHE A 379 -0.23 53.86 43.32
CA PHE A 379 0.94 53.02 43.09
C PHE A 379 0.64 51.52 43.20
N GLY A 380 -0.57 51.12 42.82
CA GLY A 380 -0.93 49.71 42.92
C GLY A 380 -0.13 48.83 41.98
N GLY A 381 0.11 49.31 40.75
CA GLY A 381 0.84 48.52 39.78
C GLY A 381 2.25 48.21 40.24
N LEU A 382 2.91 49.17 40.90
CA LEU A 382 4.28 48.97 41.36
C LEU A 382 4.38 47.82 42.35
N VAL A 383 3.55 47.85 43.40
CA VAL A 383 3.60 46.80 44.42
C VAL A 383 3.11 45.48 43.84
N ARG A 384 2.13 45.53 42.92
CA ARG A 384 1.67 44.31 42.25
C ARG A 384 2.80 43.64 41.50
N ASP A 385 3.55 44.42 40.71
CA ASP A 385 4.67 43.86 39.97
C ASP A 385 5.77 43.38 40.89
N ILE A 386 6.04 44.11 41.97
CA ILE A 386 7.09 43.71 42.91
C ILE A 386 6.75 42.35 43.52
N ARG A 387 5.54 42.22 44.05
CA ARG A 387 5.15 40.96 44.69
C ARG A 387 5.01 39.83 43.68
N ARG A 388 4.67 40.15 42.43
CA ARG A 388 4.52 39.12 41.42
C ARG A 388 5.89 38.63 40.93
N ARG A 389 6.89 39.50 40.92
CA ARG A 389 8.16 39.18 40.27
C ARG A 389 9.24 38.71 41.25
N TYR A 390 9.43 39.45 42.35
CA TYR A 390 10.55 39.17 43.24
C TYR A 390 10.63 37.75 43.80
N PRO A 391 9.53 37.05 44.11
CA PRO A 391 9.66 35.65 44.60
C PRO A 391 10.36 34.69 43.64
N TYR A 392 10.70 35.10 42.41
CA TYR A 392 11.39 34.23 41.46
C TYR A 392 12.89 34.53 41.39
N TYR A 393 13.44 35.23 42.39
CA TYR A 393 14.81 35.70 42.30
C TYR A 393 15.82 34.55 42.37
N LEU A 394 15.59 33.60 43.27
CA LEU A 394 16.51 32.46 43.39
C LEU A 394 16.49 31.61 42.13
N SER A 395 15.30 31.36 41.57
CA SER A 395 15.21 30.61 40.33
C SER A 395 15.89 31.34 39.17
N ASP A 396 15.70 32.66 39.10
CA ASP A 396 16.36 33.44 38.05
C ASP A 396 17.87 33.40 38.18
N ILE A 397 18.39 33.47 39.40
CA ILE A 397 19.82 33.36 39.61
C ILE A 397 20.33 31.98 39.22
N THR A 398 19.60 30.93 39.60
CA THR A 398 20.07 29.57 39.40
C THR A 398 20.01 29.14 37.93
N ASP A 399 19.00 29.60 37.18
CA ASP A 399 18.72 29.12 35.83
C ASP A 399 19.82 29.44 34.81
N ALA A 400 20.92 30.09 35.21
CA ALA A 400 21.95 30.50 34.28
C ALA A 400 23.19 29.60 34.30
N PHE A 401 23.03 28.30 34.48
CA PHE A 401 24.17 27.39 34.54
C PHE A 401 24.41 26.66 33.22
N SER A 402 23.71 27.03 32.15
CA SER A 402 23.92 26.41 30.86
C SER A 402 24.93 27.21 30.02
N PRO A 403 25.72 26.53 29.19
CA PRO A 403 26.65 27.24 28.30
C PRO A 403 25.95 28.10 27.25
N GLN A 404 24.68 27.82 26.96
CA GLN A 404 23.93 28.67 26.03
C GLN A 404 23.85 30.10 26.52
N VAL A 405 23.75 30.29 27.85
CA VAL A 405 23.77 31.63 28.42
C VAL A 405 25.10 32.31 28.13
N LEU A 406 26.21 31.58 28.27
CA LEU A 406 27.53 32.14 27.97
C LEU A 406 27.65 32.53 26.51
N ALA A 407 27.17 31.67 25.60
CA ALA A 407 27.21 31.99 24.18
C ALA A 407 26.37 33.23 23.87
N ALA A 408 25.19 33.31 24.47
CA ALA A 408 24.34 34.49 24.28
C ALA A 408 25.02 35.75 24.81
N VAL A 409 25.69 35.65 25.95
CA VAL A 409 26.41 36.79 26.50
C VAL A 409 27.50 37.24 25.54
N ILE A 410 28.26 36.29 24.98
CA ILE A 410 29.31 36.62 24.04
C ILE A 410 28.74 37.30 22.80
N PHE A 411 27.61 36.80 22.30
CA PHE A 411 26.95 37.39 21.13
C PHE A 411 26.50 38.83 21.42
N ILE A 412 25.76 39.01 22.51
CA ILE A 412 25.23 40.32 22.85
C ILE A 412 26.34 41.31 23.19
N TYR A 413 27.50 40.84 23.63
CA TYR A 413 28.61 41.75 23.89
C TYR A 413 29.01 42.53 22.64
N PHE A 414 29.28 41.82 21.55
CA PHE A 414 29.59 42.50 20.29
C PHE A 414 28.40 43.28 19.77
N ALA A 415 27.21 42.65 19.84
CA ALA A 415 25.99 43.27 19.31
C ALA A 415 25.67 44.58 20.01
N ALA A 416 26.12 44.75 21.25
CA ALA A 416 25.90 45.98 21.99
C ALA A 416 27.09 46.94 21.94
N LEU A 417 28.31 46.44 21.78
CA LEU A 417 29.44 47.36 21.74
C LEU A 417 29.50 48.11 20.43
N SER A 418 29.25 47.42 19.31
CA SER A 418 29.46 48.07 18.01
C SER A 418 28.55 49.28 17.79
N PRO A 419 27.22 49.20 17.98
CA PRO A 419 26.41 50.43 17.86
C PRO A 419 26.80 51.48 18.88
N ALA A 420 27.23 51.07 20.08
CA ALA A 420 27.67 52.02 21.08
C ALA A 420 28.88 52.81 20.59
N ILE A 421 29.86 52.10 20.01
CA ILE A 421 31.05 52.77 19.49
C ILE A 421 30.68 53.70 18.34
N THR A 422 29.84 53.21 17.42
CA THR A 422 29.45 54.01 16.27
C THR A 422 28.74 55.29 16.69
N PHE A 423 27.75 55.16 17.57
CA PHE A 423 27.00 56.32 18.04
C PHE A 423 27.88 57.26 18.86
N GLY A 424 28.80 56.70 19.67
CA GLY A 424 29.70 57.55 20.43
C GLY A 424 30.58 58.38 19.52
N GLY A 425 31.13 57.77 18.48
CA GLY A 425 31.92 58.53 17.53
C GLY A 425 31.10 59.59 16.83
N LEU A 426 29.90 59.23 16.37
CA LEU A 426 29.06 60.19 15.65
C LEU A 426 28.71 61.39 16.52
N LEU A 427 28.29 61.13 17.75
CA LEU A 427 28.02 62.25 18.68
C LEU A 427 29.29 63.02 18.98
N GLY A 428 30.45 62.36 18.98
CA GLY A 428 31.69 63.09 19.18
C GLY A 428 31.96 64.11 18.08
N GLU A 429 31.75 63.73 16.82
CA GLU A 429 31.92 64.75 15.78
C GLU A 429 30.71 65.66 15.62
N LYS A 430 29.58 65.36 16.28
CA LYS A 430 28.42 66.22 16.09
C LYS A 430 28.36 67.40 17.05
N THR A 431 28.68 67.19 18.34
CA THR A 431 28.57 68.24 19.34
C THR A 431 29.92 68.79 19.78
N ARG A 432 30.92 68.73 18.89
CA ARG A 432 32.28 69.21 19.19
C ARG A 432 32.85 68.54 20.44
N ASN A 433 32.61 67.23 20.55
CA ASN A 433 33.16 66.39 21.62
C ASN A 433 32.67 66.79 23.00
N GLN A 434 31.55 67.52 23.07
CA GLN A 434 30.90 67.72 24.36
C GLN A 434 30.36 66.41 24.90
N MET A 435 29.97 65.51 23.99
CA MET A 435 29.50 64.19 24.35
C MET A 435 30.33 63.18 23.56
N GLY A 436 30.92 62.22 24.27
CA GLY A 436 31.89 61.33 23.66
C GLY A 436 31.51 59.87 23.84
N VAL A 437 32.54 59.03 23.87
CA VAL A 437 32.33 57.58 23.90
C VAL A 437 32.40 57.04 25.32
N SER A 438 33.40 57.50 26.08
CA SER A 438 33.62 56.97 27.42
C SER A 438 32.42 57.24 28.34
N GLU A 439 31.87 58.45 28.26
CA GLU A 439 30.72 58.80 29.09
C GLU A 439 29.54 57.89 28.80
N LEU A 440 29.21 57.72 27.53
CA LEU A 440 28.03 56.91 27.19
C LEU A 440 28.26 55.44 27.49
N LEU A 441 29.48 54.92 27.30
CA LEU A 441 29.72 53.53 27.64
C LEU A 441 29.60 53.29 29.14
N ILE A 442 30.13 54.22 29.94
CA ILE A 442 29.99 54.11 31.39
C ILE A 442 28.53 54.19 31.80
N SER A 443 27.78 55.11 31.19
CA SER A 443 26.35 55.21 31.46
C SER A 443 25.62 53.94 31.07
N THR A 444 25.97 53.36 29.91
CA THR A 444 25.36 52.12 29.46
C THR A 444 25.60 51.01 30.47
N ALA A 445 26.84 50.90 30.96
CA ALA A 445 27.14 49.90 31.97
C ALA A 445 26.32 50.12 33.23
N VAL A 446 26.20 51.37 33.67
CA VAL A 446 25.48 51.66 34.90
C VAL A 446 24.00 51.35 34.78
N GLN A 447 23.36 51.83 33.71
CA GLN A 447 21.93 51.59 33.53
C GLN A 447 21.64 50.16 33.10
N GLY A 448 22.64 49.39 32.70
CA GLY A 448 22.44 47.99 32.46
C GLY A 448 22.53 47.18 33.73
N ILE A 449 23.54 47.46 34.56
CA ILE A 449 23.72 46.72 35.80
C ILE A 449 22.55 47.01 36.76
N LEU A 450 22.14 48.28 36.86
CA LEU A 450 21.05 48.62 37.76
C LEU A 450 19.74 47.98 37.31
N PHE A 451 19.47 48.00 36.00
CA PHE A 451 18.26 47.38 35.48
C PHE A 451 18.31 45.86 35.61
N ALA A 452 19.50 45.27 35.56
CA ALA A 452 19.60 43.82 35.71
C ALA A 452 19.40 43.41 37.17
N LEU A 453 19.89 44.19 38.12
CA LEU A 453 19.70 43.85 39.53
C LEU A 453 18.30 44.16 40.01
N LEU A 454 17.68 45.24 39.53
CA LEU A 454 16.41 45.69 40.10
C LEU A 454 15.25 45.58 39.11
N GLY A 455 15.44 44.91 37.98
CA GLY A 455 14.38 44.82 36.99
C GLY A 455 13.46 43.63 37.20
N ALA A 456 12.31 43.71 36.53
CA ALA A 456 11.33 42.62 36.56
C ALA A 456 11.49 41.69 35.37
N GLN A 457 11.82 42.22 34.20
CA GLN A 457 12.04 41.42 33.00
C GLN A 457 13.50 41.59 32.59
N PRO A 458 14.36 40.64 32.93
CA PRO A 458 15.79 40.80 32.65
C PRO A 458 16.19 40.47 31.22
N LEU A 459 15.21 40.33 30.33
CA LEU A 459 15.48 40.02 28.93
C LEU A 459 15.58 41.27 28.06
N LEU A 460 15.37 42.46 28.63
CA LEU A 460 15.51 43.69 27.87
C LEU A 460 16.95 44.18 27.87
N VAL A 461 17.36 44.80 26.77
CA VAL A 461 18.69 45.38 26.62
C VAL A 461 18.51 46.84 26.26
N VAL A 462 19.10 47.73 27.06
CA VAL A 462 18.99 49.17 26.88
C VAL A 462 20.14 49.66 26.02
N GLY A 463 19.93 50.76 25.32
CA GLY A 463 20.97 51.34 24.49
C GLY A 463 20.46 52.56 23.75
N PHE A 464 21.41 53.29 23.16
CA PHE A 464 21.07 54.52 22.44
C PHE A 464 20.35 54.20 21.14
N SER A 465 19.56 55.15 20.67
CA SER A 465 18.74 54.97 19.46
C SER A 465 18.95 56.14 18.50
N GLY A 466 18.17 56.12 17.42
CA GLY A 466 18.24 57.12 16.37
C GLY A 466 17.46 58.39 16.66
N PRO A 467 16.18 58.26 17.05
CA PRO A 467 15.42 59.45 17.45
C PRO A 467 16.08 60.24 18.56
N LEU A 468 16.75 59.56 19.49
CA LEU A 468 17.53 60.28 20.50
C LEU A 468 18.64 61.10 19.85
N LEU A 469 19.31 60.54 18.84
CA LEU A 469 20.37 61.26 18.15
C LEU A 469 19.84 62.49 17.44
N VAL A 470 18.74 62.35 16.70
CA VAL A 470 18.20 63.51 15.98
C VAL A 470 17.68 64.55 16.97
N PHE A 471 17.11 64.12 18.09
CA PHE A 471 16.68 65.06 19.11
C PHE A 471 17.86 65.83 19.68
N GLU A 472 18.97 65.15 19.97
CA GLU A 472 20.15 65.83 20.49
C GLU A 472 20.69 66.82 19.46
N GLU A 473 20.71 66.44 18.19
CA GLU A 473 21.16 67.35 17.14
C GLU A 473 20.28 68.59 17.08
N ALA A 474 18.96 68.40 17.11
CA ALA A 474 18.03 69.52 17.05
C ALA A 474 18.18 70.43 18.27
N PHE A 475 18.34 69.84 19.46
CA PHE A 475 18.51 70.62 20.67
C PHE A 475 19.80 71.42 20.62
N PHE A 476 20.89 70.81 20.15
CA PHE A 476 22.16 71.54 20.03
C PHE A 476 22.04 72.67 19.02
N SER A 477 21.36 72.42 17.90
CA SER A 477 21.18 73.48 16.90
C SER A 477 20.37 74.64 17.46
N PHE A 478 19.29 74.33 18.19
CA PHE A 478 18.48 75.40 18.77
C PHE A 478 19.27 76.18 19.82
N CYS A 479 20.06 75.48 20.64
CA CYS A 479 20.88 76.16 21.64
C CYS A 479 21.93 77.04 20.99
N GLU A 480 22.53 76.58 19.88
CA GLU A 480 23.47 77.40 19.13
C GLU A 480 22.77 78.63 18.56
N THR A 481 21.54 78.47 18.07
CA THR A 481 20.79 79.61 17.54
C THR A 481 20.52 80.63 18.65
N ASN A 482 20.07 80.16 19.81
CA ASN A 482 19.77 81.06 20.91
C ASN A 482 21.01 81.50 21.68
N GLY A 483 22.14 80.81 21.50
CA GLY A 483 23.36 81.17 22.19
C GLY A 483 23.51 80.58 23.57
N LEU A 484 22.77 79.54 23.90
CA LEU A 484 22.77 78.95 25.23
C LEU A 484 23.67 77.71 25.26
N GLU A 485 24.03 77.30 26.48
CA GLU A 485 24.86 76.12 26.67
C GLU A 485 24.07 74.85 26.32
N TYR A 486 24.80 73.74 26.25
CA TYR A 486 24.22 72.45 25.88
C TYR A 486 24.15 71.50 27.05
N ILE A 487 25.23 71.34 27.82
CA ILE A 487 25.25 70.36 28.90
C ILE A 487 24.50 70.84 30.13
N VAL A 488 24.12 72.13 30.17
CA VAL A 488 23.48 72.65 31.37
C VAL A 488 21.97 72.49 31.29
N GLY A 489 21.37 72.78 30.14
CA GLY A 489 19.93 72.64 29.99
C GLY A 489 19.45 71.21 30.13
N ARG A 490 20.31 70.24 29.81
CA ARG A 490 19.94 68.84 29.93
C ARG A 490 19.66 68.45 31.39
N VAL A 491 20.28 69.14 32.34
CA VAL A 491 20.00 68.89 33.75
C VAL A 491 18.54 69.22 34.08
N TRP A 492 18.08 70.39 33.63
CA TRP A 492 16.69 70.75 33.87
C TRP A 492 15.74 69.89 33.04
N ILE A 493 16.17 69.46 31.86
CA ILE A 493 15.39 68.49 31.08
C ILE A 493 15.18 67.22 31.89
N GLY A 494 16.26 66.73 32.51
CA GLY A 494 16.14 65.54 33.35
C GLY A 494 15.26 65.76 34.57
N PHE A 495 15.35 66.94 35.18
CA PHE A 495 14.48 67.25 36.31
C PHE A 495 13.01 67.21 35.91
N TRP A 496 12.69 67.83 34.77
CA TRP A 496 11.31 67.80 34.30
C TRP A 496 10.86 66.40 33.94
N LEU A 497 11.77 65.59 33.38
CA LEU A 497 11.45 64.19 33.12
C LEU A 497 11.16 63.43 34.41
N ILE A 498 11.93 63.72 35.46
CA ILE A 498 11.68 63.09 36.76
C ILE A 498 10.29 63.45 37.26
N LEU A 499 9.94 64.74 37.19
CA LEU A 499 8.62 65.16 37.65
C LEU A 499 7.52 64.48 36.84
N LEU A 500 7.69 64.43 35.51
CA LEU A 500 6.67 63.81 34.66
C LEU A 500 6.54 62.32 34.94
N VAL A 501 7.66 61.62 35.10
CA VAL A 501 7.57 60.18 35.33
C VAL A 501 6.96 59.88 36.69
N VAL A 502 7.27 60.68 37.70
CA VAL A 502 6.62 60.50 39.01
C VAL A 502 5.12 60.74 38.90
N LEU A 503 4.72 61.79 38.18
CA LEU A 503 3.30 62.06 38.01
C LEU A 503 2.59 60.93 37.27
N VAL A 504 3.22 60.39 36.23
CA VAL A 504 2.59 59.34 35.44
C VAL A 504 2.49 58.04 36.24
N VAL A 505 3.56 57.65 36.93
CA VAL A 505 3.50 56.41 37.70
C VAL A 505 2.53 56.57 38.87
N ALA A 506 2.39 57.79 39.41
CA ALA A 506 1.43 58.01 40.49
C ALA A 506 0.00 57.73 40.05
N PHE A 507 -0.32 58.01 38.78
CA PHE A 507 -1.65 57.75 38.26
C PHE A 507 -1.70 56.51 37.38
N GLU A 508 -0.62 55.72 37.36
CA GLU A 508 -0.50 54.42 36.67
C GLU A 508 -1.14 54.41 35.29
N GLY A 509 -0.98 55.51 34.54
CA GLY A 509 -1.65 55.70 33.27
C GLY A 509 -1.10 54.91 32.11
N SER A 510 -0.46 53.77 32.39
CA SER A 510 0.08 52.92 31.34
C SER A 510 -0.96 51.98 30.75
N PHE A 511 -2.18 51.95 31.29
CA PHE A 511 -3.22 51.04 30.80
C PHE A 511 -3.58 51.30 29.35
N LEU A 512 -3.21 52.47 28.82
CA LEU A 512 -3.43 52.77 27.41
C LEU A 512 -2.74 51.76 26.50
N VAL A 513 -1.73 51.04 27.00
CA VAL A 513 -1.06 50.00 26.22
C VAL A 513 -2.05 48.94 25.77
N ARG A 514 -3.17 48.77 26.51
CA ARG A 514 -4.17 47.78 26.09
C ARG A 514 -4.81 48.16 24.75
N PHE A 515 -4.83 49.44 24.40
CA PHE A 515 -5.45 49.86 23.15
C PHE A 515 -4.63 49.50 21.91
N ILE A 516 -3.36 49.15 22.08
CA ILE A 516 -2.49 48.80 20.97
C ILE A 516 -2.66 47.33 20.63
N SER A 517 -3.15 47.06 19.41
CA SER A 517 -3.35 45.70 18.93
C SER A 517 -2.11 45.24 18.16
N ARG A 518 -2.24 44.11 17.45
CA ARG A 518 -1.11 43.53 16.72
C ARG A 518 -0.67 44.38 15.54
N TYR A 519 -1.60 45.15 14.95
CA TYR A 519 -1.35 45.91 13.74
C TYR A 519 -0.11 46.80 13.85
N THR A 520 -0.14 47.76 14.77
CA THR A 520 0.96 48.72 14.89
C THR A 520 2.24 48.04 15.35
N GLN A 521 2.13 46.99 16.16
CA GLN A 521 3.30 46.26 16.61
C GLN A 521 4.04 45.63 15.43
N GLU A 522 3.30 44.94 14.55
CA GLU A 522 3.92 44.35 13.38
C GLU A 522 4.52 45.43 12.48
N ILE A 523 3.80 46.53 12.30
CA ILE A 523 4.31 47.63 11.47
C ILE A 523 5.64 48.14 12.02
N PHE A 524 5.68 48.40 13.33
CA PHE A 524 6.88 48.94 13.96
C PHE A 524 8.05 47.97 13.83
N SER A 525 7.80 46.69 14.08
CA SER A 525 8.88 45.71 14.00
C SER A 525 9.44 45.62 12.59
N PHE A 526 8.56 45.58 11.58
CA PHE A 526 9.02 45.47 10.20
C PHE A 526 9.81 46.70 9.78
N LEU A 527 9.32 47.89 10.12
CA LEU A 527 10.05 49.10 9.71
C LEU A 527 11.40 49.19 10.40
N ILE A 528 11.47 48.78 11.67
CA ILE A 528 12.74 48.83 12.39
C ILE A 528 13.74 47.87 11.76
N SER A 529 13.30 46.65 11.45
CA SER A 529 14.20 45.68 10.82
C SER A 529 14.67 46.17 9.45
N LEU A 530 13.75 46.76 8.67
CA LEU A 530 14.13 47.26 7.36
C LEU A 530 15.15 48.39 7.46
N ILE A 531 14.96 49.30 8.42
CA ILE A 531 15.92 50.38 8.62
C ILE A 531 17.27 49.83 9.04
N PHE A 532 17.28 48.80 9.90
CA PHE A 532 18.52 48.18 10.31
C PHE A 532 19.29 47.61 9.11
N ILE A 533 18.59 46.86 8.27
CA ILE A 533 19.22 46.25 7.10
C ILE A 533 19.74 47.34 6.15
N TYR A 534 18.96 48.38 5.94
CA TYR A 534 19.39 49.46 5.05
C TYR A 534 20.63 50.16 5.61
N GLU A 535 20.69 50.37 6.92
CA GLU A 535 21.88 50.98 7.51
C GLU A 535 23.12 50.12 7.32
N THR A 536 22.97 48.80 7.48
CA THR A 536 24.11 47.91 7.25
C THR A 536 24.60 48.02 5.80
N PHE A 537 23.67 47.97 4.85
CA PHE A 537 24.06 48.09 3.45
C PHE A 537 24.64 49.47 3.14
N SER A 538 24.14 50.52 3.79
CA SER A 538 24.70 51.85 3.60
C SER A 538 26.14 51.93 4.09
N LYS A 539 26.44 51.31 5.23
CA LYS A 539 27.84 51.27 5.70
C LYS A 539 28.72 50.51 4.71
N LEU A 540 28.24 49.38 4.20
CA LEU A 540 29.06 48.62 3.24
C LEU A 540 29.30 49.42 1.95
N ILE A 541 28.26 50.09 1.43
CA ILE A 541 28.44 50.91 0.23
C ILE A 541 29.38 52.07 0.52
N LYS A 542 29.32 52.63 1.73
CA LYS A 542 30.30 53.64 2.13
C LYS A 542 31.72 53.08 2.10
N ILE A 543 31.88 51.82 2.53
CA ILE A 543 33.20 51.18 2.49
C ILE A 543 33.72 51.10 1.06
N PHE A 544 32.86 50.74 0.10
CA PHE A 544 33.31 50.85 -1.29
C PHE A 544 33.61 52.29 -1.70
N GLN A 545 32.77 53.25 -1.34
CA GLN A 545 32.96 54.61 -1.83
C GLN A 545 34.24 55.23 -1.28
N ASP A 546 34.71 54.78 -0.13
CA ASP A 546 35.96 55.31 0.42
C ASP A 546 37.18 54.93 -0.41
N HIS A 547 37.21 53.72 -0.97
CA HIS A 547 38.32 53.23 -1.78
C HIS A 547 37.79 52.66 -3.09
N PRO A 548 37.57 53.51 -4.10
CA PRO A 548 37.04 53.02 -5.38
C PRO A 548 38.01 52.12 -6.14
N LEU A 549 37.57 51.61 -7.29
CA LEU A 549 38.38 50.70 -8.11
C LEU A 549 39.07 51.51 -9.21
N GLN A 550 40.37 51.70 -9.06
CA GLN A 550 41.18 52.48 -9.99
C GLN A 550 42.25 51.60 -10.62
N LYS A 551 43.05 52.20 -11.49
CA LYS A 551 44.17 51.49 -12.09
C LYS A 551 45.49 51.75 -11.38
N THR A 552 45.65 52.92 -10.77
CA THR A 552 46.91 53.28 -10.13
C THR A 552 46.63 53.77 -8.70
N TYR A 553 47.50 53.37 -7.78
CA TYR A 553 47.40 53.77 -6.39
C TYR A 553 48.76 54.22 -5.88
N ASN A 554 48.77 55.36 -5.19
CA ASN A 554 49.98 55.87 -4.55
C ASN A 554 50.26 55.09 -3.27
N TYR A 555 51.52 54.70 -3.09
CA TYR A 555 51.94 53.99 -1.90
C TYR A 555 52.57 54.89 -0.85
N ASN A 556 52.81 56.16 -1.17
CA ASN A 556 53.40 57.10 -0.21
C ASN A 556 52.30 57.94 0.44
N VAL A 557 51.45 57.28 1.20
CA VAL A 557 50.33 57.91 1.89
C VAL A 557 50.41 57.57 3.37
N LEU A 558 50.06 58.55 4.21
CA LEU A 558 50.09 58.39 5.66
C LEU A 558 48.71 57.96 6.13
N MET A 559 48.66 56.90 6.95
CA MET A 559 47.40 56.28 7.36
C MET A 559 47.19 56.31 8.87
N VAL A 560 48.02 57.06 9.60
CA VAL A 560 47.96 57.05 11.07
C VAL A 560 46.61 57.54 11.59
N PRO A 561 46.08 58.71 11.19
CA PRO A 561 44.69 58.99 11.57
C PRO A 561 43.68 58.23 10.73
N LYS A 562 43.91 58.15 9.43
CA LYS A 562 43.08 57.48 8.45
C LYS A 562 43.84 57.44 7.12
N PRO A 563 43.72 56.37 6.35
CA PRO A 563 44.43 56.30 5.06
C PRO A 563 43.91 57.35 4.09
N GLN A 564 44.80 58.25 3.67
CA GLN A 564 44.49 59.23 2.64
C GLN A 564 44.65 58.57 1.28
N GLY A 565 43.61 58.67 0.45
CA GLY A 565 43.62 58.07 -0.86
C GLY A 565 43.22 56.61 -0.82
N PRO A 566 42.89 56.06 -1.98
CA PRO A 566 42.43 54.66 -2.03
C PRO A 566 43.55 53.68 -1.77
N LEU A 567 43.15 52.44 -1.48
CA LEU A 567 44.04 51.32 -1.26
C LEU A 567 43.62 50.16 -2.15
N PRO A 568 44.56 49.29 -2.56
CA PRO A 568 44.26 48.29 -3.58
C PRO A 568 43.19 47.26 -3.21
N ASN A 569 43.38 46.53 -2.10
CA ASN A 569 42.59 45.33 -1.84
C ASN A 569 41.79 45.41 -0.55
N THR A 570 41.21 46.56 -0.23
CA THR A 570 40.50 46.68 1.04
C THR A 570 39.03 46.31 0.92
N ALA A 571 38.32 46.95 -0.03
CA ALA A 571 36.87 46.77 -0.12
C ALA A 571 36.50 45.34 -0.48
N LEU A 572 37.22 44.74 -1.43
CA LEU A 572 36.95 43.35 -1.81
C LEU A 572 37.21 42.40 -0.67
N LEU A 573 38.28 42.61 0.09
CA LEU A 573 38.55 41.77 1.26
C LEU A 573 37.45 41.91 2.30
N SER A 574 36.97 43.13 2.53
CA SER A 574 35.89 43.35 3.49
C SER A 574 34.62 42.63 3.05
N LEU A 575 34.28 42.72 1.77
CA LEU A 575 33.09 42.04 1.25
C LEU A 575 33.23 40.53 1.38
N VAL A 576 34.41 40.00 1.07
CA VAL A 576 34.66 38.57 1.19
C VAL A 576 34.51 38.12 2.64
N LEU A 577 35.06 38.91 3.57
CA LEU A 577 34.95 38.56 4.98
C LEU A 577 33.49 38.56 5.45
N MET A 578 32.72 39.57 5.04
CA MET A 578 31.31 39.61 5.41
C MET A 578 30.56 38.42 4.85
N ALA A 579 30.82 38.07 3.58
CA ALA A 579 30.16 36.92 2.97
C ALA A 579 30.52 35.63 3.71
N GLY A 580 31.79 35.49 4.09
CA GLY A 580 32.20 34.31 4.83
C GLY A 580 31.52 34.21 6.18
N THR A 581 31.44 35.34 6.90
CA THR A 581 30.76 35.34 8.20
C THR A 581 29.30 34.93 8.06
N PHE A 582 28.58 35.55 7.12
CA PHE A 582 27.16 35.25 6.96
C PHE A 582 26.95 33.80 6.53
N PHE A 583 27.76 33.32 5.58
CA PHE A 583 27.61 31.96 5.09
C PHE A 583 27.88 30.94 6.20
N PHE A 584 28.94 31.15 6.99
CA PHE A 584 29.24 30.23 8.07
C PHE A 584 28.15 30.25 9.13
N ALA A 585 27.64 31.43 9.46
CA ALA A 585 26.55 31.51 10.44
C ALA A 585 25.32 30.76 9.96
N MET A 586 24.95 30.94 8.69
CA MET A 586 23.78 30.26 8.15
C MET A 586 23.99 28.74 8.13
N MET A 587 25.18 28.29 7.75
CA MET A 587 25.45 26.85 7.73
C MET A 587 25.39 26.26 9.12
N LEU A 588 25.95 26.95 10.12
CA LEU A 588 25.88 26.44 11.48
C LEU A 588 24.45 26.44 12.00
N ARG A 589 23.68 27.47 11.67
CA ARG A 589 22.28 27.50 12.08
C ARG A 589 21.49 26.34 11.49
N LYS A 590 21.69 26.06 10.20
CA LYS A 590 21.02 24.92 9.59
C LYS A 590 21.50 23.60 10.16
N PHE A 591 22.81 23.46 10.41
CA PHE A 591 23.35 22.22 10.95
C PHE A 591 22.88 21.97 12.37
N LYS A 592 22.49 23.03 13.09
CA LYS A 592 21.98 22.86 14.45
C LYS A 592 20.75 21.98 14.48
N ASN A 593 19.86 22.13 13.50
CA ASN A 593 18.64 21.33 13.42
C ASN A 593 18.82 20.04 12.65
N SER A 594 20.05 19.72 12.24
CA SER A 594 20.30 18.53 11.43
C SER A 594 20.35 17.29 12.33
N SER A 595 20.79 16.17 11.76
CA SER A 595 20.89 14.90 12.46
C SER A 595 22.23 14.23 12.15
N TYR A 596 23.30 15.00 12.26
CA TYR A 596 24.61 14.56 11.78
C TYR A 596 25.55 14.09 12.90
N PHE A 597 25.11 14.12 14.14
CA PHE A 597 26.01 13.79 15.25
C PHE A 597 25.22 13.34 16.48
N PRO A 598 25.88 12.81 17.52
CA PRO A 598 25.18 12.59 18.79
C PRO A 598 24.58 13.88 19.32
N GLY A 599 23.41 13.74 19.96
CA GLY A 599 22.59 14.90 20.27
C GLY A 599 23.28 15.93 21.15
N LYS A 600 23.95 15.47 22.20
CA LYS A 600 24.62 16.40 23.11
C LYS A 600 25.73 17.16 22.39
N LEU A 601 26.61 16.42 21.70
CA LEU A 601 27.72 17.05 21.00
C LEU A 601 27.22 17.94 19.86
N ARG A 602 26.21 17.49 19.11
CA ARG A 602 25.67 18.29 18.03
C ARG A 602 25.07 19.60 18.55
N ARG A 603 24.30 19.52 19.64
CA ARG A 603 23.69 20.72 20.18
C ARG A 603 24.73 21.66 20.76
N VAL A 604 25.77 21.11 21.41
CA VAL A 604 26.83 21.96 21.95
C VAL A 604 27.59 22.66 20.82
N ILE A 605 27.90 21.93 19.75
CA ILE A 605 28.63 22.53 18.63
C ILE A 605 27.79 23.60 17.94
N GLY A 606 26.52 23.31 17.69
CA GLY A 606 25.66 24.30 17.04
C GLY A 606 25.32 25.47 17.94
N ASP A 607 25.47 25.29 19.26
CA ASP A 607 25.18 26.37 20.19
C ASP A 607 26.18 27.51 20.11
N PHE A 608 27.40 27.26 19.64
CA PHE A 608 28.45 28.26 19.58
C PHE A 608 28.78 28.70 18.15
N GLY A 609 27.76 28.77 17.28
CA GLY A 609 28.03 29.03 15.88
C GLY A 609 28.66 30.39 15.62
N VAL A 610 28.10 31.43 16.22
CA VAL A 610 28.57 32.81 16.01
C VAL A 610 29.99 33.00 16.51
N PRO A 611 30.36 32.60 17.74
CA PRO A 611 31.77 32.70 18.13
C PRO A 611 32.70 31.86 17.27
N ILE A 612 32.24 30.69 16.81
CA ILE A 612 33.07 29.86 15.94
C ILE A 612 33.37 30.57 14.63
N SER A 613 32.34 31.15 14.01
CA SER A 613 32.55 31.88 12.77
C SER A 613 33.46 33.09 12.98
N ILE A 614 33.24 33.82 14.09
CA ILE A 614 34.08 34.98 14.37
C ILE A 614 35.54 34.57 14.55
N LEU A 615 35.77 33.50 15.31
CA LEU A 615 37.14 33.03 15.54
C LEU A 615 37.80 32.58 14.24
N ILE A 616 37.05 31.85 13.40
CA ILE A 616 37.61 31.39 12.12
C ILE A 616 38.00 32.58 11.25
N MET A 617 37.12 33.58 11.17
CA MET A 617 37.42 34.74 10.34
C MET A 617 38.56 35.58 10.89
N VAL A 618 38.67 35.73 12.22
CA VAL A 618 39.80 36.49 12.76
C VAL A 618 41.10 35.74 12.52
N LEU A 619 41.09 34.41 12.62
CA LEU A 619 42.30 33.67 12.27
C LEU A 619 42.65 33.87 10.80
N VAL A 620 41.65 33.82 9.93
CA VAL A 620 41.89 33.90 8.49
C VAL A 620 42.48 35.26 8.10
N ASP A 621 41.86 36.35 8.56
CA ASP A 621 42.39 37.66 8.18
C ASP A 621 43.65 38.02 8.95
N PHE A 622 43.81 37.50 10.18
CA PHE A 622 45.06 37.71 10.91
C PHE A 622 46.22 37.04 10.20
N PHE A 623 45.96 35.92 9.51
CA PHE A 623 47.01 35.31 8.72
C PHE A 623 47.46 36.22 7.57
N ILE A 624 46.54 37.01 7.02
CA ILE A 624 46.88 37.98 5.98
C ILE A 624 47.69 39.11 6.62
N GLN A 625 48.75 39.55 5.94
CA GLN A 625 49.71 40.47 6.52
C GLN A 625 49.66 41.87 5.93
N ASP A 626 49.81 42.00 4.61
CA ASP A 626 50.03 43.30 4.00
C ASP A 626 48.77 44.12 3.81
N THR A 627 47.63 43.47 3.59
CA THR A 627 46.40 44.20 3.29
C THR A 627 45.83 44.84 4.55
N TYR A 628 45.27 46.04 4.37
CA TYR A 628 44.70 46.81 5.48
C TYR A 628 43.18 46.70 5.48
N THR A 629 42.61 46.47 6.67
CA THR A 629 41.18 46.49 6.89
C THR A 629 40.89 47.33 8.11
N GLN A 630 39.74 48.03 8.08
CA GLN A 630 39.37 48.90 9.19
C GLN A 630 39.09 48.06 10.43
N LYS A 631 39.56 48.56 11.57
CA LYS A 631 39.48 47.84 12.83
C LYS A 631 38.70 48.65 13.86
N LEU A 632 38.33 47.97 14.94
CA LEU A 632 37.59 48.61 16.03
C LEU A 632 38.50 49.52 16.84
N SER A 633 37.95 50.64 17.29
CA SER A 633 38.70 51.62 18.07
C SER A 633 37.91 52.00 19.31
N VAL A 634 38.59 52.13 20.43
CA VAL A 634 38.00 52.55 21.70
C VAL A 634 38.91 53.66 22.25
N PRO A 635 38.35 54.59 23.03
CA PRO A 635 39.22 55.60 23.67
C PRO A 635 40.20 54.95 24.63
N ASP A 636 41.30 55.68 24.87
CA ASP A 636 42.46 55.12 25.57
C ASP A 636 42.20 54.88 27.05
N GLY A 637 41.52 55.79 27.73
CA GLY A 637 41.40 55.68 29.17
C GLY A 637 40.14 56.32 29.72
N PHE A 638 40.05 56.34 31.05
CA PHE A 638 38.87 56.86 31.73
C PHE A 638 38.90 58.38 31.80
N LYS A 639 38.90 59.03 30.63
CA LYS A 639 38.97 60.48 30.54
C LYS A 639 37.69 61.02 29.91
N VAL A 640 37.35 62.25 30.29
CA VAL A 640 36.22 62.93 29.69
C VAL A 640 36.51 63.27 28.23
N SER A 641 35.44 63.34 27.43
CA SER A 641 35.59 63.55 25.99
C SER A 641 36.27 64.88 25.68
N ASN A 642 35.87 65.94 26.38
CA ASN A 642 36.45 67.26 26.20
C ASN A 642 36.82 67.80 27.58
N SER A 643 38.09 67.71 27.94
CA SER A 643 38.56 68.23 29.21
C SER A 643 38.80 69.74 29.18
N SER A 644 38.71 70.36 28.00
CA SER A 644 38.98 71.78 27.89
C SER A 644 37.87 72.62 28.49
N ALA A 645 36.61 72.23 28.28
CA ALA A 645 35.47 73.01 28.73
C ALA A 645 34.46 72.20 29.53
N ARG A 646 34.84 71.04 30.06
CA ARG A 646 33.94 70.20 30.83
C ARG A 646 34.69 69.56 31.99
N GLY A 647 33.92 69.17 33.01
CA GLY A 647 34.47 68.49 34.17
C GLY A 647 33.60 67.31 34.55
N TRP A 648 34.08 66.56 35.56
CA TRP A 648 33.36 65.39 36.02
C TRP A 648 32.03 65.75 36.67
N VAL A 649 31.94 66.92 37.29
CA VAL A 649 30.72 67.38 37.95
C VAL A 649 30.27 68.68 37.29
N ILE A 650 28.99 68.75 36.97
CA ILE A 650 28.40 69.92 36.30
C ILE A 650 27.63 70.72 37.33
N HIS A 651 27.95 72.00 37.45
CA HIS A 651 27.22 72.87 38.36
C HIS A 651 25.88 73.25 37.75
N PRO A 652 24.75 72.91 38.37
CA PRO A 652 23.45 73.23 37.76
C PRO A 652 23.18 74.71 37.60
N LEU A 653 23.69 75.54 38.50
CA LEU A 653 23.41 76.98 38.43
C LEU A 653 24.02 77.60 37.19
N GLY A 654 25.26 77.23 36.86
CA GLY A 654 25.91 77.76 35.69
C GLY A 654 27.40 77.49 35.64
N LEU A 655 27.91 77.15 34.46
CA LEU A 655 29.33 76.88 34.30
C LEU A 655 30.10 78.13 33.89
N ARG A 656 29.73 78.73 32.77
CA ARG A 656 30.37 79.96 32.29
C ARG A 656 29.41 81.14 32.30
N SER A 657 28.14 80.93 32.01
CA SER A 657 27.13 81.97 32.05
C SER A 657 25.94 81.51 32.89
N GLU A 658 25.24 82.47 33.46
CA GLU A 658 24.08 82.16 34.30
C GLU A 658 22.96 81.57 33.45
N PHE A 659 22.16 80.72 34.09
CA PHE A 659 21.10 80.16 33.27
C PHE A 659 19.84 81.00 33.39
N PRO A 660 19.28 81.44 32.27
CA PRO A 660 18.13 82.35 32.32
C PRO A 660 16.90 81.68 32.90
N ILE A 661 16.04 82.52 33.49
CA ILE A 661 14.80 82.04 34.11
C ILE A 661 13.83 81.56 33.05
N TRP A 662 13.79 82.26 31.91
CA TRP A 662 12.96 81.86 30.78
C TRP A 662 13.34 80.47 30.30
N MET A 663 14.64 80.15 30.35
CA MET A 663 15.08 78.85 29.87
C MET A 663 14.61 77.71 30.77
N MET A 664 14.73 77.86 32.09
CA MET A 664 14.19 76.81 32.96
C MET A 664 12.66 76.74 32.87
N PHE A 665 11.98 77.88 32.71
CA PHE A 665 10.53 77.81 32.66
C PHE A 665 10.02 77.27 31.33
N ALA A 666 10.82 77.35 30.27
CA ALA A 666 10.44 76.82 28.97
C ALA A 666 11.09 75.47 28.66
N SER A 667 11.90 74.93 29.57
CA SER A 667 12.53 73.63 29.35
C SER A 667 11.54 72.47 29.45
N ALA A 668 10.29 72.74 29.82
CA ALA A 668 9.31 71.67 29.95
C ALA A 668 8.92 71.08 28.61
N LEU A 669 9.00 71.87 27.54
CA LEU A 669 8.53 71.42 26.23
C LEU A 669 9.31 70.22 25.67
N PRO A 670 10.66 70.22 25.62
CA PRO A 670 11.35 69.02 25.10
C PRO A 670 11.18 67.79 25.97
N ALA A 671 10.95 67.97 27.27
CA ALA A 671 10.75 66.82 28.16
C ALA A 671 9.51 66.03 27.74
N LEU A 672 8.47 66.71 27.28
CA LEU A 672 7.26 66.01 26.82
C LEU A 672 7.57 65.10 25.64
N LEU A 673 8.31 65.61 24.66
CA LEU A 673 8.66 64.80 23.50
C LEU A 673 9.54 63.62 23.89
N VAL A 674 10.53 63.87 24.76
CA VAL A 674 11.40 62.78 25.20
C VAL A 674 10.60 61.70 25.92
N PHE A 675 9.71 62.12 26.82
CA PHE A 675 8.90 61.18 27.56
C PHE A 675 7.99 60.39 26.63
N ILE A 676 7.37 61.06 25.66
CA ILE A 676 6.48 60.37 24.72
C ILE A 676 7.25 59.32 23.93
N LEU A 677 8.43 59.69 23.42
CA LEU A 677 9.24 58.75 22.65
C LEU A 677 9.63 57.54 23.49
N ILE A 678 10.18 57.79 24.68
CA ILE A 678 10.65 56.70 25.54
C ILE A 678 9.48 55.81 25.94
N PHE A 679 8.35 56.43 26.29
CA PHE A 679 7.16 55.70 26.70
C PHE A 679 6.69 54.75 25.60
N LEU A 680 6.51 55.30 24.39
CA LEU A 680 5.98 54.48 23.30
C LEU A 680 6.94 53.35 22.96
N GLU A 681 8.23 53.65 22.82
CA GLU A 681 9.18 52.61 22.44
C GLU A 681 9.26 51.53 23.51
N SER A 682 9.26 51.91 24.78
CA SER A 682 9.42 50.93 25.85
C SER A 682 8.22 49.99 25.91
N GLN A 683 7.00 50.51 25.87
CA GLN A 683 5.86 49.61 25.93
C GLN A 683 5.71 48.77 24.66
N ILE A 684 5.97 49.34 23.47
CA ILE A 684 5.83 48.49 22.28
C ILE A 684 6.89 47.39 22.28
N THR A 685 8.11 47.70 22.72
CA THR A 685 9.15 46.68 22.81
C THR A 685 8.76 45.61 23.83
N THR A 686 8.22 46.03 24.97
CA THR A 686 7.81 45.07 25.99
C THR A 686 6.68 44.18 25.50
N LEU A 687 5.73 44.74 24.75
CA LEU A 687 4.69 43.93 24.15
C LEU A 687 5.27 42.91 23.19
N ILE A 688 6.21 43.34 22.34
CA ILE A 688 6.76 42.42 21.33
C ILE A 688 7.54 41.29 21.99
N VAL A 689 8.40 41.62 22.96
CA VAL A 689 9.24 40.59 23.56
C VAL A 689 8.41 39.62 24.43
N SER A 690 7.43 40.15 25.15
CA SER A 690 6.71 39.39 26.16
C SER A 690 5.35 38.89 25.65
N LYS A 691 5.29 38.50 24.38
CA LYS A 691 4.06 37.93 23.86
C LYS A 691 3.79 36.56 24.49
N PRO A 692 2.51 36.22 24.69
CA PRO A 692 2.20 34.87 25.19
C PRO A 692 2.58 33.77 24.22
N GLU A 693 2.71 34.10 22.93
CA GLU A 693 3.00 33.08 21.93
C GLU A 693 4.39 32.50 22.09
N ARG A 694 5.36 33.32 22.50
CA ARG A 694 6.74 32.86 22.61
C ARG A 694 6.99 32.18 23.95
N LYS A 695 6.08 31.27 24.31
CA LYS A 695 6.19 30.40 25.49
C LYS A 695 6.74 31.14 26.71
N MET A 696 6.15 32.29 26.99
CA MET A 696 6.56 33.13 28.11
C MET A 696 5.69 32.79 29.31
N VAL A 697 6.22 31.99 30.23
CA VAL A 697 5.42 31.50 31.36
C VAL A 697 5.33 32.56 32.45
N LYS A 698 6.46 33.17 32.81
CA LYS A 698 6.45 34.18 33.86
C LYS A 698 5.99 35.53 33.32
N GLY A 699 5.36 36.30 34.20
CA GLY A 699 4.80 37.58 33.81
C GLY A 699 5.86 38.65 33.59
N SER A 700 5.44 39.72 32.91
CA SER A 700 6.28 40.87 32.65
C SER A 700 5.65 42.12 33.25
N GLY A 701 6.44 42.86 34.00
CA GLY A 701 6.00 44.12 34.62
C GLY A 701 6.27 45.27 33.67
N PHE A 702 5.45 46.32 33.76
CA PHE A 702 5.55 47.46 32.87
C PHE A 702 5.89 48.77 33.58
N HIS A 703 5.23 49.05 34.71
CA HIS A 703 5.41 50.34 35.37
C HIS A 703 6.77 50.44 36.06
N LEU A 704 7.18 49.38 36.75
CA LEU A 704 8.45 49.41 37.47
C LEU A 704 9.63 49.53 36.51
N ASP A 705 9.59 48.83 35.38
CA ASP A 705 10.66 48.94 34.38
C ASP A 705 10.73 50.35 33.82
N LEU A 706 9.58 50.96 33.54
CA LEU A 706 9.55 52.34 33.07
C LEU A 706 10.15 53.28 34.11
N LEU A 707 9.77 53.09 35.38
CA LEU A 707 10.32 53.90 36.46
C LEU A 707 11.83 53.76 36.50
N LEU A 708 12.33 52.53 36.39
CA LEU A 708 13.77 52.29 36.44
C LEU A 708 14.49 52.98 35.28
N VAL A 709 14.01 52.78 34.05
CA VAL A 709 14.73 53.32 32.89
C VAL A 709 14.74 54.84 32.94
N VAL A 710 13.60 55.46 33.28
CA VAL A 710 13.58 56.92 33.35
C VAL A 710 14.42 57.42 34.52
N GLY A 711 14.41 56.70 35.64
CA GLY A 711 15.22 57.13 36.78
C GLY A 711 16.71 57.10 36.49
N MET A 712 17.21 56.00 35.92
CA MET A 712 18.62 55.98 35.54
C MET A 712 18.93 56.98 34.44
N GLY A 713 18.02 57.19 33.49
CA GLY A 713 18.26 58.22 32.48
C GLY A 713 18.39 59.61 33.09
N GLY A 714 17.50 59.94 34.04
CA GLY A 714 17.58 61.22 34.70
C GLY A 714 18.84 61.39 35.53
N VAL A 715 19.19 60.37 36.30
CA VAL A 715 20.38 60.47 37.14
C VAL A 715 21.64 60.55 36.28
N ALA A 716 21.66 59.86 35.14
CA ALA A 716 22.79 60.00 34.22
C ALA A 716 22.84 61.39 33.61
N ALA A 717 21.68 61.96 33.26
CA ALA A 717 21.63 63.33 32.76
C ALA A 717 22.08 64.34 33.80
N LEU A 718 21.89 64.04 35.09
CA LEU A 718 22.43 64.89 36.14
C LEU A 718 23.95 64.92 36.09
N PHE A 719 24.57 63.77 35.84
CA PHE A 719 26.02 63.68 35.75
C PHE A 719 26.55 64.05 34.37
N GLY A 720 25.67 64.30 33.41
CA GLY A 720 26.08 64.65 32.06
C GLY A 720 26.06 63.51 31.06
N MET A 721 26.03 62.26 31.50
CA MET A 721 25.95 61.14 30.58
C MET A 721 24.55 61.02 29.98
N PRO A 722 24.44 60.50 28.77
CA PRO A 722 23.14 60.49 28.09
C PRO A 722 22.20 59.42 28.65
N TRP A 723 20.91 59.64 28.43
CA TRP A 723 19.90 58.63 28.74
C TRP A 723 19.76 57.65 27.59
N LEU A 724 19.33 56.44 27.92
CA LEU A 724 19.15 55.38 26.94
C LEU A 724 17.74 54.82 27.03
N SER A 725 17.49 53.79 26.25
CA SER A 725 16.19 53.14 26.20
C SER A 725 16.39 51.71 25.72
N ALA A 726 15.36 50.88 25.92
CA ALA A 726 15.43 49.50 25.49
C ALA A 726 15.48 49.41 23.96
N THR A 727 16.31 48.52 23.45
CA THR A 727 16.48 48.35 22.02
C THR A 727 15.70 47.13 21.54
N THR A 728 14.95 47.32 20.47
CA THR A 728 14.03 46.28 20.00
C THR A 728 14.79 45.10 19.40
N VAL A 729 15.65 45.37 18.41
CA VAL A 729 16.32 44.30 17.69
C VAL A 729 17.24 43.51 18.62
N ARG A 730 18.02 44.22 19.44
CA ARG A 730 18.94 43.54 20.35
C ARG A 730 18.20 42.69 21.37
N SER A 731 17.11 43.21 21.93
CA SER A 731 16.34 42.43 22.89
C SER A 731 15.69 41.21 22.23
N VAL A 732 15.19 41.37 21.01
CA VAL A 732 14.58 40.24 20.31
C VAL A 732 15.63 39.16 20.03
N THR A 733 16.83 39.56 19.59
CA THR A 733 17.90 38.60 19.37
C THR A 733 18.31 37.93 20.67
N HIS A 734 18.35 38.69 21.77
CA HIS A 734 18.68 38.13 23.07
C HIS A 734 17.64 37.08 23.49
N ALA A 735 16.36 37.37 23.25
CA ALA A 735 15.31 36.42 23.55
C ALA A 735 15.44 35.17 22.69
N ASN A 736 15.75 35.35 21.41
CA ASN A 736 15.89 34.21 20.50
C ASN A 736 17.08 33.34 20.87
N ALA A 737 18.16 33.95 21.39
CA ALA A 737 19.32 33.18 21.81
C ALA A 737 19.00 32.28 23.00
N LEU A 738 18.22 32.78 23.95
CA LEU A 738 17.86 32.00 25.14
C LEU A 738 16.52 31.28 24.91
N THR A 739 16.47 30.52 23.81
CA THR A 739 15.26 29.81 23.43
C THR A 739 15.62 28.35 23.15
N VAL A 740 15.02 27.45 23.90
CA VAL A 740 15.20 26.01 23.70
C VAL A 740 14.04 25.51 22.87
N MET A 741 14.35 24.90 21.72
CA MET A 741 13.33 24.44 20.78
C MET A 741 13.12 22.93 20.90
N GLY A 742 11.91 22.51 20.58
CA GLY A 742 11.56 21.10 20.61
C GLY A 742 11.52 20.50 19.22
N LYS A 743 11.84 19.21 19.16
CA LYS A 743 11.85 18.47 17.90
C LYS A 743 10.45 18.31 17.32
N ALA A 751 9.35 23.49 13.55
CA ALA A 751 9.40 22.89 14.86
C ALA A 751 8.66 23.74 15.89
N GLN A 752 8.81 23.38 17.16
CA GLN A 752 8.12 24.07 18.25
C GLN A 752 9.14 24.57 19.26
N ILE A 753 8.91 25.79 19.76
CA ILE A 753 9.73 26.38 20.82
C ILE A 753 9.36 25.70 22.13
N GLN A 754 10.27 24.88 22.66
CA GLN A 754 9.96 24.12 23.86
C GLN A 754 9.83 25.02 25.08
N GLU A 755 10.81 25.90 25.29
CA GLU A 755 10.81 26.78 26.46
C GLU A 755 11.76 27.95 26.20
N VAL A 756 11.77 28.91 27.11
CA VAL A 756 12.69 30.04 27.07
C VAL A 756 13.40 30.12 28.41
N LYS A 757 14.73 30.25 28.38
CA LYS A 757 15.52 30.29 29.61
C LYS A 757 15.54 31.72 30.15
N GLU A 758 14.98 31.91 31.33
CA GLU A 758 14.87 33.22 31.97
C GLU A 758 15.88 33.32 33.11
N GLN A 759 16.71 34.36 33.08
CA GLN A 759 17.70 34.58 34.11
C GLN A 759 18.15 36.03 34.06
N ARG A 760 18.85 36.45 35.11
CA ARG A 760 19.36 37.82 35.22
C ARG A 760 20.86 37.91 35.04
N ILE A 761 21.57 36.78 34.98
CA ILE A 761 23.02 36.78 34.95
C ILE A 761 23.56 37.40 33.67
N SER A 762 22.85 37.22 32.54
CA SER A 762 23.33 37.72 31.26
C SER A 762 23.51 39.22 31.29
N GLY A 763 22.56 39.94 31.89
CA GLY A 763 22.69 41.39 31.96
C GLY A 763 23.89 41.83 32.78
N LEU A 764 24.13 41.17 33.92
CA LEU A 764 25.29 41.52 34.73
C LEU A 764 26.58 41.26 33.97
N LEU A 765 26.68 40.11 33.30
CA LEU A 765 27.90 39.80 32.56
C LEU A 765 28.12 40.78 31.42
N VAL A 766 27.06 41.12 30.69
CA VAL A 766 27.18 42.07 29.59
C VAL A 766 27.62 43.43 30.11
N ALA A 767 27.01 43.90 31.21
CA ALA A 767 27.36 45.20 31.76
C ALA A 767 28.82 45.22 32.24
N VAL A 768 29.25 44.17 32.94
CA VAL A 768 30.62 44.11 33.43
C VAL A 768 31.61 44.09 32.27
N LEU A 769 31.32 43.31 31.24
CA LEU A 769 32.24 43.22 30.11
C LEU A 769 32.31 44.53 29.32
N VAL A 770 31.16 45.18 29.08
CA VAL A 770 31.20 46.46 28.37
C VAL A 770 31.92 47.50 29.21
N GLY A 771 31.76 47.46 30.54
CA GLY A 771 32.53 48.35 31.39
C GLY A 771 34.02 48.11 31.31
N LEU A 772 34.41 46.83 31.24
CA LEU A 772 35.82 46.47 31.18
C LEU A 772 36.39 46.53 29.78
N SER A 773 35.58 46.86 28.76
CA SER A 773 36.05 46.94 27.39
C SER A 773 37.22 47.90 27.22
N ILE A 774 37.31 48.95 28.04
CA ILE A 774 38.45 49.87 27.95
C ILE A 774 39.76 49.17 28.33
N LEU A 775 39.69 48.11 29.13
CA LEU A 775 40.87 47.38 29.57
C LEU A 775 41.28 46.28 28.59
N MET A 776 40.58 46.14 27.47
CA MET A 776 40.84 45.07 26.51
C MET A 776 41.21 45.62 25.14
N GLU A 777 42.12 46.59 25.11
CA GLU A 777 42.65 47.10 23.85
C GLU A 777 43.27 46.03 22.95
N PRO A 778 44.15 45.13 23.43
CA PRO A 778 44.76 44.16 22.50
C PRO A 778 43.76 43.25 21.80
N ILE A 779 42.63 42.94 22.43
CA ILE A 779 41.67 42.04 21.80
C ILE A 779 40.85 42.77 20.75
N LEU A 780 40.35 43.97 21.08
CA LEU A 780 39.53 44.71 20.13
C LEU A 780 40.36 45.35 19.03
N SER A 781 41.69 45.42 19.20
CA SER A 781 42.51 46.00 18.16
C SER A 781 42.69 45.07 16.97
N ARG A 782 42.33 43.80 17.10
CA ARG A 782 42.49 42.81 16.03
C ARG A 782 41.16 42.39 15.40
N ILE A 783 40.05 43.02 15.78
CA ILE A 783 38.74 42.68 15.24
C ILE A 783 38.41 43.68 14.12
N PRO A 784 38.26 43.24 12.88
CA PRO A 784 37.89 44.16 11.81
C PRO A 784 36.44 44.60 11.91
N LEU A 785 36.16 45.76 11.30
CA LEU A 785 34.81 46.29 11.30
C LEU A 785 33.89 45.52 10.35
N ALA A 786 34.44 44.91 9.30
CA ALA A 786 33.62 44.25 8.30
C ALA A 786 33.06 42.91 8.75
N VAL A 787 33.71 42.24 9.71
CA VAL A 787 33.20 40.96 10.18
C VAL A 787 31.86 41.13 10.89
N LEU A 788 31.74 42.17 11.71
CA LEU A 788 30.50 42.40 12.45
C LEU A 788 29.33 42.75 11.53
N PHE A 789 29.62 43.15 10.28
CA PHE A 789 28.54 43.41 9.34
C PHE A 789 27.76 42.15 9.01
N GLY A 790 28.45 41.02 8.86
CA GLY A 790 27.77 39.76 8.65
C GLY A 790 26.92 39.37 9.84
N ILE A 791 27.42 39.62 11.06
CA ILE A 791 26.65 39.36 12.26
C ILE A 791 25.39 40.23 12.30
N PHE A 792 25.53 41.50 11.92
CA PHE A 792 24.37 42.40 11.88
C PHE A 792 23.34 41.92 10.87
N LEU A 793 23.80 41.50 9.69
CA LEU A 793 22.88 40.97 8.68
C LEU A 793 22.20 39.71 9.18
N TYR A 794 22.95 38.84 9.88
CA TYR A 794 22.36 37.64 10.46
C TYR A 794 21.27 37.98 11.46
N MET A 795 21.53 38.96 12.34
CA MET A 795 20.52 39.36 13.31
C MET A 795 19.29 39.94 12.62
N GLY A 796 19.50 40.80 11.62
CA GLY A 796 18.38 41.40 10.93
C GLY A 796 17.52 40.40 10.20
N VAL A 797 18.15 39.40 9.56
CA VAL A 797 17.39 38.36 8.88
C VAL A 797 16.68 37.45 9.87
N THR A 798 17.35 37.09 10.96
CA THR A 798 16.77 36.16 11.93
C THR A 798 15.61 36.79 12.68
N SER A 799 15.68 38.10 12.98
CA SER A 799 14.63 38.74 13.76
C SER A 799 13.34 38.95 12.99
N LEU A 800 13.21 38.40 11.78
CA LEU A 800 12.01 38.57 10.96
C LEU A 800 11.16 37.31 10.91
N SER A 801 11.50 36.29 11.70
CA SER A 801 10.83 35.00 11.59
C SER A 801 9.43 35.03 12.19
N GLY A 802 9.30 35.58 13.39
CA GLY A 802 8.03 35.56 14.09
C GLY A 802 7.00 36.54 13.55
N ILE A 803 7.42 37.47 12.68
CA ILE A 803 6.49 38.46 12.14
C ILE A 803 5.49 37.77 11.22
N GLN A 804 4.21 38.08 11.42
CA GLN A 804 3.15 37.53 10.60
C GLN A 804 2.86 38.39 9.37
N LEU A 805 3.12 39.69 9.46
CA LEU A 805 2.99 40.58 8.30
C LEU A 805 3.93 40.16 7.18
N PHE A 806 5.15 39.76 7.52
CA PHE A 806 6.08 39.26 6.51
C PHE A 806 5.55 37.99 5.86
N ASP A 807 4.95 37.10 6.67
CA ASP A 807 4.35 35.88 6.11
C ASP A 807 3.21 36.23 5.15
N ARG A 808 2.40 37.23 5.51
CA ARG A 808 1.32 37.64 4.62
C ARG A 808 1.85 38.26 3.33
N ILE A 809 2.96 39.01 3.41
CA ILE A 809 3.57 39.54 2.21
C ILE A 809 4.11 38.42 1.34
N LEU A 810 4.70 37.40 1.94
CA LEU A 810 5.15 36.24 1.18
C LEU A 810 3.97 35.54 0.51
N LEU A 811 2.84 35.44 1.22
CA LEU A 811 1.62 34.88 0.65
C LEU A 811 0.98 35.76 -0.40
N LEU A 812 1.39 37.04 -0.50
CA LEU A 812 0.86 37.88 -1.57
C LEU A 812 1.28 37.40 -2.96
N PHE A 813 2.34 36.60 -3.06
CA PHE A 813 2.85 36.11 -4.32
C PHE A 813 2.48 34.65 -4.58
N LYS A 814 2.27 33.87 -3.53
CA LYS A 814 1.90 32.47 -3.70
C LYS A 814 0.51 32.37 -4.32
N PRO A 815 0.27 31.37 -5.18
CA PRO A 815 -1.07 31.11 -5.67
C PRO A 815 -1.95 30.59 -4.54
N PRO A 816 -3.27 30.76 -4.64
CA PRO A 816 -4.16 30.36 -3.55
C PRO A 816 -4.20 28.86 -3.30
N LYS A 817 -3.58 28.07 -4.18
CA LYS A 817 -3.57 26.63 -4.00
C LYS A 817 -2.62 26.20 -2.88
N TYR A 818 -1.50 26.89 -2.70
CA TYR A 818 -0.47 26.48 -1.77
C TYR A 818 -0.49 27.26 -0.46
N HIS A 819 -1.56 28.01 -0.19
CA HIS A 819 -1.67 28.74 1.06
C HIS A 819 -1.85 27.75 2.22
N PRO A 820 -1.38 28.11 3.42
CA PRO A 820 -1.50 27.19 4.56
C PRO A 820 -2.93 27.01 5.04
N ASP A 821 -3.10 26.24 6.11
CA ASP A 821 -4.42 25.90 6.63
C ASP A 821 -4.84 26.79 7.81
N VAL A 822 -4.31 28.00 7.87
CA VAL A 822 -4.66 28.95 8.92
C VAL A 822 -6.08 29.46 8.69
N PRO A 823 -6.81 29.85 9.74
CA PRO A 823 -8.21 30.28 9.55
C PRO A 823 -8.37 31.51 8.66
N TYR A 824 -7.46 32.48 8.75
CA TYR A 824 -7.68 33.73 8.02
C TYR A 824 -7.42 33.61 6.52
N VAL A 825 -7.06 32.41 6.04
CA VAL A 825 -7.02 32.18 4.61
C VAL A 825 -8.35 31.65 4.10
N LYS A 826 -8.95 30.68 4.80
CA LYS A 826 -10.21 30.10 4.37
C LYS A 826 -11.40 31.01 4.66
N ARG A 827 -11.39 31.73 5.78
CA ARG A 827 -12.59 32.46 6.18
C ARG A 827 -12.88 33.66 5.28
N VAL A 828 -11.86 34.38 4.82
CA VAL A 828 -12.06 35.56 3.99
C VAL A 828 -11.43 35.32 2.63
N LYS A 829 -11.84 36.14 1.67
CA LYS A 829 -11.38 35.97 0.30
C LYS A 829 -9.96 36.51 0.14
N THR A 830 -9.29 36.05 -0.92
CA THR A 830 -7.86 36.32 -1.08
C THR A 830 -7.60 37.82 -1.28
N TRP A 831 -8.39 38.47 -2.12
CA TRP A 831 -8.19 39.89 -2.35
C TRP A 831 -8.53 40.73 -1.14
N ARG A 832 -9.19 40.14 -0.13
CA ARG A 832 -9.39 40.85 1.13
C ARG A 832 -8.10 40.91 1.94
N MET A 833 -7.35 39.80 2.00
CA MET A 833 -6.00 39.86 2.52
C MET A 833 -5.15 40.85 1.72
N HIS A 834 -5.31 40.86 0.39
CA HIS A 834 -4.54 41.81 -0.41
C HIS A 834 -4.88 43.26 -0.06
N LEU A 835 -6.16 43.57 0.14
CA LEU A 835 -6.54 44.93 0.49
C LEU A 835 -6.03 45.32 1.88
N PHE A 836 -6.17 44.41 2.86
CA PHE A 836 -5.67 44.68 4.21
C PHE A 836 -4.17 44.92 4.20
N THR A 837 -3.42 44.03 3.54
CA THR A 837 -1.97 44.15 3.48
C THR A 837 -1.56 45.39 2.69
N GLY A 838 -2.32 45.74 1.64
CA GLY A 838 -2.02 46.95 0.89
C GLY A 838 -2.19 48.21 1.70
N ILE A 839 -3.28 48.28 2.49
CA ILE A 839 -3.46 49.43 3.38
C ILE A 839 -2.31 49.51 4.37
N GLN A 840 -1.93 48.36 4.93
CA GLN A 840 -0.84 48.35 5.90
C GLN A 840 0.48 48.78 5.27
N ILE A 841 0.77 48.31 4.05
CA ILE A 841 2.03 48.65 3.40
C ILE A 841 2.05 50.12 2.97
N ILE A 842 0.88 50.68 2.64
CA ILE A 842 0.81 52.13 2.42
C ILE A 842 1.16 52.87 3.70
N CYS A 843 0.67 52.36 4.84
CA CYS A 843 1.04 52.97 6.12
C CYS A 843 2.56 52.92 6.34
N LEU A 844 3.17 51.77 6.07
CA LEU A 844 4.63 51.66 6.20
C LEU A 844 5.36 52.60 5.25
N ALA A 845 4.87 52.74 4.02
CA ALA A 845 5.51 53.63 3.06
C ALA A 845 5.44 55.08 3.54
N VAL A 846 4.30 55.47 4.11
CA VAL A 846 4.16 56.81 4.68
C VAL A 846 5.14 56.99 5.83
N LEU A 847 5.28 55.97 6.68
CA LEU A 847 6.25 56.06 7.77
C LEU A 847 7.68 56.20 7.25
N TRP A 848 8.04 55.47 6.20
CA TRP A 848 9.39 55.57 5.66
C TRP A 848 9.63 56.95 5.06
N VAL A 849 8.66 57.47 4.30
CA VAL A 849 8.86 58.77 3.66
C VAL A 849 8.94 59.88 4.69
N VAL A 850 8.14 59.81 5.76
CA VAL A 850 8.25 60.83 6.80
C VAL A 850 9.55 60.65 7.59
N LYS A 851 10.05 59.42 7.67
CA LYS A 851 11.36 59.21 8.27
C LYS A 851 12.46 59.88 7.46
N SER A 852 12.41 59.76 6.13
CA SER A 852 13.40 60.41 5.29
C SER A 852 13.19 61.91 5.21
N THR A 853 12.00 62.39 5.53
CA THR A 853 11.72 63.81 5.52
C THR A 853 12.51 64.49 6.65
N PRO A 854 13.05 65.69 6.41
CA PRO A 854 13.76 66.41 7.51
C PRO A 854 12.88 66.70 8.72
N ALA A 855 11.55 66.67 8.57
CA ALA A 855 10.65 66.79 9.71
C ALA A 855 10.37 65.40 10.31
N SER A 856 11.48 64.72 10.64
CA SER A 856 11.41 63.36 11.15
C SER A 856 10.85 63.30 12.56
N LEU A 857 11.00 64.38 13.33
CA LEU A 857 10.56 64.39 14.73
C LEU A 857 9.06 64.19 14.87
N ALA A 858 8.27 64.45 13.83
CA ALA A 858 6.84 64.20 13.84
C ALA A 858 6.49 62.77 13.47
N LEU A 859 7.47 61.86 13.48
CA LEU A 859 7.27 60.46 13.16
C LEU A 859 6.39 59.74 14.19
N PRO A 860 6.65 59.86 15.50
CA PRO A 860 5.78 59.13 16.45
C PRO A 860 4.31 59.52 16.39
N PHE A 861 4.01 60.79 16.12
CA PHE A 861 2.63 61.27 16.16
C PHE A 861 1.72 60.49 15.23
N VAL A 862 2.12 60.38 13.95
CA VAL A 862 1.31 59.62 13.00
C VAL A 862 1.14 58.18 13.47
N LEU A 863 2.14 57.65 14.17
CA LEU A 863 2.06 56.30 14.71
C LEU A 863 0.85 56.16 15.64
N ILE A 864 0.67 57.10 16.55
CA ILE A 864 -0.48 56.98 17.43
C ILE A 864 -1.77 57.26 16.66
N LEU A 865 -1.68 58.03 15.57
CA LEU A 865 -2.83 58.21 14.70
C LEU A 865 -3.22 56.93 13.99
N THR A 866 -2.36 55.91 14.00
CA THR A 866 -2.77 54.59 13.50
C THR A 866 -3.79 53.93 14.42
N VAL A 867 -3.82 54.32 15.69
CA VAL A 867 -4.72 53.71 16.68
C VAL A 867 -6.19 53.90 16.31
N PRO A 868 -6.67 55.10 15.95
CA PRO A 868 -8.09 55.20 15.53
C PRO A 868 -8.42 54.39 14.29
N LEU A 869 -7.46 54.22 13.38
CA LEU A 869 -7.74 53.56 12.10
C LEU A 869 -8.30 52.15 12.31
N ARG A 870 -7.68 51.36 13.18
CA ARG A 870 -8.20 50.04 13.48
C ARG A 870 -9.52 50.11 14.24
N ARG A 871 -9.71 51.14 15.07
CA ARG A 871 -10.89 51.20 15.92
C ARG A 871 -12.09 51.81 15.21
N VAL A 872 -11.87 52.56 14.13
CA VAL A 872 -12.94 53.27 13.43
C VAL A 872 -13.03 52.87 11.97
N LEU A 873 -11.94 53.06 11.23
CA LEU A 873 -11.99 52.96 9.77
C LEU A 873 -12.19 51.52 9.29
N LEU A 874 -11.44 50.57 9.86
CA LEU A 874 -11.50 49.18 9.40
C LEU A 874 -12.89 48.55 9.50
N PRO A 875 -13.65 48.73 10.59
CA PRO A 875 -15.03 48.23 10.60
C PRO A 875 -15.92 48.87 9.54
N LEU A 876 -15.52 50.01 8.98
CA LEU A 876 -16.24 50.64 7.89
C LEU A 876 -15.88 50.05 6.52
N ILE A 877 -14.89 49.17 6.45
CA ILE A 877 -14.47 48.54 5.21
C ILE A 877 -14.62 47.02 5.29
N PHE A 878 -14.11 46.42 6.37
CA PHE A 878 -14.27 45.00 6.60
C PHE A 878 -15.39 44.77 7.61
N ARG A 879 -15.54 43.52 8.03
CA ARG A 879 -16.57 43.14 8.99
C ARG A 879 -15.93 42.71 10.30
N ASN A 880 -16.77 42.60 11.33
CA ASN A 880 -16.28 42.35 12.68
C ASN A 880 -15.60 40.98 12.76
N VAL A 881 -16.18 39.97 12.12
CA VAL A 881 -15.57 38.64 12.13
C VAL A 881 -14.22 38.67 11.41
N GLU A 882 -14.17 39.33 10.24
CA GLU A 882 -12.92 39.42 9.50
C GLU A 882 -11.87 40.21 10.27
N LEU A 883 -12.27 41.31 10.90
CA LEU A 883 -11.32 42.13 11.64
C LEU A 883 -10.81 41.39 12.88
N GLN A 884 -11.66 40.58 13.51
CA GLN A 884 -11.21 39.76 14.62
C GLN A 884 -10.32 38.62 14.14
N CYS A 885 -10.54 38.15 12.92
CA CYS A 885 -9.74 37.06 12.39
C CYS A 885 -8.34 37.52 11.97
N LEU A 886 -8.23 38.71 11.40
CA LEU A 886 -6.92 39.19 10.98
C LEU A 886 -6.13 39.79 12.14
N ASP A 887 -6.67 40.84 12.76
CA ASP A 887 -5.99 41.51 13.87
C ASP A 887 -6.37 40.76 15.15
N ALA A 888 -5.85 39.54 15.26
CA ALA A 888 -6.10 38.68 16.41
C ALA A 888 -5.04 38.90 17.48
N ASP A 889 -5.47 39.00 18.73
CA ASP A 889 -4.53 39.14 19.84
C ASP A 889 -3.68 37.89 20.02
N ASP A 890 -4.20 36.72 19.66
CA ASP A 890 -3.47 35.47 19.77
C ASP A 890 -3.24 34.92 18.36
N ALA A 891 -2.13 34.20 18.20
CA ALA A 891 -1.79 33.66 16.88
C ALA A 891 -2.51 32.35 16.61
N LYS A 892 -2.30 31.34 17.46
CA LYS A 892 -2.94 30.05 17.26
C LYS A 892 -4.46 30.15 17.45
N ALA A 893 -4.90 30.92 18.44
CA ALA A 893 -6.31 31.05 18.75
C ALA A 893 -6.87 32.27 18.01
N THR A 894 -7.96 32.06 17.28
CA THR A 894 -8.57 33.12 16.48
C THR A 894 -10.08 33.01 16.47
N GLN B 30 -57.16 -33.49 4.16
CA GLN B 30 -57.01 -32.30 3.34
C GLN B 30 -55.53 -32.08 3.02
N MET B 31 -55.27 -31.34 1.94
CA MET B 31 -53.92 -31.11 1.45
C MET B 31 -53.13 -30.29 2.47
N GLU B 32 -52.17 -30.92 3.13
CA GLU B 32 -51.32 -30.26 4.11
C GLU B 32 -49.90 -30.13 3.58
N GLU B 33 -49.18 -29.08 4.07
CA GLU B 33 -47.85 -28.76 3.60
C GLU B 33 -46.78 -29.36 4.50
N PRO B 34 -45.62 -29.72 3.94
CA PRO B 34 -44.53 -30.27 4.73
C PRO B 34 -43.84 -29.20 5.57
N ALA B 35 -42.94 -29.66 6.43
CA ALA B 35 -42.13 -28.78 7.29
C ALA B 35 -40.68 -28.84 6.85
N ALA B 36 -40.01 -27.69 6.90
CA ALA B 36 -38.63 -27.60 6.45
C ALA B 36 -37.69 -28.25 7.47
N HIS B 37 -36.44 -28.44 7.03
CA HIS B 37 -35.42 -29.04 7.87
C HIS B 37 -34.05 -28.63 7.35
N ASP B 38 -33.09 -28.52 8.27
CA ASP B 38 -31.70 -28.27 7.93
C ASP B 38 -30.85 -29.48 8.27
N THR B 39 -29.98 -29.87 7.34
CA THR B 39 -29.13 -31.04 7.53
C THR B 39 -27.80 -30.81 6.83
N GLU B 40 -26.77 -31.50 7.31
CA GLU B 40 -25.42 -31.36 6.78
C GLU B 40 -24.84 -32.72 6.37
N ALA B 41 -25.71 -33.67 6.05
CA ALA B 41 -25.24 -35.01 5.69
C ALA B 41 -24.52 -35.01 4.35
N THR B 42 -24.95 -34.16 3.41
CA THR B 42 -24.46 -34.19 2.05
C THR B 42 -23.83 -32.86 1.63
N ALA B 43 -23.41 -32.05 2.60
CA ALA B 43 -22.78 -30.77 2.27
C ALA B 43 -21.44 -30.99 1.57
N THR B 44 -20.65 -31.96 2.05
CA THR B 44 -19.32 -32.20 1.51
C THR B 44 -19.33 -32.52 0.03
N ASP B 45 -20.45 -33.04 -0.49
CA ASP B 45 -20.57 -33.35 -1.91
C ASP B 45 -20.51 -32.11 -2.80
N TYR B 46 -20.71 -30.92 -2.24
CA TYR B 46 -20.73 -29.70 -3.05
C TYR B 46 -19.53 -28.80 -2.78
N HIS B 47 -18.39 -29.37 -2.41
CA HIS B 47 -17.19 -28.60 -2.11
C HIS B 47 -16.30 -28.60 -3.35
N THR B 48 -16.21 -27.44 -4.01
CA THR B 48 -15.39 -27.30 -5.19
C THR B 48 -13.91 -27.32 -4.83
N THR B 49 -13.07 -27.50 -5.84
CA THR B 49 -11.62 -27.55 -5.66
C THR B 49 -10.88 -26.49 -6.45
N SER B 50 -11.59 -25.59 -7.13
CA SER B 50 -10.93 -24.55 -7.91
C SER B 50 -10.28 -23.52 -7.01
N HIS B 51 -9.15 -22.98 -7.45
CA HIS B 51 -8.51 -21.89 -6.74
C HIS B 51 -9.19 -20.58 -7.12
N PRO B 52 -9.82 -19.87 -6.17
CA PRO B 52 -10.56 -18.65 -6.54
C PRO B 52 -9.67 -17.55 -7.12
N GLY B 53 -8.42 -17.47 -6.69
CA GLY B 53 -7.56 -16.40 -7.14
C GLY B 53 -7.78 -15.12 -6.37
N THR B 54 -7.04 -14.09 -6.77
CA THR B 54 -7.07 -12.79 -6.12
C THR B 54 -7.65 -11.75 -7.06
N HIS B 55 -8.55 -10.92 -6.53
CA HIS B 55 -9.14 -9.84 -7.29
C HIS B 55 -9.41 -8.67 -6.36
N LYS B 56 -9.25 -7.46 -6.88
CA LYS B 56 -9.66 -6.29 -6.13
C LYS B 56 -11.18 -6.12 -6.24
N VAL B 57 -11.73 -5.25 -5.41
CA VAL B 57 -13.17 -5.13 -5.27
C VAL B 57 -13.58 -3.68 -5.55
N TYR B 58 -14.76 -3.52 -6.14
CA TYR B 58 -15.39 -2.22 -6.32
C TYR B 58 -16.83 -2.32 -5.84
N VAL B 59 -17.14 -1.65 -4.74
CA VAL B 59 -18.41 -1.80 -4.04
C VAL B 59 -19.32 -0.65 -4.42
N GLU B 60 -20.59 -0.96 -4.69
CA GLU B 60 -21.57 0.05 -5.03
C GLU B 60 -22.84 -0.19 -4.24
N LEU B 61 -23.40 0.88 -3.70
CA LEU B 61 -24.57 0.81 -2.82
C LEU B 61 -25.77 1.45 -3.50
N GLN B 62 -26.90 0.75 -3.47
CA GLN B 62 -28.14 1.22 -4.07
C GLN B 62 -29.28 1.09 -3.08
N GLU B 63 -30.27 1.97 -3.24
CA GLU B 63 -31.43 1.99 -2.36
C GLU B 63 -32.66 2.38 -3.16
N LEU B 64 -33.83 2.06 -2.60
CA LEU B 64 -35.09 2.46 -3.23
C LEU B 64 -35.34 3.94 -2.97
N VAL B 65 -35.66 4.67 -4.03
CA VAL B 65 -35.97 6.09 -3.95
C VAL B 65 -37.23 6.37 -4.76
N MET B 66 -37.81 7.54 -4.51
CA MET B 66 -38.99 7.99 -5.23
C MET B 66 -38.67 9.36 -5.82
N ASP B 67 -38.96 9.53 -7.11
CA ASP B 67 -38.74 10.81 -7.76
C ASP B 67 -40.05 11.57 -7.97
N GLU B 68 -39.98 12.89 -7.73
CA GLU B 68 -41.17 13.73 -7.72
C GLU B 68 -41.77 13.95 -9.09
N LYS B 69 -41.03 13.73 -10.17
CA LYS B 69 -41.55 13.96 -11.51
C LYS B 69 -42.76 13.08 -11.79
N ASN B 70 -42.55 11.76 -11.83
CA ASN B 70 -43.63 10.80 -11.89
C ASN B 70 -43.46 9.81 -10.75
N GLN B 71 -44.53 9.55 -10.02
CA GLN B 71 -44.45 8.83 -8.74
C GLN B 71 -44.29 7.33 -8.98
N GLU B 72 -43.03 6.90 -9.06
CA GLU B 72 -42.70 5.47 -9.15
C GLU B 72 -41.40 5.22 -8.41
N LEU B 73 -41.31 4.07 -7.75
CA LEU B 73 -40.08 3.70 -7.05
C LEU B 73 -39.01 3.31 -8.05
N ARG B 74 -37.75 3.54 -7.67
CA ARG B 74 -36.64 3.14 -8.54
C ARG B 74 -35.37 3.00 -7.70
N TRP B 75 -34.46 2.16 -8.18
CA TRP B 75 -33.21 1.93 -7.48
C TRP B 75 -32.19 2.99 -7.88
N MET B 76 -31.61 3.65 -6.89
CA MET B 76 -30.62 4.70 -7.13
C MET B 76 -29.34 4.41 -6.34
N GLU B 77 -28.21 4.67 -6.98
CA GLU B 77 -26.90 4.57 -6.35
C GLU B 77 -26.68 5.73 -5.38
N ALA B 78 -25.93 5.47 -4.32
CA ALA B 78 -25.70 6.51 -3.32
C ALA B 78 -24.28 6.62 -2.80
N ALA B 79 -23.37 5.71 -3.18
CA ALA B 79 -22.00 5.75 -2.65
C ALA B 79 -21.14 4.82 -3.48
N ARG B 80 -19.82 4.95 -3.29
CA ARG B 80 -18.87 4.08 -3.97
C ARG B 80 -17.63 3.93 -3.11
N TRP B 81 -16.90 2.84 -3.35
CA TRP B 81 -15.76 2.45 -2.52
C TRP B 81 -14.59 2.03 -3.41
N VAL B 82 -14.24 2.87 -4.38
CA VAL B 82 -13.17 2.54 -5.31
C VAL B 82 -11.84 2.38 -4.56
N GLN B 83 -11.36 3.48 -3.97
CA GLN B 83 -10.19 3.45 -3.11
C GLN B 83 -10.52 3.90 -1.70
N LEU B 84 -11.17 5.04 -1.56
CA LEU B 84 -11.71 5.52 -0.29
C LEU B 84 -13.16 5.90 -0.52
N GLU B 85 -13.95 5.81 0.54
CA GLU B 85 -15.40 5.97 0.42
C GLU B 85 -15.75 7.35 -0.13
N GLU B 86 -16.61 7.36 -1.15
CA GLU B 86 -17.11 8.58 -1.76
C GLU B 86 -18.63 8.56 -1.74
N ASN B 87 -19.23 9.70 -1.46
CA ASN B 87 -20.67 9.84 -1.36
C ASN B 87 -21.18 10.75 -2.47
N LEU B 88 -22.48 10.64 -2.73
CA LEU B 88 -23.15 11.38 -3.79
C LEU B 88 -24.11 12.38 -3.18
N GLY B 89 -24.02 13.64 -3.59
CA GLY B 89 -24.85 14.69 -3.06
C GLY B 89 -26.23 14.76 -3.70
N GLU B 90 -27.01 15.72 -3.22
CA GLU B 90 -28.36 15.92 -3.74
C GLU B 90 -28.34 16.59 -5.10
N ASN B 91 -27.35 17.45 -5.36
CA ASN B 91 -27.27 18.11 -6.66
C ASN B 91 -26.88 17.14 -7.76
N GLY B 92 -26.19 16.05 -7.42
CA GLY B 92 -25.77 15.07 -8.37
C GLY B 92 -24.27 14.98 -8.61
N ALA B 93 -23.45 15.47 -7.70
CA ALA B 93 -22.00 15.42 -7.82
C ALA B 93 -21.41 14.68 -6.63
N TRP B 94 -20.38 13.89 -6.87
CA TRP B 94 -19.75 13.13 -5.80
C TRP B 94 -18.95 14.04 -4.88
N GLY B 95 -18.98 13.71 -3.58
CA GLY B 95 -18.29 14.51 -2.59
C GLY B 95 -16.80 14.25 -2.52
N ARG B 96 -16.24 14.33 -1.31
CA ARG B 96 -14.80 14.17 -1.15
C ARG B 96 -14.47 12.79 -0.60
N PRO B 97 -13.42 12.15 -1.10
CA PRO B 97 -13.03 10.83 -0.57
C PRO B 97 -12.55 10.94 0.87
N HIS B 98 -12.80 9.87 1.63
CA HIS B 98 -12.40 9.79 3.03
C HIS B 98 -12.37 8.33 3.43
N LEU B 99 -11.78 8.07 4.59
CA LEU B 99 -11.77 6.72 5.13
C LEU B 99 -13.18 6.27 5.48
N SER B 100 -13.36 4.95 5.61
CA SER B 100 -14.68 4.36 5.83
C SER B 100 -14.92 4.32 7.32
N HIS B 101 -15.77 5.23 7.81
CA HIS B 101 -16.16 5.29 9.20
C HIS B 101 -17.59 4.79 9.37
N LEU B 102 -17.83 3.97 10.39
CA LEU B 102 -19.14 3.42 10.66
C LEU B 102 -19.52 3.62 12.13
N THR B 103 -20.70 3.11 12.48
CA THR B 103 -21.26 3.30 13.81
C THR B 103 -21.45 1.99 14.56
N PHE B 104 -21.63 2.13 15.88
CA PHE B 104 -21.81 1.00 16.80
C PHE B 104 -23.05 0.17 16.46
N TRP B 105 -24.18 0.84 16.25
CA TRP B 105 -25.43 0.13 15.99
C TRP B 105 -25.36 -0.64 14.67
N SER B 106 -24.60 -0.14 13.70
CA SER B 106 -24.38 -0.88 12.47
C SER B 106 -23.77 -2.24 12.77
N LEU B 107 -22.71 -2.27 13.58
CA LEU B 107 -22.09 -3.54 13.92
C LEU B 107 -23.03 -4.44 14.69
N LEU B 108 -23.79 -3.89 15.65
CA LEU B 108 -24.68 -4.73 16.43
C LEU B 108 -25.77 -5.37 15.58
N GLU B 109 -26.50 -4.57 14.82
CA GLU B 109 -27.60 -5.12 14.03
C GLU B 109 -27.08 -5.97 12.88
N LEU B 110 -25.92 -5.63 12.31
CA LEU B 110 -25.32 -6.44 11.26
C LEU B 110 -24.95 -7.82 11.81
N ARG B 111 -24.34 -7.87 13.00
CA ARG B 111 -24.01 -9.17 13.60
C ARG B 111 -25.27 -9.95 13.91
N ARG B 112 -26.29 -9.27 14.45
CA ARG B 112 -27.53 -9.97 14.82
C ARG B 112 -28.21 -10.57 13.59
N VAL B 113 -28.23 -9.84 12.48
CA VAL B 113 -28.86 -10.37 11.28
C VAL B 113 -27.95 -11.34 10.52
N PHE B 114 -26.64 -11.25 10.72
CA PHE B 114 -25.70 -12.17 10.09
C PHE B 114 -25.63 -13.50 10.81
N THR B 115 -26.01 -13.53 12.10
CA THR B 115 -26.01 -14.78 12.84
C THR B 115 -26.98 -15.79 12.24
N LYS B 116 -28.15 -15.32 11.78
CA LYS B 116 -29.16 -16.17 11.18
C LYS B 116 -29.37 -15.84 9.70
N GLY B 117 -28.28 -15.55 9.00
CA GLY B 117 -28.36 -15.17 7.60
C GLY B 117 -28.52 -16.36 6.67
N THR B 118 -28.71 -16.02 5.39
CA THR B 118 -28.89 -17.01 4.33
C THR B 118 -27.77 -16.86 3.32
N VAL B 119 -27.10 -17.96 2.99
CA VAL B 119 -25.98 -17.93 2.09
C VAL B 119 -26.27 -18.82 0.88
N LEU B 120 -25.86 -18.35 -0.29
CA LEU B 120 -25.96 -19.08 -1.55
C LEU B 120 -24.61 -18.96 -2.23
N LEU B 121 -23.73 -19.92 -2.01
CA LEU B 121 -22.35 -19.87 -2.49
C LEU B 121 -22.22 -20.60 -3.82
N ASP B 122 -21.45 -20.01 -4.74
CA ASP B 122 -21.16 -20.59 -6.05
C ASP B 122 -22.44 -20.87 -6.83
N LEU B 123 -23.32 -19.87 -6.90
CA LEU B 123 -24.55 -19.98 -7.66
C LEU B 123 -24.28 -19.77 -9.14
N GLN B 124 -24.88 -20.62 -9.97
CA GLN B 124 -24.66 -20.59 -11.42
C GLN B 124 -25.81 -19.83 -12.07
N GLU B 125 -25.71 -18.50 -12.07
CA GLU B 125 -26.69 -17.64 -12.71
C GLU B 125 -25.98 -16.46 -13.36
N THR B 126 -26.65 -15.88 -14.36
CA THR B 126 -26.12 -14.72 -15.08
C THR B 126 -27.15 -13.63 -15.29
N SER B 127 -28.33 -13.73 -14.65
CA SER B 127 -29.38 -12.74 -14.83
C SER B 127 -29.99 -12.40 -13.48
N LEU B 128 -30.56 -11.19 -13.41
CA LEU B 128 -31.12 -10.71 -12.14
C LEU B 128 -32.39 -11.46 -11.77
N ALA B 129 -33.22 -11.84 -12.74
CA ALA B 129 -34.48 -12.49 -12.44
C ALA B 129 -34.27 -13.83 -11.76
N GLY B 130 -33.34 -14.64 -12.27
CA GLY B 130 -33.06 -15.91 -11.64
C GLY B 130 -32.50 -15.77 -10.24
N VAL B 131 -31.61 -14.80 -10.04
CA VAL B 131 -31.06 -14.55 -8.71
C VAL B 131 -32.17 -14.16 -7.74
N ALA B 132 -33.06 -13.27 -8.18
CA ALA B 132 -34.17 -12.85 -7.32
C ALA B 132 -35.07 -14.03 -6.96
N ASN B 133 -35.38 -14.87 -7.96
CA ASN B 133 -36.22 -16.03 -7.69
C ASN B 133 -35.57 -16.99 -6.70
N GLN B 134 -34.26 -17.26 -6.88
CA GLN B 134 -33.58 -18.17 -5.98
C GLN B 134 -33.51 -17.62 -4.56
N LEU B 135 -33.25 -16.31 -4.41
CA LEU B 135 -33.21 -15.72 -3.07
C LEU B 135 -34.58 -15.76 -2.40
N LEU B 136 -35.64 -15.45 -3.15
CA LEU B 136 -36.98 -15.52 -2.58
C LEU B 136 -37.35 -16.93 -2.17
N ASP B 137 -37.02 -17.92 -3.02
CA ASP B 137 -37.31 -19.32 -2.68
C ASP B 137 -36.52 -19.76 -1.45
N ARG B 138 -35.25 -19.37 -1.36
CA ARG B 138 -34.43 -19.75 -0.21
C ARG B 138 -34.96 -19.11 1.07
N PHE B 139 -35.40 -17.85 0.98
CA PHE B 139 -36.02 -17.21 2.15
C PHE B 139 -37.29 -17.94 2.57
N ILE B 140 -38.09 -18.38 1.58
CA ILE B 140 -39.30 -19.13 1.91
C ILE B 140 -38.94 -20.45 2.58
N PHE B 141 -37.85 -21.08 2.15
CA PHE B 141 -37.45 -22.36 2.72
C PHE B 141 -37.11 -22.25 4.21
N GLU B 142 -36.41 -21.20 4.59
CA GLU B 142 -35.88 -21.06 5.94
C GLU B 142 -36.83 -20.25 6.83
N ASP B 143 -38.07 -20.04 6.39
CA ASP B 143 -39.10 -19.31 7.14
C ASP B 143 -38.68 -17.87 7.41
N GLN B 144 -37.84 -17.32 6.53
CA GLN B 144 -37.45 -15.92 6.66
C GLN B 144 -38.63 -15.00 6.40
N ILE B 145 -39.46 -15.33 5.41
CA ILE B 145 -40.64 -14.56 5.06
C ILE B 145 -41.81 -15.51 4.90
N ARG B 146 -43.01 -14.93 4.91
CA ARG B 146 -44.25 -15.67 4.71
C ARG B 146 -44.46 -15.94 3.22
N PRO B 147 -45.22 -16.99 2.89
CA PRO B 147 -45.45 -17.30 1.46
C PRO B 147 -46.11 -16.17 0.68
N GLN B 148 -46.95 -15.37 1.33
CA GLN B 148 -47.64 -14.29 0.64
C GLN B 148 -46.79 -13.03 0.51
N ASP B 149 -45.59 -13.01 1.07
CA ASP B 149 -44.67 -11.89 0.92
C ASP B 149 -43.74 -12.05 -0.28
N ARG B 150 -43.79 -13.19 -0.97
CA ARG B 150 -42.87 -13.43 -2.07
C ARG B 150 -43.13 -12.51 -3.25
N GLU B 151 -44.41 -12.30 -3.59
CA GLU B 151 -44.75 -11.54 -4.78
C GLU B 151 -44.34 -10.08 -4.66
N GLU B 152 -44.62 -9.46 -3.52
CA GLU B 152 -44.28 -8.05 -3.34
C GLU B 152 -42.78 -7.82 -3.37
N LEU B 153 -42.01 -8.68 -2.70
CA LEU B 153 -40.56 -8.55 -2.72
C LEU B 153 -40.00 -8.77 -4.12
N LEU B 154 -40.54 -9.76 -4.85
CA LEU B 154 -40.09 -10.01 -6.21
C LEU B 154 -40.39 -8.81 -7.11
N ARG B 155 -41.57 -8.20 -6.93
CA ARG B 155 -41.91 -7.00 -7.69
C ARG B 155 -40.97 -5.85 -7.34
N ALA B 156 -40.64 -5.70 -6.06
CA ALA B 156 -39.80 -4.58 -5.63
C ALA B 156 -38.37 -4.72 -6.13
N LEU B 157 -37.85 -5.94 -6.17
CA LEU B 157 -36.47 -6.13 -6.60
C LEU B 157 -36.29 -5.95 -8.11
N LEU B 158 -37.36 -5.81 -8.88
CA LEU B 158 -37.27 -5.74 -10.33
C LEU B 158 -37.50 -4.33 -10.88
N LEU B 159 -37.38 -3.31 -10.03
CA LEU B 159 -37.48 -1.95 -10.52
C LEU B 159 -36.20 -1.55 -11.26
N LYS B 160 -36.26 -0.40 -11.93
CA LYS B 160 -35.14 0.08 -12.72
C LYS B 160 -34.01 0.55 -11.81
N HIS B 161 -32.78 0.32 -12.25
CA HIS B 161 -31.58 0.73 -11.53
C HIS B 161 -31.00 1.92 -12.28
N SER B 162 -31.20 3.12 -11.72
CA SER B 162 -30.79 4.35 -12.38
C SER B 162 -29.28 4.56 -12.21
N HIS B 163 -28.78 5.69 -12.71
CA HIS B 163 -27.36 6.01 -12.64
C HIS B 163 -27.24 7.49 -12.31
N ALA B 164 -26.00 7.98 -12.28
CA ALA B 164 -25.75 9.36 -11.86
C ALA B 164 -26.16 10.36 -12.94
N GLY B 165 -26.06 9.98 -14.21
CA GLY B 165 -26.31 10.92 -15.29
C GLY B 165 -27.76 11.38 -15.36
N GLU B 166 -28.70 10.46 -15.14
CA GLU B 166 -30.11 10.76 -15.30
C GLU B 166 -30.69 11.59 -14.17
N LEU B 167 -29.93 11.85 -13.11
CA LEU B 167 -30.47 12.54 -11.94
C LEU B 167 -31.03 13.92 -12.31
N GLU B 168 -30.25 14.71 -13.06
CA GLU B 168 -30.75 15.99 -13.53
C GLU B 168 -31.96 15.81 -14.46
N ALA B 169 -31.97 14.73 -15.23
CA ALA B 169 -33.13 14.41 -16.06
C ALA B 169 -34.30 13.86 -15.27
N LEU B 170 -34.09 13.48 -14.00
CA LEU B 170 -35.16 12.92 -13.17
C LEU B 170 -35.81 13.95 -12.26
N GLY B 171 -35.20 15.12 -12.07
CA GLY B 171 -35.80 16.16 -11.27
C GLY B 171 -35.77 15.96 -9.77
N GLY B 172 -34.87 15.12 -9.26
CA GLY B 172 -34.74 14.92 -7.84
C GLY B 172 -35.42 13.64 -7.37
N VAL B 173 -34.94 13.13 -6.23
CA VAL B 173 -35.42 11.89 -5.66
C VAL B 173 -35.64 12.06 -4.17
N LYS B 174 -36.49 11.20 -3.60
CA LYS B 174 -36.73 11.14 -2.17
C LYS B 174 -36.78 9.69 -1.75
N PRO B 175 -36.40 9.37 -0.50
CA PRO B 175 -36.50 7.99 -0.03
C PRO B 175 -37.95 7.53 0.04
N ALA B 176 -38.15 6.23 -0.14
CA ALA B 176 -39.49 5.66 -0.15
C ALA B 176 -39.50 4.33 0.62
N VAL B 177 -40.70 3.84 0.88
CA VAL B 177 -40.91 2.58 1.58
C VAL B 177 -42.01 1.80 0.84
N LEU B 178 -41.83 0.50 0.74
CA LEU B 178 -42.77 -0.35 0.02
C LEU B 178 -44.05 -0.53 0.84
N THR B 179 -45.10 -1.02 0.17
CA THR B 179 -46.39 -1.28 0.78
C THR B 179 -46.97 -2.53 0.13
N ARG B 180 -47.80 -3.25 0.89
CA ARG B 180 -48.42 -4.47 0.37
C ARG B 180 -49.27 -4.17 -0.85
N SER B 181 -50.01 -3.06 -0.84
CA SER B 181 -50.85 -2.68 -1.97
C SER B 181 -50.04 -2.25 -3.19
N GLY B 182 -48.74 -2.01 -3.03
CA GLY B 182 -47.91 -1.55 -4.11
C GLY B 182 -47.79 -0.05 -4.25
N ASP B 183 -48.51 0.72 -3.44
CA ASP B 183 -48.45 2.17 -3.50
C ASP B 183 -47.48 2.70 -2.45
N PRO B 184 -46.36 3.30 -2.85
CA PRO B 184 -45.38 3.74 -1.86
C PRO B 184 -45.87 4.95 -1.05
N SER B 185 -45.24 5.14 0.10
CA SER B 185 -45.56 6.25 0.98
C SER B 185 -44.27 6.76 1.61
N GLN B 186 -44.40 7.74 2.50
CA GLN B 186 -43.30 8.32 3.23
C GLN B 186 -43.07 7.55 4.54
N PRO B 187 -41.83 7.14 4.81
CA PRO B 187 -41.57 6.35 6.01
C PRO B 187 -41.81 7.15 7.29
N LEU B 188 -42.27 6.44 8.32
CA LEU B 188 -42.59 7.08 9.60
C LEU B 188 -41.37 7.12 10.52
N LEU B 189 -40.33 7.78 10.02
CA LEU B 189 -39.05 7.93 10.70
C LEU B 189 -38.56 9.35 10.44
N PRO B 190 -37.76 9.91 11.36
CA PRO B 190 -37.16 11.23 11.11
C PRO B 190 -36.38 11.28 9.81
N GLN B 191 -36.70 12.24 8.94
CA GLN B 191 -36.14 12.31 7.60
C GLN B 191 -34.89 13.19 7.53
N HIS B 192 -34.14 13.28 8.62
CA HIS B 192 -32.91 14.05 8.61
C HIS B 192 -31.85 13.39 7.74
N SER B 193 -31.06 14.21 7.07
CA SER B 193 -30.02 13.70 6.18
C SER B 193 -28.87 13.10 7.00
N SER B 194 -28.05 12.31 6.31
CA SER B 194 -26.93 11.63 6.96
C SER B 194 -25.81 12.61 7.28
N LEU B 195 -24.90 12.17 8.15
CA LEU B 195 -23.78 13.01 8.55
C LEU B 195 -22.75 13.16 7.44
N GLU B 196 -22.44 12.07 6.75
CA GLU B 196 -21.46 12.11 5.67
C GLU B 196 -21.91 13.02 4.55
N THR B 197 -23.19 12.96 4.19
CA THR B 197 -23.74 13.87 3.18
C THR B 197 -23.60 15.32 3.63
N GLN B 198 -24.04 15.62 4.86
CA GLN B 198 -24.03 16.98 5.36
C GLN B 198 -22.61 17.54 5.45
N LEU B 199 -21.63 16.68 5.68
CA LEU B 199 -20.25 17.13 5.89
C LEU B 199 -19.36 16.97 4.67
N PHE B 200 -19.85 16.36 3.59
CA PHE B 200 -19.03 16.19 2.40
C PHE B 200 -19.73 16.48 1.08
N CYS B 201 -20.95 17.03 1.10
CA CYS B 201 -21.66 17.30 -0.14
C CYS B 201 -21.87 18.79 -0.39
N GLU B 202 -22.41 19.52 0.58
CA GLU B 202 -22.64 20.95 0.40
C GLU B 202 -21.55 21.77 1.10
N HIS B 211 -14.62 13.80 -17.69
CA HIS B 211 -13.34 13.24 -17.26
C HIS B 211 -13.52 12.25 -16.12
N SER B 212 -14.69 12.32 -15.47
CA SER B 212 -14.97 11.41 -14.36
C SER B 212 -14.95 9.94 -14.76
N PRO B 213 -15.64 9.49 -15.82
CA PRO B 213 -15.54 8.06 -16.16
C PRO B 213 -14.14 7.62 -16.54
N SER B 214 -13.41 8.44 -17.29
CA SER B 214 -12.02 8.11 -17.63
C SER B 214 -11.15 8.05 -16.38
N GLY B 215 -11.33 9.00 -15.47
CA GLY B 215 -10.56 8.98 -14.24
C GLY B 215 -10.83 7.74 -13.41
N ILE B 216 -12.11 7.41 -13.19
CA ILE B 216 -12.43 6.25 -12.36
C ILE B 216 -12.02 4.96 -13.06
N LEU B 217 -11.97 4.94 -14.39
CA LEU B 217 -11.36 3.82 -15.08
C LEU B 217 -9.86 3.77 -14.82
N GLU B 218 -9.23 4.94 -14.66
CA GLU B 218 -7.80 4.95 -14.35
C GLU B 218 -7.51 4.41 -12.95
N LYS B 219 -8.29 4.82 -11.94
CA LYS B 219 -7.97 4.38 -10.57
C LYS B 219 -8.22 2.88 -10.36
N ILE B 220 -9.21 2.30 -11.03
CA ILE B 220 -9.53 0.89 -10.77
C ILE B 220 -8.37 0.01 -11.22
N PRO B 221 -7.99 -1.00 -10.43
CA PRO B 221 -6.91 -1.91 -10.83
C PRO B 221 -7.27 -2.67 -12.09
N PRO B 222 -6.28 -3.22 -12.81
CA PRO B 222 -6.60 -3.88 -14.09
C PRO B 222 -7.56 -5.05 -13.96
N ASP B 223 -7.35 -5.92 -12.98
CA ASP B 223 -8.21 -7.09 -12.77
C ASP B 223 -8.95 -6.89 -11.45
N SER B 224 -10.18 -6.38 -11.54
CA SER B 224 -10.99 -6.14 -10.36
C SER B 224 -12.43 -6.49 -10.67
N GLU B 225 -13.18 -6.86 -9.63
CA GLU B 225 -14.55 -7.32 -9.76
C GLU B 225 -15.48 -6.44 -8.94
N ALA B 226 -16.73 -6.36 -9.40
CA ALA B 226 -17.73 -5.49 -8.81
C ALA B 226 -18.57 -6.25 -7.80
N THR B 227 -19.07 -5.50 -6.82
CA THR B 227 -19.99 -5.99 -5.80
C THR B 227 -21.09 -4.96 -5.58
N LEU B 228 -22.32 -5.44 -5.46
CA LEU B 228 -23.47 -4.56 -5.26
C LEU B 228 -24.11 -4.88 -3.91
N VAL B 229 -24.40 -3.83 -3.15
CA VAL B 229 -25.18 -3.94 -1.92
C VAL B 229 -26.46 -3.13 -2.11
N LEU B 230 -27.60 -3.74 -1.80
CA LEU B 230 -28.91 -3.13 -1.96
C LEU B 230 -29.58 -3.04 -0.61
N VAL B 231 -30.05 -1.84 -0.26
CA VAL B 231 -30.71 -1.62 1.02
C VAL B 231 -32.12 -1.09 0.76
N GLY B 232 -33.03 -1.37 1.68
CA GLY B 232 -34.41 -0.92 1.56
C GLY B 232 -35.20 -1.28 2.80
N ARG B 233 -36.34 -0.59 2.94
CA ARG B 233 -37.24 -0.79 4.07
C ARG B 233 -38.62 -1.17 3.56
N ALA B 234 -39.20 -2.22 4.14
CA ALA B 234 -40.54 -2.65 3.82
C ALA B 234 -41.37 -2.73 5.09
N ASP B 235 -42.54 -2.09 5.08
CA ASP B 235 -43.36 -1.98 6.28
C ASP B 235 -44.09 -3.27 6.63
N PHE B 236 -44.37 -4.13 5.65
CA PHE B 236 -45.13 -5.34 5.92
C PHE B 236 -44.27 -6.47 6.47
N LEU B 237 -42.96 -6.31 6.50
CA LEU B 237 -42.08 -7.34 7.04
C LEU B 237 -42.15 -7.34 8.56
N GLU B 238 -41.47 -8.32 9.17
CA GLU B 238 -41.46 -8.47 10.62
C GLU B 238 -40.08 -8.41 11.24
N GLN B 239 -39.02 -8.63 10.46
CA GLN B 239 -37.66 -8.57 10.99
C GLN B 239 -36.72 -8.27 9.83
N PRO B 240 -35.57 -7.64 10.11
CA PRO B 240 -34.59 -7.43 9.04
C PRO B 240 -34.09 -8.76 8.49
N VAL B 241 -33.87 -8.80 7.18
CA VAL B 241 -33.39 -9.98 6.50
C VAL B 241 -32.15 -9.62 5.67
N LEU B 242 -31.14 -10.49 5.73
CA LEU B 242 -29.90 -10.33 5.00
C LEU B 242 -29.69 -11.53 4.08
N GLY B 243 -29.23 -11.23 2.87
CA GLY B 243 -28.91 -12.26 1.91
C GLY B 243 -27.58 -12.01 1.23
N PHE B 244 -26.65 -12.96 1.34
CA PHE B 244 -25.32 -12.84 0.78
C PHE B 244 -25.13 -13.91 -0.29
N VAL B 245 -24.79 -13.49 -1.50
CA VAL B 245 -24.66 -14.40 -2.64
C VAL B 245 -23.31 -14.17 -3.31
N ARG B 246 -22.63 -15.26 -3.63
CA ARG B 246 -21.40 -15.23 -4.40
C ARG B 246 -21.60 -16.08 -5.64
N LEU B 247 -21.52 -15.46 -6.81
CA LEU B 247 -21.68 -16.23 -8.05
C LEU B 247 -20.46 -17.09 -8.28
N GLN B 248 -20.67 -18.21 -8.98
CA GLN B 248 -19.56 -19.11 -9.27
C GLN B 248 -18.52 -18.44 -10.17
N GLU B 249 -18.97 -17.65 -11.16
CA GLU B 249 -18.05 -16.92 -12.01
C GLU B 249 -18.56 -15.50 -12.19
N ALA B 250 -17.64 -14.58 -12.42
CA ALA B 250 -18.00 -13.19 -12.65
C ALA B 250 -18.84 -13.06 -13.91
N ALA B 251 -19.95 -12.32 -13.81
CA ALA B 251 -20.85 -12.13 -14.93
C ALA B 251 -21.20 -10.65 -15.06
N GLU B 252 -21.40 -10.22 -16.31
CA GLU B 252 -21.80 -8.85 -16.61
C GLU B 252 -23.32 -8.85 -16.77
N LEU B 253 -24.01 -8.53 -15.68
CA LEU B 253 -25.47 -8.52 -15.69
C LEU B 253 -25.97 -7.36 -16.55
N GLU B 254 -26.99 -7.65 -17.37
CA GLU B 254 -27.42 -6.71 -18.40
C GLU B 254 -28.21 -5.54 -17.83
N ALA B 255 -29.06 -5.80 -16.83
CA ALA B 255 -30.01 -4.79 -16.36
C ALA B 255 -29.29 -3.56 -15.78
N VAL B 256 -28.24 -3.78 -15.01
CA VAL B 256 -27.50 -2.69 -14.40
C VAL B 256 -26.11 -2.64 -15.03
N GLU B 257 -25.66 -1.43 -15.38
CA GLU B 257 -24.44 -1.23 -16.13
C GLU B 257 -23.31 -0.83 -15.19
N LEU B 258 -22.23 -1.62 -15.21
CA LEU B 258 -21.00 -1.32 -14.48
C LEU B 258 -19.82 -1.60 -15.39
N PRO B 259 -18.70 -0.91 -15.18
CA PRO B 259 -17.49 -1.19 -15.99
C PRO B 259 -16.96 -2.60 -15.84
N VAL B 260 -17.14 -3.23 -14.68
CA VAL B 260 -16.51 -4.52 -14.40
C VAL B 260 -17.60 -5.51 -14.01
N PRO B 261 -17.38 -6.81 -14.24
CA PRO B 261 -18.42 -7.81 -13.95
C PRO B 261 -18.71 -7.95 -12.47
N ILE B 262 -19.93 -8.42 -12.18
CA ILE B 262 -20.43 -8.53 -10.82
C ILE B 262 -20.14 -9.92 -10.28
N ARG B 263 -19.69 -10.01 -9.04
CA ARG B 263 -19.43 -11.31 -8.41
C ARG B 263 -20.26 -11.55 -7.17
N PHE B 264 -20.32 -10.60 -6.26
CA PHE B 264 -21.07 -10.75 -5.01
C PHE B 264 -22.34 -9.91 -5.06
N LEU B 265 -23.24 -10.20 -4.13
CA LEU B 265 -24.52 -9.50 -4.08
C LEU B 265 -25.06 -9.55 -2.65
N PHE B 266 -25.44 -8.38 -2.14
CA PHE B 266 -26.04 -8.24 -0.82
C PHE B 266 -27.50 -7.79 -0.95
N VAL B 267 -28.35 -8.31 -0.09
CA VAL B 267 -29.74 -7.88 0.01
C VAL B 267 -30.05 -7.60 1.47
N LEU B 268 -30.47 -6.37 1.78
CA LEU B 268 -30.81 -5.97 3.14
C LEU B 268 -32.20 -5.38 3.15
N LEU B 269 -33.11 -6.03 3.89
CA LEU B 269 -34.48 -5.54 4.02
C LEU B 269 -34.89 -5.59 5.49
N GLY B 270 -36.10 -5.09 5.76
CA GLY B 270 -36.65 -5.14 7.09
C GLY B 270 -37.72 -4.09 7.34
N PRO B 271 -38.36 -4.16 8.52
CA PRO B 271 -39.39 -3.18 8.85
C PRO B 271 -38.83 -1.94 9.52
N GLU B 272 -39.70 -1.03 9.92
CA GLU B 272 -39.28 0.17 10.62
C GLU B 272 -39.00 -0.16 12.09
N ALA B 273 -37.75 -0.01 12.50
CA ALA B 273 -37.34 -0.36 13.85
C ALA B 273 -36.39 0.71 14.39
N PRO B 274 -36.36 0.91 15.70
CA PRO B 274 -35.45 1.90 16.27
C PRO B 274 -33.99 1.50 16.10
N HIS B 275 -33.13 2.52 16.09
CA HIS B 275 -31.68 2.36 15.96
C HIS B 275 -31.28 1.70 14.64
N ILE B 276 -32.12 1.80 13.62
CA ILE B 276 -31.85 1.17 12.32
C ILE B 276 -31.89 2.25 11.25
N ASP B 277 -30.74 2.53 10.67
CA ASP B 277 -30.62 3.33 9.46
C ASP B 277 -29.99 2.45 8.40
N TYR B 278 -30.76 2.12 7.35
CA TYR B 278 -30.32 1.10 6.41
C TYR B 278 -29.15 1.58 5.57
N THR B 279 -29.02 2.90 5.36
CA THR B 279 -27.85 3.43 4.67
C THR B 279 -26.58 3.12 5.45
N GLN B 280 -26.62 3.28 6.78
CA GLN B 280 -25.47 2.94 7.60
C GLN B 280 -25.19 1.44 7.60
N LEU B 281 -26.23 0.61 7.57
CA LEU B 281 -26.03 -0.83 7.47
C LEU B 281 -25.35 -1.20 6.15
N GLY B 282 -25.78 -0.59 5.05
CA GLY B 282 -25.12 -0.83 3.78
C GLY B 282 -23.68 -0.36 3.77
N ARG B 283 -23.43 0.80 4.41
CA ARG B 283 -22.05 1.28 4.54
C ARG B 283 -21.20 0.32 5.35
N ALA B 284 -21.77 -0.25 6.41
CA ALA B 284 -21.04 -1.24 7.21
C ALA B 284 -20.74 -2.50 6.40
N ALA B 285 -21.71 -2.95 5.60
CA ALA B 285 -21.47 -4.12 4.74
C ALA B 285 -20.37 -3.83 3.72
N ALA B 286 -20.40 -2.64 3.12
CA ALA B 286 -19.34 -2.24 2.19
C ALA B 286 -18.00 -2.18 2.90
N THR B 287 -17.96 -1.68 4.12
CA THR B 287 -16.72 -1.62 4.89
C THR B 287 -16.19 -3.02 5.18
N LEU B 288 -17.07 -3.96 5.51
CA LEU B 288 -16.66 -5.36 5.64
C LEU B 288 -16.03 -5.86 4.34
N MET B 289 -16.71 -5.64 3.22
CA MET B 289 -16.23 -6.12 1.93
C MET B 289 -14.95 -5.43 1.50
N SER B 290 -14.62 -4.27 2.08
CA SER B 290 -13.45 -3.51 1.70
C SER B 290 -12.15 -4.07 2.25
N GLU B 291 -12.22 -5.06 3.13
CA GLU B 291 -10.99 -5.62 3.69
C GLU B 291 -10.46 -6.76 2.82
N ARG B 292 -9.13 -6.89 2.79
CA ARG B 292 -8.51 -7.97 2.04
C ARG B 292 -8.77 -9.32 2.70
N VAL B 293 -8.59 -9.39 4.03
CA VAL B 293 -8.70 -10.67 4.74
C VAL B 293 -10.12 -11.20 4.67
N PHE B 294 -11.12 -10.32 4.86
CA PHE B 294 -12.50 -10.75 4.83
C PHE B 294 -12.90 -11.28 3.46
N ARG B 295 -12.45 -10.61 2.40
CA ARG B 295 -12.79 -11.10 1.06
C ARG B 295 -12.04 -12.37 0.71
N ILE B 296 -10.81 -12.54 1.22
CA ILE B 296 -10.10 -13.81 1.03
C ILE B 296 -10.85 -14.94 1.71
N ASP B 297 -11.28 -14.72 2.96
CA ASP B 297 -12.04 -15.73 3.68
C ASP B 297 -13.37 -16.01 3.00
N ALA B 298 -14.02 -14.99 2.44
CA ALA B 298 -15.28 -15.20 1.74
C ALA B 298 -15.08 -16.01 0.47
N TYR B 299 -13.98 -15.77 -0.25
CA TYR B 299 -13.66 -16.59 -1.41
C TYR B 299 -13.39 -18.03 -1.00
N MET B 300 -12.72 -18.23 0.13
CA MET B 300 -12.38 -19.58 0.57
C MET B 300 -13.50 -20.24 1.37
N ALA B 301 -14.55 -19.49 1.69
CA ALA B 301 -15.62 -20.00 2.53
C ALA B 301 -16.42 -21.09 1.84
N GLN B 302 -16.96 -22.00 2.66
CA GLN B 302 -17.86 -23.05 2.19
C GLN B 302 -19.17 -23.12 2.96
N SER B 303 -19.27 -22.45 4.10
CA SER B 303 -20.50 -22.45 4.89
C SER B 303 -20.63 -21.09 5.57
N ARG B 304 -21.67 -20.97 6.41
CA ARG B 304 -21.94 -19.73 7.13
C ARG B 304 -21.05 -19.56 8.36
N GLY B 305 -20.62 -20.66 8.97
CA GLY B 305 -19.78 -20.57 10.16
C GLY B 305 -18.44 -19.92 9.88
N GLU B 306 -17.86 -20.23 8.71
CA GLU B 306 -16.60 -19.61 8.33
C GLU B 306 -16.74 -18.10 8.14
N LEU B 307 -17.85 -17.68 7.51
CA LEU B 307 -18.09 -16.26 7.35
C LEU B 307 -18.29 -15.57 8.70
N LEU B 308 -19.01 -16.22 9.61
CA LEU B 308 -19.17 -15.66 10.95
C LEU B 308 -17.84 -15.54 11.67
N HIS B 309 -16.98 -16.54 11.52
CA HIS B 309 -15.65 -16.50 12.14
C HIS B 309 -14.82 -15.37 11.55
N SER B 310 -14.89 -15.17 10.23
CA SER B 310 -14.17 -14.06 9.62
C SER B 310 -14.72 -12.72 10.11
N LEU B 311 -16.04 -12.62 10.26
CA LEU B 311 -16.64 -11.38 10.74
C LEU B 311 -16.22 -11.06 12.17
N GLU B 312 -16.22 -12.06 13.05
CA GLU B 312 -15.79 -11.82 14.43
C GLU B 312 -14.31 -11.46 14.48
N GLY B 313 -13.48 -12.12 13.66
CA GLY B 313 -12.07 -11.76 13.59
C GLY B 313 -11.87 -10.33 13.11
N PHE B 314 -12.67 -9.90 12.14
CA PHE B 314 -12.60 -8.52 11.67
C PHE B 314 -12.97 -7.54 12.78
N LEU B 315 -14.06 -7.81 13.49
CA LEU B 315 -14.50 -6.86 14.51
C LEU B 315 -13.60 -6.87 15.74
N ASP B 316 -12.83 -7.95 15.93
CA ASP B 316 -11.92 -8.01 17.07
C ASP B 316 -10.83 -6.96 16.98
N CYS B 317 -10.44 -6.59 15.76
CA CYS B 317 -9.37 -5.61 15.55
C CYS B 317 -9.91 -4.23 15.21
N SER B 318 -11.04 -3.86 15.80
CA SER B 318 -11.62 -2.53 15.64
C SER B 318 -11.72 -1.86 17.00
N LEU B 319 -11.48 -0.55 17.01
CA LEU B 319 -11.46 0.22 18.24
C LEU B 319 -12.47 1.35 18.18
N VAL B 320 -13.05 1.65 19.34
CA VAL B 320 -14.05 2.71 19.48
C VAL B 320 -13.40 3.86 20.22
N LEU B 321 -13.62 5.08 19.74
CA LEU B 321 -13.12 6.28 20.38
C LEU B 321 -14.26 7.00 21.07
N PRO B 322 -14.27 7.08 22.39
CA PRO B 322 -15.37 7.74 23.09
C PRO B 322 -15.33 9.25 22.86
N PRO B 323 -16.41 9.96 23.16
CA PRO B 323 -16.36 11.42 23.06
C PRO B 323 -15.48 12.01 24.14
N THR B 324 -14.32 12.52 23.73
CA THR B 324 -13.35 13.10 24.65
C THR B 324 -13.25 14.60 24.41
N ASP B 325 -13.01 15.34 25.49
CA ASP B 325 -12.95 16.80 25.43
C ASP B 325 -11.60 17.31 24.96
N ALA B 326 -10.67 16.42 24.60
CA ALA B 326 -9.38 16.83 24.10
C ALA B 326 -9.52 17.42 22.69
N PRO B 327 -8.55 18.24 22.26
CA PRO B 327 -8.56 18.72 20.88
C PRO B 327 -8.49 17.59 19.87
N SER B 328 -9.15 17.80 18.73
CA SER B 328 -9.34 16.74 17.76
C SER B 328 -8.02 16.30 17.14
N GLU B 329 -7.13 17.24 16.82
CA GLU B 329 -5.92 16.92 16.07
C GLU B 329 -4.99 16.00 16.85
N GLN B 330 -4.71 16.33 18.12
CA GLN B 330 -3.81 15.50 18.90
C GLN B 330 -4.40 14.12 19.15
N ALA B 331 -5.70 14.04 19.44
CA ALA B 331 -6.35 12.75 19.64
C ALA B 331 -6.32 11.91 18.38
N LEU B 332 -6.52 12.53 17.22
CA LEU B 332 -6.51 11.81 15.95
C LEU B 332 -5.11 11.36 15.55
N LEU B 333 -4.07 12.12 15.91
CA LEU B 333 -2.72 11.65 15.61
C LEU B 333 -2.18 10.68 16.66
N SER B 334 -2.81 10.62 17.85
CA SER B 334 -2.38 9.67 18.87
C SER B 334 -2.84 8.24 18.60
N LEU B 335 -3.78 8.03 17.69
CA LEU B 335 -4.33 6.70 17.47
C LEU B 335 -3.52 5.86 16.49
N VAL B 336 -2.46 6.42 15.91
CA VAL B 336 -1.67 5.67 14.93
C VAL B 336 -1.00 4.44 15.54
N PRO B 337 -0.34 4.50 16.71
CA PRO B 337 0.33 3.28 17.21
C PRO B 337 -0.62 2.15 17.57
N VAL B 338 -1.78 2.44 18.16
CA VAL B 338 -2.72 1.38 18.48
C VAL B 338 -3.25 0.74 17.19
N GLN B 339 -3.45 1.55 16.15
CA GLN B 339 -3.84 1.00 14.85
C GLN B 339 -2.75 0.11 14.27
N ARG B 340 -1.48 0.51 14.43
CA ARG B 340 -0.37 -0.33 13.98
C ARG B 340 -0.36 -1.66 14.72
N GLU B 341 -0.60 -1.61 16.04
CA GLU B 341 -0.65 -2.84 16.83
C GLU B 341 -1.78 -3.74 16.37
N LEU B 342 -2.96 -3.15 16.11
CA LEU B 342 -4.11 -3.93 15.67
C LEU B 342 -3.85 -4.58 14.32
N LEU B 343 -3.25 -3.83 13.39
CA LEU B 343 -2.92 -4.40 12.09
C LEU B 343 -1.85 -5.49 12.19
N ARG B 344 -0.85 -5.28 13.05
CA ARG B 344 0.19 -6.31 13.22
C ARG B 344 -0.39 -7.59 13.80
N ARG B 345 -1.35 -7.47 14.71
CA ARG B 345 -2.05 -8.66 15.20
C ARG B 345 -3.01 -9.24 14.17
N ARG B 346 -3.50 -8.41 13.23
CA ARG B 346 -4.46 -8.88 12.24
C ARG B 346 -3.82 -9.79 11.21
N TYR B 347 -2.60 -9.47 10.77
CA TYR B 347 -1.96 -10.18 9.67
C TYR B 347 -1.15 -11.38 10.13
N GLN B 348 -1.21 -11.72 11.42
CA GLN B 348 -0.43 -12.83 11.95
C GLN B 348 -0.96 -14.16 11.43
N ASP B 369 13.66 -7.86 -24.72
CA ASP B 369 14.83 -7.71 -25.57
C ASP B 369 16.02 -7.18 -24.76
N ASP B 370 17.17 -7.84 -24.91
CA ASP B 370 18.39 -7.45 -24.23
C ASP B 370 19.30 -6.70 -25.19
N PRO B 371 19.79 -5.51 -24.81
CA PRO B 371 20.75 -4.82 -25.68
C PRO B 371 22.02 -5.61 -25.90
N LEU B 372 22.44 -6.39 -24.93
CA LEU B 372 23.65 -7.21 -25.00
C LEU B 372 23.28 -8.68 -24.85
N GLN B 373 23.77 -9.51 -25.76
CA GLN B 373 23.53 -10.95 -25.75
C GLN B 373 24.39 -11.59 -26.84
N GLN B 374 24.83 -12.81 -26.56
CA GLN B 374 25.65 -13.57 -27.51
C GLN B 374 24.75 -14.15 -28.60
N THR B 375 25.03 -13.80 -29.85
CA THR B 375 24.30 -14.32 -31.00
C THR B 375 25.26 -15.03 -31.94
N GLY B 376 24.89 -16.24 -32.34
CA GLY B 376 25.71 -17.08 -33.19
C GLY B 376 25.88 -16.62 -34.62
N GLN B 377 25.47 -15.39 -34.95
CA GLN B 377 25.63 -14.82 -36.28
C GLN B 377 26.69 -13.74 -36.24
N LEU B 378 27.51 -13.68 -37.30
CA LEU B 378 28.51 -12.63 -37.42
C LEU B 378 27.81 -11.29 -37.56
N PHE B 379 28.31 -10.29 -36.82
CA PHE B 379 27.75 -8.94 -36.80
C PHE B 379 26.29 -8.91 -36.38
N GLY B 380 25.89 -9.84 -35.51
CA GLY B 380 24.50 -9.92 -35.09
C GLY B 380 24.08 -8.73 -34.24
N GLY B 381 24.96 -8.28 -33.35
CA GLY B 381 24.63 -7.17 -32.48
C GLY B 381 24.35 -5.89 -33.26
N LEU B 382 25.11 -5.67 -34.34
CA LEU B 382 24.92 -4.47 -35.16
C LEU B 382 23.51 -4.43 -35.75
N VAL B 383 23.10 -5.53 -36.40
CA VAL B 383 21.79 -5.56 -37.04
C VAL B 383 20.68 -5.52 -36.00
N ARG B 384 20.87 -6.23 -34.89
CA ARG B 384 19.85 -6.23 -33.83
C ARG B 384 19.65 -4.83 -33.27
N ASP B 385 20.76 -4.12 -32.98
CA ASP B 385 20.65 -2.78 -32.42
C ASP B 385 20.07 -1.79 -33.41
N ILE B 386 20.47 -1.86 -34.69
CA ILE B 386 19.93 -0.92 -35.66
C ILE B 386 18.42 -1.14 -35.84
N ARG B 387 17.98 -2.40 -35.92
CA ARG B 387 16.56 -2.66 -36.04
C ARG B 387 15.81 -2.30 -34.76
N ARG B 388 16.50 -2.34 -33.61
CA ARG B 388 15.86 -1.92 -32.37
C ARG B 388 15.69 -0.42 -32.29
N ARG B 389 16.66 0.33 -32.81
CA ARG B 389 16.70 1.77 -32.55
C ARG B 389 16.15 2.63 -33.67
N TYR B 390 16.53 2.35 -34.92
CA TYR B 390 16.29 3.30 -36.00
C TYR B 390 14.83 3.66 -36.28
N PRO B 391 13.82 2.81 -36.04
CA PRO B 391 12.42 3.26 -36.21
C PRO B 391 12.00 4.43 -35.33
N TYR B 392 12.86 4.93 -34.44
CA TYR B 392 12.53 6.04 -33.57
C TYR B 392 13.08 7.38 -34.07
N TYR B 393 13.47 7.43 -35.34
CA TYR B 393 14.17 8.62 -35.86
C TYR B 393 13.23 9.82 -35.91
N LEU B 394 12.01 9.62 -36.41
CA LEU B 394 11.05 10.72 -36.46
C LEU B 394 10.65 11.18 -35.06
N SER B 395 10.55 10.24 -34.12
CA SER B 395 10.28 10.61 -32.73
C SER B 395 11.41 11.45 -32.16
N ASP B 396 12.65 11.09 -32.46
CA ASP B 396 13.80 11.88 -32.03
C ASP B 396 13.75 13.28 -32.64
N ILE B 397 13.34 13.37 -33.91
CA ILE B 397 13.23 14.68 -34.55
C ILE B 397 12.14 15.52 -33.90
N THR B 398 10.98 14.92 -33.61
CA THR B 398 9.86 15.71 -33.12
C THR B 398 10.00 16.11 -31.66
N ASP B 399 10.64 15.28 -30.83
CA ASP B 399 10.66 15.57 -29.40
C ASP B 399 11.57 16.74 -29.01
N ALA B 400 12.16 17.45 -29.97
CA ALA B 400 13.12 18.51 -29.66
C ALA B 400 12.55 19.92 -29.84
N PHE B 401 11.26 20.11 -29.61
CA PHE B 401 10.66 21.43 -29.79
C PHE B 401 10.42 22.17 -28.48
N SER B 402 10.90 21.65 -27.36
CA SER B 402 10.72 22.30 -26.07
C SER B 402 11.87 23.26 -25.77
N PRO B 403 11.61 24.33 -25.00
CA PRO B 403 12.69 25.25 -24.63
C PRO B 403 13.74 24.65 -23.72
N GLN B 404 13.42 23.56 -23.01
CA GLN B 404 14.42 22.89 -22.19
C GLN B 404 15.58 22.38 -23.04
N VAL B 405 15.30 21.98 -24.28
CA VAL B 405 16.36 21.60 -25.21
C VAL B 405 17.26 22.79 -25.51
N LEU B 406 16.67 23.97 -25.69
CA LEU B 406 17.47 25.17 -25.93
C LEU B 406 18.35 25.51 -24.72
N ALA B 407 17.79 25.39 -23.52
CA ALA B 407 18.59 25.64 -22.32
C ALA B 407 19.74 24.64 -22.19
N ALA B 408 19.47 23.36 -22.48
CA ALA B 408 20.52 22.37 -22.44
C ALA B 408 21.60 22.66 -23.49
N VAL B 409 21.19 23.12 -24.67
CA VAL B 409 22.15 23.45 -25.72
C VAL B 409 23.06 24.59 -25.28
N ILE B 410 22.46 25.66 -24.76
CA ILE B 410 23.27 26.82 -24.36
C ILE B 410 24.17 26.48 -23.18
N PHE B 411 23.74 25.55 -22.32
CA PHE B 411 24.58 25.12 -21.21
C PHE B 411 25.77 24.29 -21.71
N ILE B 412 25.47 23.21 -22.44
CA ILE B 412 26.51 22.30 -22.90
C ILE B 412 27.48 22.97 -23.88
N TYR B 413 27.06 24.04 -24.56
CA TYR B 413 27.98 24.74 -25.45
C TYR B 413 29.20 25.24 -24.70
N PHE B 414 28.98 26.00 -23.61
CA PHE B 414 30.09 26.45 -22.78
C PHE B 414 30.75 25.27 -22.07
N ALA B 415 29.94 24.34 -21.54
CA ALA B 415 30.47 23.22 -20.77
C ALA B 415 31.41 22.35 -21.59
N ALA B 416 31.26 22.35 -22.91
CA ALA B 416 32.16 21.61 -23.79
C ALA B 416 33.24 22.50 -24.41
N LEU B 417 32.98 23.79 -24.54
CA LEU B 417 33.98 24.67 -25.14
C LEU B 417 35.15 24.92 -24.20
N SER B 418 34.87 25.15 -22.91
CA SER B 418 35.95 25.49 -21.99
C SER B 418 36.98 24.36 -21.80
N PRO B 419 36.61 23.11 -21.51
CA PRO B 419 37.65 22.07 -21.45
C PRO B 419 38.37 21.89 -22.77
N ALA B 420 37.68 22.14 -23.88
CA ALA B 420 38.34 22.05 -25.19
C ALA B 420 39.48 23.06 -25.31
N ILE B 421 39.23 24.31 -24.95
CA ILE B 421 40.29 25.33 -25.03
C ILE B 421 41.42 25.02 -24.05
N THR B 422 41.07 24.58 -22.83
CA THR B 422 42.11 24.28 -21.85
C THR B 422 43.02 23.16 -22.33
N PHE B 423 42.42 22.04 -22.76
CA PHE B 423 43.19 20.92 -23.25
C PHE B 423 43.95 21.27 -24.52
N GLY B 424 43.36 22.10 -25.39
CA GLY B 424 44.06 22.51 -26.59
C GLY B 424 45.30 23.32 -26.28
N GLY B 425 45.19 24.25 -25.33
CA GLY B 425 46.38 25.01 -24.93
C GLY B 425 47.46 24.13 -24.35
N LEU B 426 47.10 23.23 -23.43
CA LEU B 426 48.11 22.35 -22.82
C LEU B 426 48.75 21.43 -23.87
N LEU B 427 47.92 20.84 -24.74
CA LEU B 427 48.40 19.95 -25.78
C LEU B 427 49.30 20.68 -26.78
N GLY B 428 48.93 21.90 -27.18
CA GLY B 428 49.76 22.65 -28.10
C GLY B 428 51.10 23.03 -27.48
N GLU B 429 51.10 23.44 -26.22
CA GLU B 429 52.37 23.77 -25.58
C GLU B 429 53.18 22.52 -25.25
N LYS B 430 52.57 21.34 -25.31
CA LYS B 430 53.29 20.11 -25.00
C LYS B 430 53.98 19.47 -26.21
N THR B 431 53.39 19.57 -27.41
CA THR B 431 53.90 18.88 -28.58
C THR B 431 54.61 19.80 -29.56
N ARG B 432 55.18 20.89 -29.05
CA ARG B 432 55.92 21.89 -29.85
C ARG B 432 55.06 22.42 -30.98
N ASN B 433 53.79 22.65 -30.68
CA ASN B 433 52.83 23.31 -31.56
C ASN B 433 52.60 22.57 -32.88
N GLN B 434 52.91 21.27 -32.95
CA GLN B 434 52.59 20.51 -34.15
C GLN B 434 51.09 20.41 -34.35
N MET B 435 50.35 20.14 -33.29
CA MET B 435 48.89 20.12 -33.31
C MET B 435 48.39 20.94 -32.14
N GLY B 436 47.39 21.79 -32.38
CA GLY B 436 47.01 22.81 -31.43
C GLY B 436 45.52 22.83 -31.15
N VAL B 437 44.97 24.04 -31.04
CA VAL B 437 43.60 24.21 -30.58
C VAL B 437 42.61 24.08 -31.73
N SER B 438 42.92 24.68 -32.88
CA SER B 438 41.99 24.66 -34.01
C SER B 438 41.72 23.24 -34.47
N GLU B 439 42.76 22.41 -34.52
CA GLU B 439 42.58 21.01 -34.90
C GLU B 439 41.66 20.28 -33.93
N LEU B 440 41.85 20.50 -32.63
CA LEU B 440 41.00 19.88 -31.63
C LEU B 440 39.56 20.34 -31.77
N LEU B 441 39.35 21.64 -32.00
CA LEU B 441 38.00 22.17 -32.12
C LEU B 441 37.30 21.60 -33.35
N ILE B 442 37.96 21.59 -34.50
CA ILE B 442 37.32 21.10 -35.72
C ILE B 442 37.06 19.60 -35.60
N SER B 443 37.98 18.85 -34.98
CA SER B 443 37.73 17.42 -34.78
C SER B 443 36.55 17.21 -33.85
N THR B 444 36.45 18.00 -32.77
CA THR B 444 35.32 17.87 -31.86
C THR B 444 34.02 18.11 -32.59
N ALA B 445 33.99 19.14 -33.45
CA ALA B 445 32.80 19.41 -34.25
C ALA B 445 32.48 18.25 -35.17
N VAL B 446 33.50 17.68 -35.82
CA VAL B 446 33.28 16.63 -36.82
C VAL B 446 32.69 15.38 -36.18
N GLN B 447 33.33 14.86 -35.12
CA GLN B 447 32.68 13.70 -34.51
C GLN B 447 31.43 14.06 -33.73
N GLY B 448 31.22 15.32 -33.34
CA GLY B 448 29.97 15.66 -32.71
C GLY B 448 28.80 15.57 -33.66
N ILE B 449 28.95 16.18 -34.84
CA ILE B 449 27.87 16.11 -35.83
C ILE B 449 27.68 14.68 -36.30
N LEU B 450 28.78 13.96 -36.54
CA LEU B 450 28.66 12.59 -37.06
C LEU B 450 28.01 11.65 -36.06
N PHE B 451 28.40 11.75 -34.77
CA PHE B 451 27.79 10.89 -33.76
C PHE B 451 26.35 11.29 -33.49
N ALA B 452 26.03 12.59 -33.58
CA ALA B 452 24.64 13.00 -33.41
C ALA B 452 23.78 12.46 -34.54
N LEU B 453 24.31 12.43 -35.77
CA LEU B 453 23.52 11.94 -36.89
C LEU B 453 23.39 10.42 -36.87
N LEU B 454 24.47 9.69 -36.60
CA LEU B 454 24.50 8.25 -36.77
C LEU B 454 24.59 7.46 -35.46
N GLY B 455 24.44 8.11 -34.31
CA GLY B 455 24.59 7.42 -33.05
C GLY B 455 23.33 6.68 -32.63
N ALA B 456 23.53 5.71 -31.75
CA ALA B 456 22.42 4.95 -31.17
C ALA B 456 21.90 5.60 -29.89
N GLN B 457 22.80 6.12 -29.07
CA GLN B 457 22.43 6.89 -27.88
C GLN B 457 22.94 8.31 -28.07
N PRO B 458 22.10 9.24 -28.52
CA PRO B 458 22.59 10.57 -28.88
C PRO B 458 22.77 11.50 -27.68
N LEU B 459 22.71 10.95 -26.47
CA LEU B 459 22.92 11.74 -25.26
C LEU B 459 24.38 11.76 -24.82
N LEU B 460 25.24 11.03 -25.51
CA LEU B 460 26.66 11.04 -25.19
C LEU B 460 27.34 12.27 -25.79
N VAL B 461 28.37 12.75 -25.11
CA VAL B 461 29.18 13.88 -25.56
C VAL B 461 30.62 13.41 -25.63
N VAL B 462 31.23 13.53 -26.80
CA VAL B 462 32.60 13.09 -27.03
C VAL B 462 33.53 14.28 -26.86
N GLY B 463 34.71 14.02 -26.30
CA GLY B 463 35.69 15.07 -26.11
C GLY B 463 36.98 14.50 -25.54
N PHE B 464 37.99 15.37 -25.48
CA PHE B 464 39.28 14.95 -24.96
C PHE B 464 39.23 14.83 -23.44
N SER B 465 40.13 14.01 -22.90
CA SER B 465 40.19 13.73 -21.47
C SER B 465 41.62 13.85 -20.96
N GLY B 466 41.83 13.44 -19.72
CA GLY B 466 43.11 13.51 -19.06
C GLY B 466 44.04 12.35 -19.35
N PRO B 467 43.55 11.11 -19.18
CA PRO B 467 44.38 9.96 -19.56
C PRO B 467 44.82 9.97 -21.01
N LEU B 468 43.98 10.49 -21.91
CA LEU B 468 44.41 10.67 -23.30
C LEU B 468 45.61 11.61 -23.39
N LEU B 469 45.57 12.70 -22.62
CA LEU B 469 46.71 13.62 -22.58
C LEU B 469 47.95 12.94 -22.03
N VAL B 470 47.79 12.11 -21.00
CA VAL B 470 48.93 11.39 -20.44
C VAL B 470 49.51 10.42 -21.47
N PHE B 471 48.64 9.77 -22.25
CA PHE B 471 49.10 8.88 -23.31
C PHE B 471 49.88 9.64 -24.37
N GLU B 472 49.35 10.77 -24.83
CA GLU B 472 50.06 11.57 -25.82
C GLU B 472 51.39 12.06 -25.28
N GLU B 473 51.43 12.42 -23.99
CA GLU B 473 52.69 12.81 -23.36
C GLU B 473 53.71 11.68 -23.41
N ALA B 474 53.32 10.49 -22.96
CA ALA B 474 54.22 9.34 -22.97
C ALA B 474 54.70 9.02 -24.39
N PHE B 475 53.79 9.07 -25.37
CA PHE B 475 54.16 8.76 -26.74
C PHE B 475 55.14 9.80 -27.29
N PHE B 476 54.91 11.08 -26.99
CA PHE B 476 55.84 12.13 -27.41
C PHE B 476 57.21 11.94 -26.77
N SER B 477 57.23 11.58 -25.49
CA SER B 477 58.50 11.32 -24.82
C SER B 477 59.23 10.16 -25.48
N PHE B 478 58.51 9.09 -25.81
CA PHE B 478 59.12 7.93 -26.46
C PHE B 478 59.68 8.29 -27.82
N CYS B 479 58.90 9.04 -28.62
CA CYS B 479 59.35 9.43 -29.95
C CYS B 479 60.55 10.37 -29.89
N GLU B 480 60.56 11.31 -28.95
CA GLU B 480 61.70 12.20 -28.80
C GLU B 480 62.94 11.42 -28.34
N THR B 481 62.75 10.44 -27.46
CA THR B 481 63.88 9.62 -27.00
C THR B 481 64.47 8.84 -28.16
N ASN B 482 63.63 8.23 -28.99
CA ASN B 482 64.14 7.44 -30.10
C ASN B 482 64.53 8.28 -31.31
N GLY B 483 64.14 9.55 -31.34
CA GLY B 483 64.49 10.41 -32.45
C GLY B 483 63.64 10.21 -33.68
N LEU B 484 62.53 9.48 -33.58
CA LEU B 484 61.63 9.21 -34.69
C LEU B 484 60.47 10.20 -34.67
N GLU B 485 59.80 10.31 -35.81
CA GLU B 485 58.72 11.29 -35.99
C GLU B 485 57.55 10.98 -35.05
N TYR B 486 56.81 12.04 -34.72
CA TYR B 486 55.70 11.94 -33.78
C TYR B 486 54.35 11.81 -34.49
N ILE B 487 54.04 12.70 -35.43
CA ILE B 487 52.71 12.74 -36.02
C ILE B 487 52.51 11.61 -37.03
N VAL B 488 53.59 10.97 -37.47
CA VAL B 488 53.45 9.96 -38.51
C VAL B 488 53.02 8.61 -37.91
N GLY B 489 53.62 8.23 -36.79
CA GLY B 489 53.27 6.95 -36.17
C GLY B 489 51.83 6.88 -35.72
N ARG B 490 51.20 8.04 -35.47
CA ARG B 490 49.80 8.06 -35.08
C ARG B 490 48.91 7.51 -36.19
N VAL B 491 49.30 7.68 -37.45
CA VAL B 491 48.54 7.12 -38.57
C VAL B 491 48.53 5.60 -38.50
N TRP B 492 49.70 5.00 -38.30
CA TRP B 492 49.77 3.54 -38.21
C TRP B 492 49.06 3.03 -36.96
N ILE B 493 49.14 3.79 -35.87
CA ILE B 493 48.37 3.43 -34.67
C ILE B 493 46.89 3.42 -34.99
N GLY B 494 46.41 4.44 -35.71
CA GLY B 494 45.00 4.48 -36.08
C GLY B 494 44.61 3.32 -36.99
N PHE B 495 45.52 2.93 -37.89
CA PHE B 495 45.26 1.75 -38.72
C PHE B 495 45.09 0.50 -37.86
N TRP B 496 45.95 0.35 -36.84
CA TRP B 496 45.81 -0.79 -35.93
C TRP B 496 44.50 -0.72 -35.16
N LEU B 497 44.09 0.48 -34.74
CA LEU B 497 42.76 0.63 -34.12
C LEU B 497 41.64 0.20 -35.05
N ILE B 498 41.73 0.57 -36.32
CA ILE B 498 40.69 0.17 -37.28
C ILE B 498 40.62 -1.35 -37.39
N LEU B 499 41.78 -1.99 -37.53
CA LEU B 499 41.80 -3.45 -37.64
C LEU B 499 41.25 -4.11 -36.37
N LEU B 500 41.67 -3.63 -35.21
CA LEU B 500 41.21 -4.22 -33.95
C LEU B 500 39.71 -4.01 -33.77
N VAL B 501 39.19 -2.83 -34.10
CA VAL B 501 37.77 -2.60 -33.88
C VAL B 501 36.92 -3.41 -34.85
N VAL B 502 37.36 -3.56 -36.11
CA VAL B 502 36.57 -4.38 -37.03
C VAL B 502 36.57 -5.84 -36.59
N LEU B 503 37.74 -6.37 -36.17
CA LEU B 503 37.76 -7.76 -35.71
C LEU B 503 36.92 -7.94 -34.45
N VAL B 504 36.93 -6.95 -33.56
CA VAL B 504 36.16 -7.07 -32.32
C VAL B 504 34.66 -7.01 -32.60
N VAL B 505 34.22 -6.04 -33.41
CA VAL B 505 32.79 -5.91 -33.69
C VAL B 505 32.30 -7.10 -34.51
N ALA B 506 33.19 -7.75 -35.25
CA ALA B 506 32.79 -8.94 -36.00
C ALA B 506 32.31 -10.04 -35.05
N PHE B 507 32.99 -10.22 -33.93
CA PHE B 507 32.64 -11.27 -32.97
C PHE B 507 31.88 -10.74 -31.76
N GLU B 508 31.27 -9.54 -31.88
CA GLU B 508 30.44 -8.89 -30.86
C GLU B 508 30.98 -9.04 -29.44
N GLY B 509 32.28 -8.83 -29.28
CA GLY B 509 32.95 -9.09 -28.02
C GLY B 509 32.70 -8.09 -26.91
N SER B 510 31.58 -7.38 -26.95
CA SER B 510 31.22 -6.44 -25.91
C SER B 510 30.41 -7.06 -24.78
N PHE B 511 29.96 -8.32 -24.94
CA PHE B 511 29.09 -8.94 -23.95
C PHE B 511 29.76 -9.08 -22.58
N LEU B 512 31.09 -9.03 -22.52
CA LEU B 512 31.79 -9.07 -21.24
C LEU B 512 31.38 -7.93 -20.32
N VAL B 513 30.83 -6.84 -20.89
CA VAL B 513 30.37 -5.74 -20.06
C VAL B 513 29.26 -6.17 -19.10
N ARG B 514 28.58 -7.29 -19.39
CA ARG B 514 27.58 -7.78 -18.44
C ARG B 514 28.21 -8.19 -17.12
N PHE B 515 29.48 -8.60 -17.14
CA PHE B 515 30.14 -9.04 -15.92
C PHE B 515 30.58 -7.87 -15.04
N ILE B 516 30.57 -6.66 -15.57
CA ILE B 516 30.92 -5.47 -14.79
C ILE B 516 29.69 -5.08 -13.97
N SER B 517 29.83 -5.09 -12.65
CA SER B 517 28.70 -4.83 -11.77
C SER B 517 28.64 -3.34 -11.44
N ARG B 518 27.78 -2.99 -10.48
CA ARG B 518 27.61 -1.60 -10.07
C ARG B 518 28.85 -1.08 -9.34
N TYR B 519 29.65 -1.98 -8.78
CA TYR B 519 30.87 -1.63 -8.07
C TYR B 519 31.76 -0.68 -8.89
N THR B 520 32.16 -1.16 -10.07
CA THR B 520 33.08 -0.38 -10.91
C THR B 520 32.44 0.92 -11.35
N GLN B 521 31.14 0.89 -11.66
CA GLN B 521 30.44 2.09 -12.09
C GLN B 521 30.49 3.17 -11.02
N GLU B 522 30.13 2.80 -9.79
CA GLU B 522 30.10 3.77 -8.69
C GLU B 522 31.49 4.29 -8.37
N ILE B 523 32.49 3.40 -8.30
CA ILE B 523 33.84 3.85 -7.95
C ILE B 523 34.37 4.80 -9.02
N PHE B 524 34.17 4.48 -10.30
CA PHE B 524 34.65 5.34 -11.36
C PHE B 524 33.96 6.70 -11.32
N SER B 525 32.63 6.71 -11.14
CA SER B 525 31.91 7.98 -11.13
C SER B 525 32.36 8.87 -9.97
N PHE B 526 32.49 8.26 -8.78
CA PHE B 526 32.93 9.02 -7.61
C PHE B 526 34.34 9.59 -7.82
N LEU B 527 35.25 8.76 -8.34
CA LEU B 527 36.61 9.22 -8.56
C LEU B 527 36.65 10.36 -9.58
N ILE B 528 35.88 10.24 -10.67
CA ILE B 528 35.90 11.27 -11.70
C ILE B 528 35.36 12.59 -11.17
N SER B 529 34.25 12.53 -10.44
CA SER B 529 33.69 13.77 -9.89
C SER B 529 34.65 14.42 -8.90
N LEU B 530 35.29 13.61 -8.06
CA LEU B 530 36.19 14.16 -7.06
C LEU B 530 37.42 14.80 -7.70
N ILE B 531 38.01 14.14 -8.71
CA ILE B 531 39.18 14.74 -9.36
C ILE B 531 38.78 16.00 -10.11
N PHE B 532 37.58 16.02 -10.70
CA PHE B 532 37.11 17.23 -11.37
C PHE B 532 37.04 18.40 -10.41
N ILE B 533 36.42 18.19 -9.24
CA ILE B 533 36.30 19.27 -8.26
C ILE B 533 37.67 19.71 -7.76
N TYR B 534 38.55 18.75 -7.47
CA TYR B 534 39.89 19.09 -7.00
C TYR B 534 40.67 19.86 -8.05
N GLU B 535 40.53 19.48 -9.32
CA GLU B 535 41.23 20.17 -10.40
C GLU B 535 40.72 21.60 -10.54
N THR B 536 39.40 21.81 -10.39
CA THR B 536 38.88 23.17 -10.43
C THR B 536 39.46 24.02 -9.30
N PHE B 537 39.50 23.46 -8.09
CA PHE B 537 40.09 24.20 -6.98
C PHE B 537 41.58 24.45 -7.19
N SER B 538 42.29 23.51 -7.82
CA SER B 538 43.70 23.70 -8.11
C SER B 538 43.90 24.83 -9.12
N LYS B 539 43.01 24.91 -10.12
CA LYS B 539 43.08 26.03 -11.05
C LYS B 539 42.87 27.36 -10.33
N LEU B 540 41.92 27.40 -9.40
CA LEU B 540 41.74 28.62 -8.61
C LEU B 540 42.98 28.96 -7.79
N ILE B 541 43.61 27.96 -7.18
CA ILE B 541 44.82 28.20 -6.41
C ILE B 541 45.93 28.72 -7.30
N LYS B 542 46.04 28.18 -8.52
CA LYS B 542 47.04 28.68 -9.46
C LYS B 542 46.79 30.14 -9.84
N ILE B 543 45.54 30.49 -10.12
CA ILE B 543 45.21 31.86 -10.46
C ILE B 543 45.53 32.80 -9.31
N PHE B 544 45.19 32.37 -8.08
CA PHE B 544 45.53 33.18 -6.91
C PHE B 544 47.04 33.34 -6.74
N GLN B 545 47.80 32.27 -6.97
CA GLN B 545 49.24 32.33 -6.79
C GLN B 545 49.91 33.17 -7.87
N ASP B 546 49.26 33.32 -9.04
CA ASP B 546 49.87 34.10 -10.11
C ASP B 546 49.99 35.58 -9.75
N HIS B 547 49.01 36.12 -9.02
CA HIS B 547 49.03 37.51 -8.57
C HIS B 547 48.74 37.54 -7.08
N PRO B 548 49.75 37.29 -6.25
CA PRO B 548 49.53 37.32 -4.79
C PRO B 548 49.31 38.73 -4.27
N LEU B 549 49.01 38.86 -2.99
CA LEU B 549 48.70 40.16 -2.40
C LEU B 549 49.97 40.73 -1.75
N GLN B 550 50.33 41.93 -2.18
CA GLN B 550 51.50 42.65 -1.67
C GLN B 550 51.06 44.03 -1.21
N LYS B 551 52.03 44.81 -0.74
CA LYS B 551 51.76 46.19 -0.34
C LYS B 551 52.04 47.18 -1.47
N THR B 552 52.99 46.88 -2.35
CA THR B 552 53.33 47.77 -3.44
C THR B 552 53.39 46.99 -4.75
N TYR B 553 52.95 47.63 -5.82
CA TYR B 553 52.98 47.05 -7.16
C TYR B 553 53.52 48.08 -8.15
N ASN B 554 54.28 47.61 -9.11
CA ASN B 554 54.74 48.46 -10.21
C ASN B 554 53.61 48.68 -11.19
N TYR B 555 53.45 49.93 -11.62
CA TYR B 555 52.38 50.29 -12.55
C TYR B 555 52.89 50.57 -13.95
N ASN B 556 54.21 50.49 -14.18
CA ASN B 556 54.78 50.58 -15.51
C ASN B 556 55.10 49.18 -16.05
N VAL B 557 54.03 48.42 -16.26
CA VAL B 557 54.13 47.02 -16.67
C VAL B 557 53.37 46.84 -17.98
N LEU B 558 53.99 46.14 -18.92
CA LEU B 558 53.37 45.83 -20.20
C LEU B 558 52.31 44.75 -20.00
N MET B 559 51.17 44.90 -20.68
CA MET B 559 50.06 43.96 -20.58
C MET B 559 49.61 43.49 -21.96
N VAL B 560 50.48 43.65 -22.96
CA VAL B 560 50.13 43.29 -24.34
C VAL B 560 50.16 41.77 -24.56
N PRO B 561 51.27 41.06 -24.27
CA PRO B 561 51.22 39.60 -24.52
C PRO B 561 50.44 38.83 -23.47
N LYS B 562 50.65 39.14 -22.18
CA LYS B 562 50.02 38.46 -21.06
C LYS B 562 50.37 39.20 -19.77
N PRO B 563 49.67 38.97 -18.64
CA PRO B 563 49.91 39.71 -17.39
C PRO B 563 51.31 39.51 -16.79
N GLN B 564 52.17 40.52 -16.90
CA GLN B 564 53.48 40.48 -16.28
C GLN B 564 53.40 41.06 -14.87
N GLY B 565 53.87 40.30 -13.88
CA GLY B 565 53.92 40.77 -12.53
C GLY B 565 52.58 40.70 -11.83
N PRO B 566 52.58 40.92 -10.52
CA PRO B 566 51.32 40.87 -9.76
C PRO B 566 50.43 42.06 -10.10
N LEU B 567 49.14 41.88 -9.88
CA LEU B 567 48.16 42.93 -10.09
C LEU B 567 47.26 43.04 -8.86
N PRO B 568 46.76 44.25 -8.55
CA PRO B 568 46.05 44.46 -7.28
C PRO B 568 44.74 43.70 -7.13
N ASN B 569 43.79 43.89 -8.06
CA ASN B 569 42.40 43.57 -7.81
C ASN B 569 41.86 42.44 -8.68
N THR B 570 42.73 41.63 -9.29
CA THR B 570 42.23 40.60 -10.21
C THR B 570 41.71 39.39 -9.46
N ALA B 571 42.51 38.83 -8.54
CA ALA B 571 42.17 37.55 -7.92
C ALA B 571 40.91 37.65 -7.06
N LEU B 572 40.79 38.72 -6.28
CA LEU B 572 39.63 38.84 -5.40
C LEU B 572 38.35 39.05 -6.17
N LEU B 573 38.39 39.85 -7.24
CA LEU B 573 37.19 40.03 -8.05
C LEU B 573 36.82 38.74 -8.77
N SER B 574 37.82 37.98 -9.22
CA SER B 574 37.53 36.69 -9.85
C SER B 574 36.87 35.74 -8.87
N LEU B 575 37.39 35.69 -7.64
CA LEU B 575 36.78 34.84 -6.61
C LEU B 575 35.36 35.29 -6.30
N VAL B 576 35.13 36.60 -6.25
CA VAL B 576 33.80 37.13 -6.02
C VAL B 576 32.86 36.69 -7.13
N LEU B 577 33.33 36.77 -8.39
CA LEU B 577 32.49 36.37 -9.51
C LEU B 577 32.14 34.88 -9.42
N MET B 578 33.12 34.04 -9.09
CA MET B 578 32.85 32.61 -8.96
C MET B 578 31.83 32.32 -7.87
N ALA B 579 32.03 32.92 -6.69
CA ALA B 579 31.11 32.68 -5.58
C ALA B 579 29.70 33.14 -5.92
N GLY B 580 29.59 34.32 -6.54
CA GLY B 580 28.27 34.81 -6.94
C GLY B 580 27.61 33.91 -7.95
N THR B 581 28.37 33.44 -8.94
CA THR B 581 27.81 32.57 -9.96
C THR B 581 27.30 31.27 -9.37
N PHE B 582 28.09 30.63 -8.51
CA PHE B 582 27.67 29.38 -7.89
C PHE B 582 26.44 29.59 -7.01
N PHE B 583 26.45 30.68 -6.21
CA PHE B 583 25.33 30.95 -5.33
C PHE B 583 24.05 31.21 -6.11
N PHE B 584 24.14 32.00 -7.18
CA PHE B 584 22.96 32.29 -7.99
C PHE B 584 22.45 31.05 -8.70
N ALA B 585 23.35 30.21 -9.22
CA ALA B 585 22.92 28.99 -9.88
C ALA B 585 22.18 28.08 -8.91
N MET B 586 22.71 27.92 -7.70
CA MET B 586 22.04 27.09 -6.70
C MET B 586 20.70 27.69 -6.29
N MET B 587 20.65 29.02 -6.14
CA MET B 587 19.41 29.68 -5.73
C MET B 587 18.32 29.51 -6.79
N LEU B 588 18.67 29.67 -8.07
CA LEU B 588 17.68 29.47 -9.12
C LEU B 588 17.27 28.01 -9.24
N ARG B 589 18.21 27.07 -9.06
CA ARG B 589 17.84 25.66 -9.08
C ARG B 589 16.84 25.34 -7.98
N LYS B 590 17.07 25.87 -6.78
CA LYS B 590 16.10 25.68 -5.70
C LYS B 590 14.78 26.37 -6.01
N PHE B 591 14.82 27.58 -6.57
CA PHE B 591 13.61 28.34 -6.85
C PHE B 591 12.76 27.66 -7.92
N LYS B 592 13.38 26.85 -8.79
CA LYS B 592 12.61 26.09 -9.76
C LYS B 592 11.60 25.18 -9.07
N ASN B 593 11.99 24.58 -7.95
CA ASN B 593 11.12 23.66 -7.22
C ASN B 593 10.25 24.37 -6.18
N SER B 594 10.27 25.70 -6.15
CA SER B 594 9.50 26.45 -5.16
C SER B 594 8.04 26.52 -5.58
N SER B 595 7.25 27.33 -4.86
CA SER B 595 5.83 27.50 -5.12
C SER B 595 5.46 28.98 -5.07
N TYR B 596 6.24 29.81 -5.75
CA TYR B 596 6.11 31.25 -5.64
C TYR B 596 5.54 31.90 -6.90
N PHE B 597 5.24 31.12 -7.92
CA PHE B 597 4.76 31.69 -9.18
C PHE B 597 3.84 30.72 -9.91
N PRO B 598 3.12 31.17 -10.94
CA PRO B 598 2.38 30.22 -11.80
C PRO B 598 3.32 29.20 -12.41
N GLY B 599 2.79 27.97 -12.59
CA GLY B 599 3.65 26.85 -12.94
C GLY B 599 4.41 27.04 -14.24
N LYS B 600 3.72 27.55 -15.28
CA LYS B 600 4.38 27.76 -16.55
C LYS B 600 5.51 28.78 -16.43
N LEU B 601 5.22 29.94 -15.84
CA LEU B 601 6.23 30.98 -15.68
C LEU B 601 7.37 30.52 -14.77
N ARG B 602 7.02 29.85 -13.67
CA ARG B 602 8.05 29.37 -12.75
C ARG B 602 8.98 28.37 -13.44
N ARG B 603 8.41 27.43 -14.20
CA ARG B 603 9.22 26.41 -14.84
C ARG B 603 10.08 26.99 -15.96
N VAL B 604 9.53 27.93 -16.74
CA VAL B 604 10.35 28.52 -17.81
C VAL B 604 11.46 29.39 -17.23
N ILE B 605 11.18 30.10 -16.14
CA ILE B 605 12.21 30.91 -15.50
C ILE B 605 13.31 30.02 -14.92
N GLY B 606 12.92 28.94 -14.23
CA GLY B 606 13.92 28.04 -13.66
C GLY B 606 14.66 27.24 -14.70
N ASP B 607 14.08 27.06 -15.88
CA ASP B 607 14.71 26.27 -16.92
C ASP B 607 15.95 26.95 -17.49
N PHE B 608 16.01 28.29 -17.45
CA PHE B 608 17.15 29.04 -17.93
C PHE B 608 18.00 29.62 -16.81
N GLY B 609 18.10 28.91 -15.68
CA GLY B 609 18.77 29.48 -14.52
C GLY B 609 20.25 29.73 -14.75
N VAL B 610 20.95 28.76 -15.33
CA VAL B 610 22.38 28.88 -15.59
C VAL B 610 22.67 30.00 -16.60
N PRO B 611 21.99 30.07 -17.76
CA PRO B 611 22.22 31.24 -18.63
C PRO B 611 21.83 32.56 -17.99
N ILE B 612 20.81 32.58 -17.13
CA ILE B 612 20.44 33.82 -16.45
C ILE B 612 21.57 34.29 -15.54
N SER B 613 22.14 33.36 -14.76
CA SER B 613 23.27 33.72 -13.91
C SER B 613 24.46 34.18 -14.74
N ILE B 614 24.73 33.49 -15.86
CA ILE B 614 25.84 33.86 -16.71
C ILE B 614 25.65 35.26 -17.28
N LEU B 615 24.45 35.57 -17.77
CA LEU B 615 24.20 36.89 -18.33
C LEU B 615 24.28 37.96 -17.25
N ILE B 616 23.78 37.66 -16.05
CA ILE B 616 23.88 38.62 -14.94
C ILE B 616 25.34 38.95 -14.66
N MET B 617 26.18 37.94 -14.59
CA MET B 617 27.58 38.20 -14.25
C MET B 617 28.35 38.85 -15.39
N VAL B 618 28.03 38.52 -16.65
CA VAL B 618 28.71 39.22 -17.75
C VAL B 618 28.30 40.68 -17.78
N LEU B 619 27.03 40.98 -17.46
CA LEU B 619 26.64 42.38 -17.33
C LEU B 619 27.41 43.04 -16.18
N VAL B 620 27.57 42.32 -15.06
CA VAL B 620 28.24 42.87 -13.89
C VAL B 620 29.70 43.24 -14.20
N ASP B 621 30.46 42.31 -14.78
CA ASP B 621 31.86 42.63 -15.05
C ASP B 621 32.00 43.56 -16.25
N PHE B 622 31.04 43.54 -17.19
CA PHE B 622 31.09 44.47 -18.30
C PHE B 622 30.86 45.90 -17.84
N PHE B 623 30.05 46.08 -16.79
CA PHE B 623 29.87 47.42 -16.24
C PHE B 623 31.14 47.94 -15.58
N ILE B 624 31.94 47.05 -15.00
CA ILE B 624 33.21 47.43 -14.41
C ILE B 624 34.22 47.69 -15.54
N GLN B 625 34.99 48.77 -15.40
CA GLN B 625 35.83 49.25 -16.50
C GLN B 625 37.32 49.05 -16.25
N ASP B 626 37.84 49.55 -15.14
CA ASP B 626 39.28 49.74 -14.99
C ASP B 626 40.06 48.45 -14.74
N THR B 627 39.53 47.53 -13.93
CA THR B 627 40.28 46.33 -13.57
C THR B 627 40.31 45.35 -14.73
N TYR B 628 41.35 44.52 -14.76
CA TYR B 628 41.53 43.50 -15.79
C TYR B 628 41.14 42.14 -15.25
N THR B 629 40.39 41.39 -16.06
CA THR B 629 40.01 40.02 -15.72
C THR B 629 40.34 39.13 -16.91
N GLN B 630 40.75 37.89 -16.62
CA GLN B 630 41.13 36.97 -17.68
C GLN B 630 39.92 36.59 -18.52
N LYS B 631 40.08 36.64 -19.83
CA LYS B 631 39.01 36.35 -20.78
C LYS B 631 39.39 35.13 -21.62
N LEU B 632 38.40 34.64 -22.35
CA LEU B 632 38.62 33.50 -23.23
C LEU B 632 39.27 33.96 -24.54
N SER B 633 40.15 33.12 -25.09
CA SER B 633 40.84 33.42 -26.33
C SER B 633 40.71 32.23 -27.27
N VAL B 634 40.48 32.51 -28.54
CA VAL B 634 40.26 31.46 -29.53
C VAL B 634 41.19 31.74 -30.71
N PRO B 635 41.53 30.70 -31.47
CA PRO B 635 42.36 30.91 -32.66
C PRO B 635 41.65 31.78 -33.69
N ASP B 636 42.46 32.49 -34.48
CA ASP B 636 41.92 33.49 -35.40
C ASP B 636 41.14 32.85 -36.55
N GLY B 637 41.69 31.81 -37.18
CA GLY B 637 41.07 31.24 -38.36
C GLY B 637 41.38 29.76 -38.49
N PHE B 638 40.87 29.18 -39.58
CA PHE B 638 41.07 27.75 -39.86
C PHE B 638 42.48 27.54 -40.42
N LYS B 639 43.46 27.80 -39.57
CA LYS B 639 44.87 27.64 -39.91
C LYS B 639 45.48 26.55 -39.05
N VAL B 640 46.46 25.85 -39.62
CA VAL B 640 47.14 24.79 -38.89
C VAL B 640 47.99 25.39 -37.77
N SER B 641 48.30 24.56 -36.78
CA SER B 641 49.03 25.02 -35.61
C SER B 641 50.44 25.48 -35.98
N ASN B 642 51.15 24.68 -36.77
CA ASN B 642 52.51 25.00 -37.19
C ASN B 642 52.60 24.77 -38.69
N SER B 643 52.53 25.85 -39.47
CA SER B 643 52.58 25.74 -40.93
C SER B 643 53.98 25.42 -41.43
N SER B 644 54.99 25.47 -40.56
CA SER B 644 56.36 25.18 -40.97
C SER B 644 56.57 23.69 -41.22
N ALA B 645 55.97 22.83 -40.40
CA ALA B 645 56.20 21.39 -40.48
C ALA B 645 54.93 20.56 -40.55
N ARG B 646 53.82 21.11 -41.04
CA ARG B 646 52.57 20.37 -41.09
C ARG B 646 51.80 20.71 -42.36
N GLY B 647 50.93 19.79 -42.76
CA GLY B 647 50.02 19.98 -43.88
C GLY B 647 48.67 19.38 -43.55
N TRP B 648 47.73 19.59 -44.48
CA TRP B 648 46.40 19.02 -44.30
C TRP B 648 46.42 17.49 -44.41
N VAL B 649 47.35 16.94 -45.18
CA VAL B 649 47.48 15.51 -45.37
C VAL B 649 48.86 15.07 -44.92
N ILE B 650 48.91 13.93 -44.21
CA ILE B 650 50.16 13.39 -43.69
C ILE B 650 50.50 12.16 -44.51
N HIS B 651 51.70 12.14 -45.07
CA HIS B 651 52.13 11.02 -45.90
C HIS B 651 52.51 9.83 -45.02
N PRO B 652 51.89 8.66 -45.20
CA PRO B 652 52.22 7.51 -44.34
C PRO B 652 53.65 7.02 -44.50
N LEU B 653 54.26 7.23 -45.66
CA LEU B 653 55.62 6.74 -45.88
C LEU B 653 56.63 7.55 -45.10
N GLY B 654 56.42 8.86 -45.00
CA GLY B 654 57.32 9.73 -44.27
C GLY B 654 57.26 11.17 -44.70
N LEU B 655 57.37 12.09 -43.74
CA LEU B 655 57.34 13.52 -44.04
C LEU B 655 58.70 14.01 -44.51
N ARG B 656 59.71 13.91 -43.66
CA ARG B 656 61.08 14.26 -44.01
C ARG B 656 61.94 13.05 -44.29
N SER B 657 61.91 12.04 -43.42
CA SER B 657 62.67 10.82 -43.61
C SER B 657 61.72 9.63 -43.67
N GLU B 658 62.24 8.51 -44.17
CA GLU B 658 61.42 7.30 -44.31
C GLU B 658 61.15 6.66 -42.96
N PHE B 659 60.01 6.00 -42.86
CA PHE B 659 59.52 5.34 -41.66
C PHE B 659 60.10 3.93 -41.55
N PRO B 660 60.64 3.56 -40.38
CA PRO B 660 61.15 2.20 -40.21
C PRO B 660 60.03 1.17 -40.23
N ILE B 661 60.35 0.00 -40.79
CA ILE B 661 59.38 -1.09 -40.90
C ILE B 661 59.06 -1.69 -39.55
N TRP B 662 60.09 -1.83 -38.70
CA TRP B 662 59.89 -2.47 -37.40
C TRP B 662 58.93 -1.68 -36.53
N MET B 663 58.88 -0.35 -36.71
CA MET B 663 57.89 0.44 -35.98
C MET B 663 56.47 0.10 -36.42
N MET B 664 56.23 -0.06 -37.72
CA MET B 664 54.90 -0.47 -38.15
C MET B 664 54.58 -1.88 -37.67
N PHE B 665 55.58 -2.75 -37.57
CA PHE B 665 55.31 -4.10 -37.12
C PHE B 665 55.15 -4.21 -35.61
N ALA B 666 55.67 -3.23 -34.85
CA ALA B 666 55.56 -3.23 -33.40
C ALA B 666 54.55 -2.22 -32.86
N SER B 667 53.87 -1.48 -33.75
CA SER B 667 52.89 -0.49 -33.33
C SER B 667 51.65 -1.08 -32.65
N ALA B 668 51.58 -2.41 -32.56
CA ALA B 668 50.42 -3.05 -31.92
C ALA B 668 50.35 -2.74 -30.43
N LEU B 669 51.49 -2.52 -29.78
CA LEU B 669 51.49 -2.34 -28.32
C LEU B 669 50.70 -1.11 -27.85
N PRO B 670 50.92 0.11 -28.38
CA PRO B 670 50.09 1.23 -27.93
C PRO B 670 48.64 1.13 -28.38
N ALA B 671 48.39 0.47 -29.51
CA ALA B 671 47.03 0.32 -30.01
C ALA B 671 46.17 -0.48 -29.04
N LEU B 672 46.74 -1.55 -28.47
CA LEU B 672 46.00 -2.34 -27.50
C LEU B 672 45.64 -1.52 -26.26
N LEU B 673 46.59 -0.71 -25.78
CA LEU B 673 46.33 0.12 -24.60
C LEU B 673 45.25 1.16 -24.86
N VAL B 674 45.35 1.88 -25.97
CA VAL B 674 44.33 2.89 -26.27
C VAL B 674 42.97 2.23 -26.52
N PHE B 675 42.97 1.05 -27.16
CA PHE B 675 41.73 0.30 -27.31
C PHE B 675 41.12 -0.05 -25.97
N ILE B 676 41.94 -0.53 -25.03
CA ILE B 676 41.43 -0.88 -23.70
C ILE B 676 40.83 0.34 -23.03
N LEU B 677 41.55 1.47 -23.07
CA LEU B 677 41.06 2.69 -22.44
C LEU B 677 39.72 3.12 -23.03
N ILE B 678 39.67 3.25 -24.37
CA ILE B 678 38.46 3.76 -25.02
C ILE B 678 37.29 2.81 -24.78
N PHE B 679 37.54 1.50 -24.93
CA PHE B 679 36.51 0.50 -24.72
C PHE B 679 35.90 0.61 -23.33
N LEU B 680 36.76 0.59 -22.30
CA LEU B 680 36.24 0.60 -20.93
C LEU B 680 35.49 1.89 -20.64
N GLU B 681 36.09 3.05 -20.98
CA GLU B 681 35.44 4.31 -20.62
C GLU B 681 34.10 4.46 -21.33
N SER B 682 34.06 4.16 -22.64
CA SER B 682 32.81 4.34 -23.37
C SER B 682 31.74 3.40 -22.87
N GLN B 683 32.08 2.14 -22.63
CA GLN B 683 31.07 1.18 -22.21
C GLN B 683 30.56 1.49 -20.80
N ILE B 684 31.44 1.86 -19.87
CA ILE B 684 30.98 2.15 -18.52
C ILE B 684 30.17 3.44 -18.49
N THR B 685 30.54 4.42 -19.31
CA THR B 685 29.74 5.64 -19.40
C THR B 685 28.35 5.34 -19.96
N THR B 686 28.29 4.49 -20.99
CA THR B 686 26.99 4.08 -21.53
C THR B 686 26.17 3.32 -20.50
N LEU B 687 26.83 2.49 -19.68
CA LEU B 687 26.14 1.81 -18.59
C LEU B 687 25.57 2.81 -17.59
N ILE B 688 26.35 3.83 -17.24
CA ILE B 688 25.91 4.81 -16.25
C ILE B 688 24.71 5.60 -16.77
N VAL B 689 24.78 6.09 -18.01
CA VAL B 689 23.72 6.94 -18.53
C VAL B 689 22.44 6.12 -18.73
N SER B 690 22.56 4.86 -19.14
CA SER B 690 21.43 4.07 -19.59
C SER B 690 20.96 3.07 -18.53
N LYS B 691 20.97 3.47 -17.26
CA LYS B 691 20.39 2.63 -16.23
C LYS B 691 18.87 2.55 -16.40
N PRO B 692 18.26 1.42 -16.04
CA PRO B 692 16.80 1.30 -16.18
C PRO B 692 16.02 2.26 -15.30
N GLU B 693 16.65 2.79 -14.24
CA GLU B 693 15.95 3.67 -13.32
C GLU B 693 15.61 5.01 -13.96
N ARG B 694 16.43 5.47 -14.90
CA ARG B 694 16.29 6.83 -15.42
C ARG B 694 15.36 6.91 -16.63
N LYS B 695 14.19 6.27 -16.50
CA LYS B 695 13.06 6.38 -17.43
C LYS B 695 13.49 6.41 -18.90
N MET B 696 14.32 5.45 -19.27
CA MET B 696 14.84 5.35 -20.63
C MET B 696 13.86 4.54 -21.47
N VAL B 697 13.10 5.24 -22.32
CA VAL B 697 12.08 4.57 -23.12
C VAL B 697 12.69 3.94 -24.37
N LYS B 698 13.42 4.74 -25.14
CA LYS B 698 14.06 4.24 -26.34
C LYS B 698 15.32 3.45 -25.98
N GLY B 699 15.57 2.38 -26.75
CA GLY B 699 16.70 1.53 -26.47
C GLY B 699 18.03 2.19 -26.79
N SER B 700 19.09 1.62 -26.25
CA SER B 700 20.44 2.11 -26.45
C SER B 700 21.33 1.02 -27.05
N GLY B 701 22.11 1.39 -28.04
CA GLY B 701 23.03 0.47 -28.71
C GLY B 701 24.44 0.65 -28.17
N PHE B 702 25.18 -0.45 -28.13
CA PHE B 702 26.56 -0.43 -27.63
C PHE B 702 27.59 -0.60 -28.73
N HIS B 703 27.41 -1.59 -29.60
CA HIS B 703 28.40 -1.85 -30.65
C HIS B 703 28.45 -0.72 -31.67
N LEU B 704 27.30 -0.16 -32.03
CA LEU B 704 27.26 0.88 -33.06
C LEU B 704 28.06 2.11 -32.64
N ASP B 705 27.83 2.59 -31.42
CA ASP B 705 28.56 3.76 -30.93
C ASP B 705 30.04 3.48 -30.84
N LEU B 706 30.40 2.28 -30.36
CA LEU B 706 31.81 1.92 -30.22
C LEU B 706 32.52 1.90 -31.56
N LEU B 707 31.93 1.23 -32.56
CA LEU B 707 32.55 1.18 -33.88
C LEU B 707 32.65 2.56 -34.49
N LEU B 708 31.60 3.37 -34.34
CA LEU B 708 31.63 4.73 -34.86
C LEU B 708 32.76 5.54 -34.22
N VAL B 709 32.88 5.44 -32.90
CA VAL B 709 33.88 6.23 -32.18
C VAL B 709 35.28 5.82 -32.62
N VAL B 710 35.57 4.51 -32.66
CA VAL B 710 36.92 4.08 -32.99
C VAL B 710 37.25 4.38 -34.45
N GLY B 711 36.32 4.15 -35.36
CA GLY B 711 36.58 4.45 -36.76
C GLY B 711 36.82 5.92 -37.01
N MET B 712 35.97 6.78 -36.42
CA MET B 712 36.17 8.22 -36.57
C MET B 712 37.47 8.69 -35.91
N GLY B 713 37.83 8.10 -34.77
CA GLY B 713 39.11 8.43 -34.18
C GLY B 713 40.29 8.08 -35.08
N GLY B 714 40.21 6.91 -35.71
CA GLY B 714 41.26 6.54 -36.66
C GLY B 714 41.34 7.47 -37.84
N VAL B 715 40.17 7.82 -38.39
CA VAL B 715 40.14 8.74 -39.54
C VAL B 715 40.69 10.11 -39.15
N ALA B 716 40.34 10.60 -37.95
CA ALA B 716 40.87 11.89 -37.49
C ALA B 716 42.38 11.82 -37.29
N ALA B 717 42.88 10.70 -36.74
CA ALA B 717 44.32 10.53 -36.60
C ALA B 717 45.01 10.44 -37.94
N LEU B 718 44.32 10.00 -38.99
CA LEU B 718 44.88 10.06 -40.33
C LEU B 718 45.12 11.49 -40.78
N PHE B 719 44.19 12.39 -40.48
CA PHE B 719 44.29 13.78 -40.90
C PHE B 719 45.09 14.65 -39.94
N GLY B 720 45.63 14.08 -38.86
CA GLY B 720 46.44 14.82 -37.92
C GLY B 720 45.71 15.34 -36.70
N MET B 721 44.38 15.33 -36.69
CA MET B 721 43.67 15.73 -35.50
C MET B 721 43.66 14.60 -34.47
N PRO B 722 43.62 14.93 -33.18
CA PRO B 722 43.65 13.88 -32.16
C PRO B 722 42.30 13.18 -32.04
N TRP B 723 42.35 12.01 -31.42
CA TRP B 723 41.15 11.23 -31.16
C TRP B 723 40.47 11.67 -29.88
N LEU B 724 39.19 11.36 -29.77
CA LEU B 724 38.35 11.77 -28.65
C LEU B 724 37.68 10.55 -28.04
N SER B 725 36.95 10.79 -26.95
CA SER B 725 36.27 9.72 -26.24
C SER B 725 35.07 10.32 -25.52
N ALA B 726 34.16 9.44 -25.08
CA ALA B 726 33.00 9.89 -24.34
C ALA B 726 33.41 10.39 -22.96
N THR B 727 32.89 11.56 -22.59
CA THR B 727 33.20 12.16 -21.30
C THR B 727 32.10 11.83 -20.30
N THR B 728 32.52 11.49 -19.08
CA THR B 728 31.55 11.09 -18.06
C THR B 728 30.76 12.29 -17.54
N VAL B 729 31.47 13.34 -17.10
CA VAL B 729 30.81 14.49 -16.50
C VAL B 729 29.92 15.20 -17.51
N ARG B 730 30.44 15.38 -18.73
CA ARG B 730 29.66 16.08 -19.75
C ARG B 730 28.39 15.29 -20.12
N SER B 731 28.52 13.98 -20.28
CA SER B 731 27.35 13.17 -20.62
C SER B 731 26.33 13.17 -19.48
N VAL B 732 26.80 13.06 -18.23
CA VAL B 732 25.90 13.07 -17.09
C VAL B 732 25.18 14.41 -17.00
N THR B 733 25.89 15.51 -17.20
CA THR B 733 25.27 16.83 -17.16
C THR B 733 24.25 16.99 -18.30
N HIS B 734 24.59 16.51 -19.49
CA HIS B 734 23.66 16.59 -20.62
C HIS B 734 22.39 15.79 -20.34
N ALA B 735 22.54 14.60 -19.76
CA ALA B 735 21.38 13.79 -19.39
C ALA B 735 20.56 14.48 -18.32
N ASN B 736 21.22 15.09 -17.32
CA ASN B 736 20.51 15.74 -16.24
C ASN B 736 19.74 16.97 -16.71
N ALA B 737 20.28 17.68 -17.72
CA ALA B 737 19.60 18.87 -18.21
C ALA B 737 18.28 18.52 -18.87
N LEU B 738 18.22 17.42 -19.61
CA LEU B 738 16.98 17.02 -20.30
C LEU B 738 16.21 16.00 -19.47
N THR B 739 15.81 16.44 -18.27
CA THR B 739 15.08 15.62 -17.33
C THR B 739 13.86 16.38 -16.83
N VAL B 740 12.68 15.84 -17.04
CA VAL B 740 11.44 16.44 -16.56
C VAL B 740 11.04 15.73 -15.27
N MET B 741 10.98 16.50 -14.19
CA MET B 741 10.80 16.01 -12.82
C MET B 741 9.35 16.23 -12.38
N GLY B 742 8.89 15.38 -11.47
CA GLY B 742 7.54 15.48 -10.94
C GLY B 742 7.53 15.79 -9.44
N LYS B 743 6.33 16.09 -8.95
CA LYS B 743 6.15 16.41 -7.53
C LYS B 743 6.21 15.15 -6.68
N ALA B 751 10.54 12.70 -4.67
CA ALA B 751 9.91 13.05 -5.93
C ALA B 751 10.14 11.94 -6.97
N GLN B 752 9.54 12.11 -8.14
CA GLN B 752 9.65 11.14 -9.22
C GLN B 752 9.98 11.87 -10.52
N ILE B 753 10.94 11.32 -11.25
CA ILE B 753 11.35 11.87 -12.55
C ILE B 753 10.29 11.46 -13.57
N GLN B 754 9.50 12.43 -14.04
CA GLN B 754 8.41 12.12 -14.95
C GLN B 754 8.93 11.52 -16.26
N GLU B 755 9.89 12.19 -16.90
CA GLU B 755 10.35 11.68 -18.19
C GLU B 755 11.75 12.20 -18.49
N VAL B 756 12.35 11.62 -19.53
CA VAL B 756 13.64 12.05 -20.04
C VAL B 756 13.47 12.35 -21.53
N LYS B 757 13.78 13.58 -21.93
CA LYS B 757 13.65 13.98 -23.33
C LYS B 757 14.89 13.55 -24.10
N GLU B 758 14.74 12.56 -24.98
CA GLU B 758 15.83 12.02 -25.76
C GLU B 758 15.71 12.48 -27.21
N GLN B 759 16.73 13.16 -27.71
CA GLN B 759 16.74 13.69 -29.07
C GLN B 759 18.18 13.74 -29.57
N ARG B 760 18.32 13.98 -30.88
CA ARG B 760 19.61 14.14 -31.51
C ARG B 760 19.93 15.58 -31.84
N ILE B 761 18.98 16.49 -31.63
CA ILE B 761 19.15 17.89 -32.01
C ILE B 761 20.16 18.59 -31.12
N SER B 762 20.14 18.29 -29.81
CA SER B 762 20.97 19.02 -28.85
C SER B 762 22.45 18.84 -29.16
N GLY B 763 22.88 17.59 -29.35
CA GLY B 763 24.28 17.34 -29.66
C GLY B 763 24.71 17.95 -30.97
N LEU B 764 23.84 17.87 -31.98
CA LEU B 764 24.14 18.46 -33.28
C LEU B 764 24.33 19.98 -33.16
N LEU B 765 23.44 20.64 -32.42
CA LEU B 765 23.55 22.08 -32.23
C LEU B 765 24.80 22.44 -31.44
N VAL B 766 25.13 21.65 -30.41
CA VAL B 766 26.34 21.90 -29.64
C VAL B 766 27.57 21.78 -30.53
N ALA B 767 27.62 20.75 -31.38
CA ALA B 767 28.74 20.58 -32.29
C ALA B 767 28.83 21.73 -33.28
N VAL B 768 27.70 22.16 -33.82
CA VAL B 768 27.69 23.26 -34.79
C VAL B 768 28.18 24.54 -34.14
N LEU B 769 27.71 24.83 -32.91
CA LEU B 769 28.14 26.04 -32.22
C LEU B 769 29.63 26.00 -31.88
N VAL B 770 30.12 24.86 -31.38
CA VAL B 770 31.54 24.79 -31.06
C VAL B 770 32.39 24.91 -32.31
N GLY B 771 31.93 24.34 -33.44
CA GLY B 771 32.65 24.50 -34.68
C GLY B 771 32.67 25.93 -35.18
N LEU B 772 31.54 26.63 -35.05
CA LEU B 772 31.44 28.00 -35.52
C LEU B 772 31.98 29.02 -34.52
N SER B 773 32.41 28.57 -33.34
CA SER B 773 32.97 29.47 -32.34
C SER B 773 34.17 30.26 -32.84
N ILE B 774 34.90 29.74 -33.83
CA ILE B 774 36.06 30.46 -34.38
C ILE B 774 35.62 31.77 -35.03
N LEU B 775 34.39 31.80 -35.56
CA LEU B 775 33.89 33.02 -36.24
C LEU B 775 32.92 33.76 -35.31
N MET B 776 33.14 33.69 -33.99
CA MET B 776 32.29 34.43 -33.07
C MET B 776 33.13 35.09 -31.97
N GLU B 777 34.22 35.76 -32.38
CA GLU B 777 35.14 36.38 -31.43
C GLU B 777 34.52 37.40 -30.46
N PRO B 778 33.69 38.37 -30.89
CA PRO B 778 33.31 39.46 -29.97
C PRO B 778 32.62 39.02 -28.70
N ILE B 779 31.74 38.02 -28.74
CA ILE B 779 31.09 37.58 -27.51
C ILE B 779 32.05 36.79 -26.63
N LEU B 780 32.85 35.91 -27.23
CA LEU B 780 33.76 35.08 -26.44
C LEU B 780 34.89 35.90 -25.85
N SER B 781 35.19 37.06 -26.42
CA SER B 781 36.23 37.91 -25.85
C SER B 781 35.79 38.60 -24.56
N ARG B 782 34.49 38.58 -24.25
CA ARG B 782 33.96 39.27 -23.07
C ARG B 782 33.48 38.32 -21.98
N ILE B 783 33.84 37.04 -22.06
CA ILE B 783 33.41 36.06 -21.06
C ILE B 783 34.54 35.87 -20.06
N PRO B 784 34.31 36.11 -18.76
CA PRO B 784 35.35 35.90 -17.77
C PRO B 784 35.66 34.42 -17.61
N LEU B 785 36.93 34.15 -17.32
CA LEU B 785 37.35 32.76 -17.11
C LEU B 785 36.93 32.23 -15.75
N ALA B 786 36.73 33.11 -14.76
CA ALA B 786 36.40 32.68 -13.41
C ALA B 786 34.95 32.21 -13.26
N VAL B 787 34.04 32.71 -14.09
CA VAL B 787 32.65 32.27 -14.01
C VAL B 787 32.53 30.81 -14.41
N LEU B 788 33.32 30.39 -15.40
CA LEU B 788 33.30 28.99 -15.81
C LEU B 788 33.79 28.08 -14.70
N PHE B 789 34.61 28.59 -13.77
CA PHE B 789 34.96 27.78 -12.59
C PHE B 789 33.74 27.52 -11.72
N GLY B 790 32.90 28.53 -11.51
CA GLY B 790 31.67 28.32 -10.77
C GLY B 790 30.73 27.36 -11.48
N ILE B 791 30.67 27.46 -12.81
CA ILE B 791 29.85 26.53 -13.58
C ILE B 791 30.38 25.10 -13.43
N PHE B 792 31.71 24.95 -13.45
CA PHE B 792 32.31 23.63 -13.25
C PHE B 792 31.98 23.09 -11.86
N LEU B 793 32.04 23.95 -10.84
CA LEU B 793 31.70 23.52 -9.50
C LEU B 793 30.23 23.12 -9.41
N TYR B 794 29.36 23.86 -10.11
CA TYR B 794 27.94 23.53 -10.10
C TYR B 794 27.69 22.15 -10.70
N MET B 795 28.26 21.87 -11.88
CA MET B 795 28.04 20.54 -12.46
C MET B 795 28.70 19.45 -11.63
N GLY B 796 29.89 19.72 -11.07
CA GLY B 796 30.55 18.72 -10.24
C GLY B 796 29.73 18.37 -9.01
N VAL B 797 29.11 19.35 -8.38
CA VAL B 797 28.25 19.09 -7.24
C VAL B 797 26.98 18.37 -7.67
N THR B 798 26.39 18.78 -8.80
CA THR B 798 25.10 18.23 -9.21
C THR B 798 25.24 16.78 -9.68
N SER B 799 26.39 16.42 -10.26
CA SER B 799 26.58 15.07 -10.78
C SER B 799 26.69 14.02 -9.69
N LEU B 800 26.80 14.40 -8.42
CA LEU B 800 26.99 13.46 -7.33
C LEU B 800 25.67 13.04 -6.69
N SER B 801 24.56 13.14 -7.40
CA SER B 801 23.26 12.88 -6.81
C SER B 801 22.94 11.38 -6.76
N GLY B 802 22.91 10.73 -7.91
CA GLY B 802 22.46 9.34 -7.99
C GLY B 802 23.43 8.33 -7.40
N ILE B 803 24.65 8.74 -7.05
CA ILE B 803 25.62 7.80 -6.50
C ILE B 803 25.15 7.25 -5.17
N GLN B 804 25.20 5.93 -5.03
CA GLN B 804 24.84 5.27 -3.78
C GLN B 804 25.99 5.21 -2.79
N LEU B 805 27.23 5.13 -3.30
CA LEU B 805 28.39 5.14 -2.41
C LEU B 805 28.48 6.45 -1.64
N PHE B 806 28.19 7.57 -2.30
CA PHE B 806 28.17 8.86 -1.60
C PHE B 806 27.10 8.88 -0.53
N ASP B 807 25.93 8.29 -0.82
CA ASP B 807 24.88 8.20 0.19
C ASP B 807 25.35 7.37 1.38
N ARG B 808 26.06 6.27 1.13
CA ARG B 808 26.55 5.47 2.25
C ARG B 808 27.63 6.19 3.04
N ILE B 809 28.47 6.99 2.39
CA ILE B 809 29.43 7.79 3.15
C ILE B 809 28.72 8.83 4.00
N LEU B 810 27.65 9.44 3.47
CA LEU B 810 26.84 10.34 4.28
C LEU B 810 26.21 9.60 5.45
N LEU B 811 25.78 8.36 5.22
CA LEU B 811 25.22 7.52 6.27
C LEU B 811 26.26 7.05 7.29
N LEU B 812 27.54 7.13 6.96
CA LEU B 812 28.60 6.77 7.90
C LEU B 812 28.64 7.69 9.12
N PHE B 813 28.15 8.91 9.00
CA PHE B 813 28.14 9.87 10.09
C PHE B 813 26.80 9.96 10.79
N LYS B 814 25.71 9.64 10.10
CA LYS B 814 24.39 9.67 10.71
C LYS B 814 24.29 8.62 11.81
N PRO B 815 23.61 8.93 12.90
CA PRO B 815 23.28 7.90 13.90
C PRO B 815 22.26 6.93 13.33
N PRO B 816 22.18 5.70 13.85
CA PRO B 816 21.27 4.70 13.28
C PRO B 816 19.80 5.08 13.42
N LYS B 817 19.51 6.08 14.26
CA LYS B 817 18.14 6.53 14.46
C LYS B 817 17.55 7.14 13.20
N TYR B 818 18.35 7.87 12.43
CA TYR B 818 17.88 8.60 11.26
C TYR B 818 18.21 7.90 9.94
N HIS B 819 18.60 6.63 9.99
CA HIS B 819 18.94 5.92 8.77
C HIS B 819 17.70 5.70 7.90
N PRO B 820 17.88 5.62 6.57
CA PRO B 820 16.71 5.51 5.68
C PRO B 820 16.03 4.15 5.72
N ASP B 821 15.03 3.97 4.86
CA ASP B 821 14.21 2.77 4.84
C ASP B 821 14.58 1.81 3.72
N VAL B 822 15.80 1.91 3.19
CA VAL B 822 16.24 1.04 2.10
C VAL B 822 16.50 -0.34 2.69
N PRO B 823 16.26 -1.43 1.95
CA PRO B 823 16.48 -2.77 2.52
C PRO B 823 17.91 -3.05 2.95
N TYR B 824 18.92 -2.53 2.24
CA TYR B 824 20.28 -2.95 2.56
C TYR B 824 20.80 -2.33 3.86
N VAL B 825 19.97 -1.60 4.60
CA VAL B 825 20.31 -1.18 5.95
C VAL B 825 19.66 -2.09 6.99
N LYS B 826 18.39 -2.43 6.79
CA LYS B 826 17.68 -3.26 7.75
C LYS B 826 18.12 -4.71 7.69
N ARG B 827 18.43 -5.23 6.49
CA ARG B 827 18.72 -6.65 6.35
C ARG B 827 20.08 -7.04 6.92
N VAL B 828 21.03 -6.10 6.99
CA VAL B 828 22.40 -6.41 7.40
C VAL B 828 22.78 -5.54 8.59
N LYS B 829 23.83 -5.96 9.30
CA LYS B 829 24.31 -5.24 10.46
C LYS B 829 25.10 -4.00 10.06
N THR B 830 25.25 -3.09 11.03
CA THR B 830 25.86 -1.79 10.76
C THR B 830 27.36 -1.93 10.49
N TRP B 831 28.06 -2.71 11.31
CA TRP B 831 29.50 -2.83 11.14
C TRP B 831 29.89 -3.66 9.92
N ARG B 832 28.93 -4.32 9.28
CA ARG B 832 29.16 -4.94 7.97
C ARG B 832 29.08 -3.92 6.85
N MET B 833 28.08 -3.03 6.94
CA MET B 833 28.05 -1.84 6.10
C MET B 833 29.34 -1.06 6.19
N HIS B 834 29.84 -0.85 7.41
CA HIS B 834 31.03 -0.05 7.60
C HIS B 834 32.25 -0.74 7.02
N LEU B 835 32.34 -2.07 7.14
CA LEU B 835 33.45 -2.80 6.54
C LEU B 835 33.43 -2.70 5.02
N PHE B 836 32.25 -2.87 4.42
CA PHE B 836 32.14 -2.76 2.96
C PHE B 836 32.52 -1.36 2.49
N THR B 837 32.00 -0.34 3.17
CA THR B 837 32.31 1.04 2.79
C THR B 837 33.80 1.33 2.97
N GLY B 838 34.40 0.81 4.05
CA GLY B 838 35.81 1.03 4.28
C GLY B 838 36.70 0.39 3.24
N ILE B 839 36.42 -0.87 2.87
CA ILE B 839 37.23 -1.51 1.83
C ILE B 839 37.05 -0.78 0.50
N GLN B 840 35.84 -0.29 0.22
CA GLN B 840 35.64 0.47 -1.01
C GLN B 840 36.44 1.78 -0.99
N ILE B 841 36.49 2.44 0.17
CA ILE B 841 37.26 3.68 0.28
C ILE B 841 38.76 3.38 0.14
N ILE B 842 39.21 2.23 0.64
CA ILE B 842 40.59 1.81 0.41
C ILE B 842 40.86 1.64 -1.08
N CYS B 843 39.88 1.10 -1.81
CA CYS B 843 40.03 0.99 -3.26
C CYS B 843 40.15 2.38 -3.91
N LEU B 844 39.32 3.33 -3.48
CA LEU B 844 39.46 4.70 -3.98
C LEU B 844 40.83 5.27 -3.67
N ALA B 845 41.33 5.02 -2.46
CA ALA B 845 42.62 5.57 -2.05
C ALA B 845 43.75 5.00 -2.89
N VAL B 846 43.74 3.68 -3.14
CA VAL B 846 44.79 3.08 -3.96
C VAL B 846 44.69 3.60 -5.40
N LEU B 847 43.46 3.81 -5.89
CA LEU B 847 43.31 4.40 -7.22
C LEU B 847 43.91 5.81 -7.28
N TRP B 848 43.69 6.62 -6.25
CA TRP B 848 44.28 7.94 -6.21
C TRP B 848 45.81 7.86 -6.16
N VAL B 849 46.32 6.92 -5.36
CA VAL B 849 47.77 6.79 -5.22
C VAL B 849 48.42 6.39 -6.54
N VAL B 850 47.81 5.44 -7.26
CA VAL B 850 48.37 5.05 -8.55
C VAL B 850 48.18 6.17 -9.58
N LYS B 851 47.09 6.94 -9.49
CA LYS B 851 46.91 8.07 -10.39
C LYS B 851 48.00 9.12 -10.20
N SER B 852 48.33 9.43 -8.94
CA SER B 852 49.42 10.37 -8.68
C SER B 852 50.77 9.77 -8.99
N THR B 853 50.87 8.44 -8.99
CA THR B 853 52.12 7.78 -9.32
C THR B 853 52.49 8.04 -10.78
N PRO B 854 53.77 8.25 -11.08
CA PRO B 854 54.18 8.44 -12.48
C PRO B 854 53.86 7.25 -13.38
N ALA B 855 53.72 6.05 -12.83
CA ALA B 855 53.27 4.89 -13.61
C ALA B 855 51.75 4.79 -13.58
N SER B 856 51.11 5.90 -13.95
CA SER B 856 49.66 5.99 -13.93
C SER B 856 49.02 5.28 -15.10
N LEU B 857 49.80 4.95 -16.13
CA LEU B 857 49.26 4.31 -17.33
C LEU B 857 48.64 2.96 -17.03
N ALA B 858 49.07 2.28 -15.97
CA ALA B 858 48.48 1.02 -15.54
C ALA B 858 47.24 1.22 -14.67
N LEU B 859 46.67 2.42 -14.67
CA LEU B 859 45.47 2.77 -13.92
C LEU B 859 44.27 1.92 -14.34
N PRO B 860 43.97 1.75 -15.64
CA PRO B 860 42.82 0.89 -15.98
C PRO B 860 42.96 -0.55 -15.50
N PHE B 861 44.19 -1.09 -15.55
CA PHE B 861 44.41 -2.50 -15.21
C PHE B 861 43.97 -2.80 -13.78
N VAL B 862 44.47 -2.03 -12.81
CA VAL B 862 44.04 -2.22 -11.43
C VAL B 862 42.53 -2.02 -11.33
N LEU B 863 41.98 -1.15 -12.16
CA LEU B 863 40.53 -0.94 -12.19
C LEU B 863 39.81 -2.24 -12.52
N ILE B 864 40.25 -2.95 -13.56
CA ILE B 864 39.56 -4.20 -13.87
C ILE B 864 39.92 -5.25 -12.84
N LEU B 865 41.02 -5.05 -12.10
CA LEU B 865 41.33 -5.91 -10.97
C LEU B 865 40.28 -5.80 -9.86
N THR B 866 39.48 -4.74 -9.86
CA THR B 866 38.35 -4.68 -8.96
C THR B 866 37.27 -5.70 -9.29
N VAL B 867 37.17 -6.11 -10.56
CA VAL B 867 36.13 -7.03 -11.00
C VAL B 867 36.22 -8.38 -10.29
N PRO B 868 37.39 -9.04 -10.20
CA PRO B 868 37.44 -10.27 -9.39
C PRO B 868 37.13 -10.06 -7.93
N LEU B 869 37.45 -8.89 -7.37
CA LEU B 869 37.25 -8.64 -5.94
C LEU B 869 35.79 -8.80 -5.55
N ARG B 870 34.88 -8.30 -6.37
CA ARG B 870 33.46 -8.52 -6.12
C ARG B 870 33.05 -9.96 -6.35
N ARG B 871 33.70 -10.65 -7.29
CA ARG B 871 33.31 -12.01 -7.65
C ARG B 871 33.95 -13.07 -6.78
N VAL B 872 35.14 -12.82 -6.23
CA VAL B 872 35.92 -13.84 -5.56
C VAL B 872 36.15 -13.51 -4.08
N LEU B 873 36.82 -12.40 -3.80
CA LEU B 873 37.30 -12.14 -2.45
C LEU B 873 36.16 -11.86 -1.48
N LEU B 874 35.24 -10.97 -1.86
CA LEU B 874 34.13 -10.58 -0.98
C LEU B 874 33.24 -11.76 -0.58
N PRO B 875 32.85 -12.67 -1.49
CA PRO B 875 32.08 -13.85 -1.04
C PRO B 875 32.86 -14.75 -0.07
N LEU B 876 34.16 -14.56 0.07
CA LEU B 876 34.93 -15.31 1.05
C LEU B 876 34.83 -14.73 2.46
N ILE B 877 34.16 -13.59 2.62
CA ILE B 877 34.00 -12.95 3.92
C ILE B 877 32.52 -12.76 4.25
N PHE B 878 31.73 -12.26 3.31
CA PHE B 878 30.33 -11.98 3.53
C PHE B 878 29.48 -13.23 3.24
N ARG B 879 28.17 -13.03 3.23
CA ARG B 879 27.21 -14.07 2.88
C ARG B 879 26.44 -13.62 1.64
N ASN B 880 25.76 -14.59 1.01
CA ASN B 880 25.11 -14.33 -0.27
C ASN B 880 24.00 -13.30 -0.14
N VAL B 881 23.23 -13.35 0.95
CA VAL B 881 22.13 -12.41 1.12
C VAL B 881 22.65 -10.98 1.24
N GLU B 882 23.75 -10.78 1.99
CA GLU B 882 24.32 -9.44 2.11
C GLU B 882 24.83 -8.93 0.77
N LEU B 883 25.51 -9.78 0.01
CA LEU B 883 26.06 -9.37 -1.27
C LEU B 883 24.96 -9.05 -2.28
N GLN B 884 23.86 -9.81 -2.25
CA GLN B 884 22.76 -9.52 -3.16
C GLN B 884 21.95 -8.30 -2.73
N CYS B 885 21.85 -8.08 -1.42
CA CYS B 885 21.03 -6.97 -0.94
C CYS B 885 21.75 -5.63 -1.05
N LEU B 886 23.06 -5.62 -0.83
CA LEU B 886 23.80 -4.36 -0.89
C LEU B 886 24.04 -3.92 -2.32
N ASP B 887 24.67 -4.78 -3.13
CA ASP B 887 25.03 -4.44 -4.50
C ASP B 887 23.93 -4.95 -5.44
N ALA B 888 22.76 -4.34 -5.32
CA ALA B 888 21.61 -4.69 -6.16
C ALA B 888 21.68 -3.91 -7.47
N ASP B 889 21.39 -4.62 -8.57
CA ASP B 889 21.43 -3.97 -9.87
C ASP B 889 20.27 -3.01 -10.08
N ASP B 890 19.19 -3.17 -9.31
CA ASP B 890 18.03 -2.29 -9.40
C ASP B 890 17.87 -1.50 -8.11
N ALA B 891 17.39 -0.26 -8.25
CA ALA B 891 17.11 0.57 -7.08
C ALA B 891 15.83 0.13 -6.40
N LYS B 892 14.76 -0.06 -7.18
CA LYS B 892 13.47 -0.41 -6.60
C LYS B 892 13.45 -1.85 -6.09
N ALA B 893 13.96 -2.78 -6.89
CA ALA B 893 14.02 -4.19 -6.52
C ALA B 893 15.31 -4.43 -5.73
N THR B 894 15.32 -5.50 -4.93
CA THR B 894 16.50 -5.84 -4.14
C THR B 894 16.54 -7.35 -3.85
N ALA C 4 7.15 1.53 -33.23
CA ALA C 4 5.99 2.40 -33.39
C ALA C 4 4.69 1.61 -33.20
N LEU C 5 4.82 0.31 -32.99
CA LEU C 5 3.69 -0.58 -32.79
C LEU C 5 3.70 -1.12 -31.37
N GLY C 6 2.58 -0.95 -30.67
CA GLY C 6 2.43 -1.46 -29.33
C GLY C 6 1.05 -2.07 -29.11
N ILE C 7 1.01 -3.29 -28.60
CA ILE C 7 -0.25 -4.02 -28.41
C ILE C 7 -0.79 -3.69 -27.03
N LYS C 8 -2.05 -3.24 -26.98
CA LYS C 8 -2.67 -2.88 -25.71
C LYS C 8 -3.20 -4.11 -24.99
N SER C 9 -4.12 -4.84 -25.63
CA SER C 9 -4.71 -6.02 -25.02
C SER C 9 -5.34 -6.88 -26.11
N CYS C 10 -5.50 -8.16 -25.81
CA CYS C 10 -6.15 -9.12 -26.70
C CYS C 10 -7.45 -9.58 -26.06
N ASP C 11 -8.48 -9.77 -26.88
CA ASP C 11 -9.82 -10.13 -26.43
C ASP C 11 -10.21 -11.46 -27.08
N PHE C 12 -10.17 -12.52 -26.30
CA PHE C 12 -10.68 -13.81 -26.76
C PHE C 12 -12.20 -13.81 -26.65
N GLN C 13 -12.88 -13.82 -27.79
CA GLN C 13 -14.35 -13.72 -27.84
C GLN C 13 -14.95 -15.04 -27.38
N ALA C 14 -14.81 -15.31 -26.08
CA ALA C 14 -15.26 -16.59 -25.53
C ALA C 14 -16.77 -16.75 -25.65
N ALA C 15 -17.52 -15.72 -25.27
CA ALA C 15 -18.97 -15.80 -25.25
C ALA C 15 -19.56 -15.90 -26.66
N ARG C 16 -18.78 -15.61 -27.70
CA ARG C 16 -19.29 -15.63 -29.06
C ARG C 16 -19.07 -16.98 -29.73
N ASN C 17 -17.85 -17.53 -29.64
CA ASN C 17 -17.52 -18.78 -30.29
C ASN C 17 -17.68 -19.99 -29.37
N ASN C 18 -17.98 -19.79 -28.09
CA ASN C 18 -18.19 -20.94 -27.21
C ASN C 18 -19.48 -21.67 -27.53
N GLU C 19 -20.51 -20.95 -27.97
CA GLU C 19 -21.75 -21.62 -28.38
C GLU C 19 -21.60 -22.27 -29.75
N GLU C 20 -20.77 -21.69 -30.62
CA GLU C 20 -20.54 -22.30 -31.93
C GLU C 20 -19.71 -23.57 -31.80
N HIS C 21 -18.89 -23.67 -30.75
CA HIS C 21 -18.10 -24.86 -30.48
C HIS C 21 -18.80 -25.82 -29.53
N HIS C 22 -20.06 -25.55 -29.18
CA HIS C 22 -20.88 -26.41 -28.33
C HIS C 22 -20.30 -26.55 -26.92
N THR C 23 -19.53 -25.55 -26.49
CA THR C 23 -18.97 -25.53 -25.15
C THR C 23 -19.60 -24.47 -24.26
N LYS C 24 -20.83 -24.05 -24.58
CA LYS C 24 -21.48 -23.00 -23.80
C LYS C 24 -21.76 -23.45 -22.37
N ALA C 25 -22.19 -24.70 -22.20
CA ALA C 25 -22.48 -25.22 -20.88
C ALA C 25 -21.24 -25.40 -20.02
N LEU C 26 -20.05 -25.37 -20.61
CA LEU C 26 -18.80 -25.55 -19.88
C LEU C 26 -18.29 -24.27 -19.24
N SER C 27 -18.33 -23.15 -19.96
CA SER C 27 -17.87 -21.87 -19.43
C SER C 27 -18.45 -20.76 -20.28
N SER C 28 -18.32 -19.53 -19.78
CA SER C 28 -18.74 -18.34 -20.52
C SER C 28 -17.68 -17.24 -20.45
N ARG C 29 -16.59 -17.46 -19.74
CA ARG C 29 -15.47 -16.53 -19.69
C ARG C 29 -14.17 -17.14 -20.19
N ARG C 30 -13.89 -18.38 -19.81
CA ARG C 30 -12.73 -19.08 -20.34
C ARG C 30 -13.01 -19.52 -21.77
N LEU C 31 -11.93 -19.66 -22.55
CA LEU C 31 -12.02 -19.98 -23.97
C LEU C 31 -11.65 -21.44 -24.17
N PHE C 32 -12.65 -22.27 -24.46
CA PHE C 32 -12.45 -23.67 -24.82
C PHE C 32 -12.79 -23.83 -26.30
N VAL C 33 -11.84 -24.35 -27.07
CA VAL C 33 -12.01 -24.47 -28.51
C VAL C 33 -11.80 -25.92 -28.92
N ARG C 34 -12.50 -26.32 -29.98
CA ARG C 34 -12.36 -27.66 -30.55
C ARG C 34 -11.33 -27.64 -31.67
N ARG C 35 -10.59 -28.73 -31.79
CA ARG C 35 -9.55 -28.81 -32.81
C ARG C 35 -10.17 -28.95 -34.20
N GLY C 36 -9.47 -28.41 -35.20
CA GLY C 36 -9.94 -28.46 -36.56
C GLY C 36 -10.95 -27.39 -36.93
N GLN C 37 -11.18 -26.40 -36.07
CA GLN C 37 -12.16 -25.37 -36.34
C GLN C 37 -11.57 -23.99 -36.09
N PRO C 38 -11.76 -23.06 -37.03
CA PRO C 38 -11.25 -21.71 -36.83
C PRO C 38 -12.05 -20.95 -35.77
N PHE C 39 -11.40 -19.98 -35.15
CA PHE C 39 -12.05 -19.11 -34.18
C PHE C 39 -11.50 -17.70 -34.32
N THR C 40 -12.34 -16.72 -34.06
CA THR C 40 -12.02 -15.32 -34.27
C THR C 40 -11.63 -14.65 -32.96
N ILE C 41 -10.55 -13.88 -33.00
CA ILE C 41 -10.07 -13.09 -31.87
C ILE C 41 -9.83 -11.67 -32.35
N ILE C 42 -9.65 -10.76 -31.40
CA ILE C 42 -9.49 -9.34 -31.69
C ILE C 42 -8.22 -8.85 -31.02
N LEU C 43 -7.37 -8.17 -31.79
CA LEU C 43 -6.16 -7.53 -31.28
C LEU C 43 -6.36 -6.03 -31.26
N TYR C 44 -5.92 -5.39 -30.18
CA TYR C 44 -6.02 -3.95 -29.99
C TYR C 44 -4.63 -3.32 -30.00
N PHE C 45 -4.44 -2.32 -30.85
CA PHE C 45 -3.19 -1.59 -30.92
C PHE C 45 -3.21 -0.40 -29.98
N ARG C 46 -2.01 0.14 -29.72
CA ARG C 46 -1.90 1.36 -28.91
C ARG C 46 -2.04 2.60 -29.80
N ALA C 47 -1.48 2.56 -31.00
CA ALA C 47 -1.53 3.66 -31.94
C ALA C 47 -1.95 3.16 -33.32
N PRO C 48 -2.60 4.00 -34.12
CA PRO C 48 -2.98 3.58 -35.48
C PRO C 48 -1.76 3.26 -36.33
N VAL C 49 -1.91 2.25 -37.18
CA VAL C 49 -0.82 1.79 -38.04
C VAL C 49 -0.69 2.71 -39.25
N ARG C 50 0.55 3.12 -39.53
CA ARG C 50 0.81 3.91 -40.73
C ARG C 50 0.66 3.06 -41.99
N ALA C 51 1.42 1.98 -42.07
CA ALA C 51 1.37 1.05 -43.20
C ALA C 51 0.97 -0.34 -42.71
N PHE C 52 0.36 -1.11 -43.61
CA PHE C 52 -0.20 -2.41 -43.25
C PHE C 52 0.78 -3.55 -43.54
N LEU C 53 1.17 -3.72 -44.80
CA LEU C 53 1.99 -4.86 -45.18
C LEU C 53 3.37 -4.88 -44.51
N PRO C 54 4.12 -3.76 -44.43
CA PRO C 54 5.37 -3.81 -43.65
C PRO C 54 5.15 -4.22 -42.19
N ALA C 55 4.08 -3.75 -41.56
CA ALA C 55 3.75 -4.17 -40.21
C ALA C 55 3.28 -5.62 -40.15
N LEU C 56 2.64 -6.11 -41.22
CA LEU C 56 2.25 -7.50 -41.32
C LEU C 56 3.46 -8.43 -41.48
N LYS C 57 4.54 -7.92 -42.06
CA LYS C 57 5.71 -8.75 -42.33
C LYS C 57 6.50 -9.10 -41.07
N LYS C 58 6.59 -8.18 -40.11
CA LYS C 58 7.53 -8.32 -39.01
C LYS C 58 6.91 -8.84 -37.72
N VAL C 59 5.71 -9.38 -37.75
CA VAL C 59 5.07 -9.88 -36.54
C VAL C 59 4.49 -11.26 -36.81
N ALA C 60 4.68 -12.15 -35.85
CA ALA C 60 4.17 -13.52 -35.93
C ALA C 60 3.76 -13.96 -34.53
N LEU C 61 3.14 -15.14 -34.46
CA LEU C 61 2.61 -15.63 -33.20
C LEU C 61 2.80 -17.13 -33.09
N THR C 62 2.99 -17.58 -31.85
CA THR C 62 3.27 -18.97 -31.51
C THR C 62 2.21 -19.50 -30.54
N ALA C 63 2.05 -20.82 -30.60
CA ALA C 63 1.19 -21.55 -29.68
C ALA C 63 2.06 -22.56 -28.93
N GLN C 64 1.94 -22.56 -27.61
CA GLN C 64 2.78 -23.38 -26.75
C GLN C 64 1.89 -24.21 -25.83
N THR C 65 2.32 -25.44 -25.56
CA THR C 65 1.60 -26.31 -24.64
C THR C 65 2.58 -27.32 -24.06
N GLY C 66 2.22 -27.86 -22.89
CA GLY C 66 3.04 -28.83 -22.21
C GLY C 66 4.09 -28.17 -21.33
N GLU C 67 4.73 -29.00 -20.51
CA GLU C 67 5.77 -28.53 -19.62
C GLU C 67 7.07 -28.21 -20.35
N GLN C 68 7.42 -28.99 -21.36
CA GLN C 68 8.64 -28.77 -22.14
C GLN C 68 8.28 -28.78 -23.61
N PRO C 69 7.87 -27.63 -24.15
CA PRO C 69 7.44 -27.58 -25.55
C PRO C 69 8.59 -27.78 -26.52
N SER C 70 8.24 -28.34 -27.68
CA SER C 70 9.21 -28.57 -28.75
C SER C 70 8.47 -28.76 -30.06
N LYS C 71 9.18 -28.55 -31.16
CA LYS C 71 8.62 -28.78 -32.48
C LYS C 71 8.70 -30.24 -32.90
N ILE C 72 9.45 -31.07 -32.15
CA ILE C 72 9.52 -32.49 -32.47
C ILE C 72 8.42 -33.30 -31.79
N ASN C 73 7.85 -32.80 -30.70
CA ASN C 73 6.69 -33.41 -30.06
C ASN C 73 5.38 -32.81 -30.52
N ARG C 74 5.43 -31.87 -31.47
CA ARG C 74 4.26 -31.14 -31.97
C ARG C 74 3.54 -30.38 -30.87
N THR C 75 4.25 -30.05 -29.78
CA THR C 75 3.70 -29.28 -28.68
C THR C 75 4.05 -27.80 -28.78
N GLN C 76 4.64 -27.38 -29.90
CA GLN C 76 4.97 -25.99 -30.13
C GLN C 76 4.71 -25.69 -31.60
N ALA C 77 4.16 -24.51 -31.88
CA ALA C 77 3.90 -24.10 -33.25
C ALA C 77 4.18 -22.62 -33.39
N THR C 78 4.70 -22.23 -34.56
CA THR C 78 4.98 -20.84 -34.88
C THR C 78 4.39 -20.56 -36.25
N PHE C 79 3.72 -19.42 -36.40
CA PHE C 79 3.14 -19.09 -37.69
C PHE C 79 2.95 -17.59 -37.78
N PRO C 80 3.04 -17.01 -38.98
CA PRO C 80 2.88 -15.58 -39.14
C PRO C 80 1.44 -15.19 -39.44
N ILE C 81 1.20 -13.88 -39.37
CA ILE C 81 -0.10 -13.30 -39.69
C ILE C 81 -0.10 -12.98 -41.19
N SER C 82 -0.60 -13.93 -41.98
CA SER C 82 -0.56 -13.82 -43.42
C SER C 82 -1.97 -13.88 -44.01
N SER C 83 -2.14 -13.24 -45.17
CA SER C 83 -3.42 -13.25 -45.86
C SER C 83 -3.64 -14.52 -46.68
N LEU C 84 -2.59 -15.31 -46.91
CA LEU C 84 -2.71 -16.57 -47.62
C LEU C 84 -1.84 -17.62 -46.95
N GLY C 85 -2.33 -18.84 -46.91
CA GLY C 85 -1.59 -19.93 -46.29
C GLY C 85 -2.37 -21.21 -46.34
N ASP C 86 -1.78 -22.26 -45.77
CA ASP C 86 -2.42 -23.57 -45.74
C ASP C 86 -3.47 -23.60 -44.65
N ARG C 87 -4.71 -23.94 -45.03
CA ARG C 87 -5.82 -24.00 -44.10
C ARG C 87 -5.87 -25.30 -43.30
N LYS C 88 -5.07 -26.29 -43.68
CA LYS C 88 -5.05 -27.56 -42.97
C LYS C 88 -4.08 -27.58 -41.80
N TRP C 89 -3.30 -26.52 -41.61
CA TRP C 89 -2.36 -26.42 -40.51
C TRP C 89 -2.66 -25.13 -39.75
N TRP C 90 -1.81 -24.80 -38.78
CA TRP C 90 -1.96 -23.55 -38.05
C TRP C 90 -1.83 -22.36 -39.00
N SER C 91 -2.77 -21.43 -38.92
CA SER C 91 -2.79 -20.28 -39.81
C SER C 91 -3.62 -19.18 -39.17
N ALA C 92 -3.51 -17.98 -39.72
CA ALA C 92 -4.25 -16.82 -39.22
C ALA C 92 -4.36 -15.74 -40.28
N VAL C 93 -5.59 -15.35 -40.62
CA VAL C 93 -5.85 -14.34 -41.65
C VAL C 93 -6.70 -13.24 -41.05
N VAL C 94 -6.37 -12.00 -41.38
CA VAL C 94 -7.11 -10.84 -40.89
C VAL C 94 -8.40 -10.72 -41.69
N GLU C 95 -9.53 -10.80 -41.00
CA GLU C 95 -10.84 -10.68 -41.64
C GLU C 95 -11.30 -9.23 -41.72
N GLU C 96 -11.19 -8.48 -40.63
CA GLU C 96 -11.60 -7.09 -40.61
C GLU C 96 -10.49 -6.23 -40.04
N ARG C 97 -10.29 -5.07 -40.65
CA ARG C 97 -9.27 -4.11 -40.28
C ARG C 97 -9.91 -2.82 -39.78
N ASP C 98 -9.40 -2.30 -38.67
CA ASP C 98 -9.84 -1.03 -38.14
C ASP C 98 -8.62 -0.12 -38.00
N ALA C 99 -8.86 1.12 -37.56
CA ALA C 99 -7.75 2.03 -37.31
C ALA C 99 -6.89 1.56 -36.14
N GLN C 100 -7.52 0.94 -35.15
CA GLN C 100 -6.85 0.56 -33.92
C GLN C 100 -6.91 -0.94 -33.64
N SER C 101 -7.84 -1.66 -34.26
CA SER C 101 -8.06 -3.07 -33.95
C SER C 101 -8.00 -3.92 -35.21
N TRP C 102 -7.64 -5.19 -35.01
CA TRP C 102 -7.65 -6.20 -36.05
C TRP C 102 -8.50 -7.37 -35.60
N THR C 103 -9.18 -8.02 -36.55
CA THR C 103 -9.94 -9.24 -36.27
C THR C 103 -9.24 -10.40 -36.99
N ILE C 104 -8.67 -11.31 -36.22
CA ILE C 104 -7.93 -12.44 -36.77
C ILE C 104 -8.80 -13.68 -36.66
N SER C 105 -8.64 -14.59 -37.61
CA SER C 105 -9.37 -15.86 -37.63
C SER C 105 -8.34 -16.98 -37.65
N VAL C 106 -8.05 -17.54 -36.48
CA VAL C 106 -7.04 -18.58 -36.35
C VAL C 106 -7.63 -19.93 -36.72
N THR C 107 -6.84 -20.76 -37.40
CA THR C 107 -7.25 -22.10 -37.79
C THR C 107 -6.32 -23.11 -37.13
N THR C 108 -6.88 -24.27 -36.78
CA THR C 108 -6.15 -25.30 -36.06
C THR C 108 -6.17 -26.61 -36.84
N PRO C 109 -5.07 -27.35 -36.85
CA PRO C 109 -5.06 -28.64 -37.55
C PRO C 109 -5.98 -29.64 -36.90
N ALA C 110 -6.53 -30.53 -37.72
CA ALA C 110 -7.46 -31.57 -37.28
C ALA C 110 -6.81 -32.68 -36.49
N ASP C 111 -5.49 -32.63 -36.26
CA ASP C 111 -4.77 -33.64 -35.49
C ASP C 111 -3.73 -32.91 -34.66
N ALA C 112 -4.10 -32.55 -33.43
CA ALA C 112 -3.24 -31.79 -32.54
C ALA C 112 -3.31 -32.36 -31.13
N VAL C 113 -2.26 -32.09 -30.35
CA VAL C 113 -2.22 -32.53 -28.95
C VAL C 113 -3.16 -31.68 -28.13
N ILE C 114 -3.96 -32.33 -27.28
CA ILE C 114 -4.91 -31.64 -26.42
C ILE C 114 -4.23 -31.24 -25.12
N GLY C 115 -4.78 -30.23 -24.47
CA GLY C 115 -4.28 -29.76 -23.19
C GLY C 115 -4.43 -28.27 -23.09
N HIS C 116 -3.77 -27.69 -22.08
CA HIS C 116 -3.78 -26.25 -21.87
C HIS C 116 -2.79 -25.60 -22.81
N TYR C 117 -3.23 -24.56 -23.51
CA TYR C 117 -2.39 -23.86 -24.47
C TYR C 117 -2.15 -22.43 -24.02
N SER C 118 -1.17 -21.80 -24.66
CA SER C 118 -0.85 -20.40 -24.43
C SER C 118 -0.42 -19.78 -25.75
N LEU C 119 -0.89 -18.56 -26.00
CA LEU C 119 -0.61 -17.84 -27.24
C LEU C 119 0.39 -16.73 -26.95
N LEU C 120 1.42 -16.64 -27.79
CA LEU C 120 2.46 -15.63 -27.64
C LEU C 120 2.63 -14.89 -28.95
N LEU C 121 3.03 -13.62 -28.86
CA LEU C 121 3.24 -12.77 -30.03
C LEU C 121 4.68 -12.26 -29.98
N GLN C 122 5.33 -12.22 -31.14
CA GLN C 122 6.72 -11.79 -31.21
C GLN C 122 6.83 -10.60 -32.15
N VAL C 123 7.46 -9.53 -31.67
CA VAL C 123 7.78 -8.38 -32.52
C VAL C 123 9.19 -8.58 -33.06
N SER C 124 9.49 -7.92 -34.19
CA SER C 124 10.79 -8.10 -34.84
C SER C 124 11.93 -7.72 -33.92
N GLY C 125 11.79 -6.62 -33.19
CA GLY C 125 12.83 -6.17 -32.28
C GLY C 125 12.58 -6.58 -30.84
N ARG C 126 11.37 -6.38 -30.37
CA ARG C 126 11.03 -6.58 -28.96
C ARG C 126 10.84 -8.06 -28.66
N LYS C 127 10.71 -8.38 -27.38
CA LYS C 127 10.59 -9.76 -26.92
C LYS C 127 9.15 -10.25 -27.05
N GLN C 128 8.96 -11.55 -26.86
CA GLN C 128 7.63 -12.15 -26.92
C GLN C 128 6.75 -11.67 -25.77
N LEU C 129 5.45 -11.57 -26.05
CA LEU C 129 4.45 -11.21 -25.05
C LEU C 129 3.30 -12.19 -25.08
N LEU C 130 2.86 -12.62 -23.90
CA LEU C 130 1.79 -13.60 -23.76
C LEU C 130 0.45 -12.89 -23.91
N LEU C 131 -0.44 -13.46 -24.73
CA LEU C 131 -1.75 -12.88 -24.99
C LEU C 131 -2.84 -13.50 -24.12
N GLY C 132 -2.81 -14.81 -23.93
CA GLY C 132 -3.83 -15.47 -23.13
C GLY C 132 -3.64 -16.97 -23.16
N GLN C 133 -4.65 -17.67 -22.63
CA GLN C 133 -4.62 -19.11 -22.54
C GLN C 133 -5.95 -19.68 -23.04
N PHE C 134 -5.89 -20.90 -23.56
CA PHE C 134 -7.07 -21.61 -24.03
C PHE C 134 -6.79 -23.10 -23.99
N THR C 135 -7.85 -23.90 -24.16
CA THR C 135 -7.75 -25.35 -24.08
C THR C 135 -8.32 -25.95 -25.35
N LEU C 136 -7.72 -27.05 -25.80
CA LEU C 136 -8.09 -27.72 -27.04
C LEU C 136 -8.67 -29.09 -26.73
N LEU C 137 -9.76 -29.45 -27.41
CA LEU C 137 -10.49 -30.67 -27.13
C LEU C 137 -10.93 -31.32 -28.43
N PHE C 138 -11.19 -32.63 -28.36
CA PHE C 138 -11.73 -33.35 -29.50
C PHE C 138 -13.15 -32.87 -29.80
N ASN C 139 -13.56 -33.07 -31.06
CA ASN C 139 -14.92 -32.73 -31.45
C ASN C 139 -15.48 -33.74 -32.44
N PRO C 140 -16.69 -34.26 -32.20
CA PRO C 140 -17.34 -35.13 -33.19
C PRO C 140 -17.95 -34.38 -34.36
N TRP C 141 -17.85 -33.05 -34.37
CA TRP C 141 -18.47 -32.25 -35.42
C TRP C 141 -17.56 -32.02 -36.62
N ASN C 142 -16.32 -32.48 -36.56
CA ASN C 142 -15.36 -32.25 -37.63
C ASN C 142 -15.19 -33.51 -38.46
N ARG C 143 -15.38 -33.37 -39.78
CA ARG C 143 -15.29 -34.52 -40.69
C ARG C 143 -13.89 -35.11 -40.75
N GLU C 144 -12.86 -34.32 -40.47
CA GLU C 144 -11.48 -34.77 -40.58
C GLU C 144 -10.95 -35.35 -39.27
N ASP C 145 -11.77 -35.37 -38.21
CA ASP C 145 -11.36 -35.88 -36.92
C ASP C 145 -11.61 -37.39 -36.84
N ALA C 146 -10.79 -38.06 -36.03
CA ALA C 146 -10.98 -39.49 -35.83
C ALA C 146 -12.33 -39.79 -35.19
N VAL C 147 -12.73 -38.98 -34.22
CA VAL C 147 -14.05 -39.11 -33.60
C VAL C 147 -14.97 -38.12 -34.32
N PHE C 148 -15.81 -38.65 -35.19
CA PHE C 148 -16.76 -37.85 -35.96
C PHE C 148 -18.08 -38.61 -36.02
N LEU C 149 -19.14 -37.99 -35.55
CA LEU C 149 -20.47 -38.61 -35.52
C LEU C 149 -21.33 -38.02 -36.62
N LYS C 150 -21.88 -38.89 -37.47
CA LYS C 150 -22.69 -38.42 -38.59
C LYS C 150 -24.03 -37.89 -38.12
N ASN C 151 -24.70 -38.61 -37.23
CA ASN C 151 -26.00 -38.19 -36.74
C ASN C 151 -25.86 -37.02 -35.77
N GLU C 152 -26.92 -36.23 -35.68
CA GLU C 152 -26.97 -35.08 -34.79
C GLU C 152 -27.62 -35.40 -33.45
N ALA C 153 -28.72 -36.16 -33.47
CA ALA C 153 -29.36 -36.56 -32.21
C ALA C 153 -28.44 -37.44 -31.38
N GLN C 154 -27.65 -38.29 -32.04
CA GLN C 154 -26.68 -39.10 -31.33
C GLN C 154 -25.62 -38.22 -30.66
N ARG C 155 -25.22 -37.13 -31.33
CA ARG C 155 -24.30 -36.17 -30.72
C ARG C 155 -24.92 -35.54 -29.49
N MET C 156 -26.21 -35.17 -29.58
CA MET C 156 -26.91 -34.58 -28.46
C MET C 156 -27.02 -35.54 -27.28
N GLU C 157 -27.29 -36.81 -27.54
CA GLU C 157 -27.47 -37.79 -26.47
C GLU C 157 -26.15 -38.21 -25.84
N TYR C 158 -25.11 -38.45 -26.64
CA TYR C 158 -23.89 -39.07 -26.15
C TYR C 158 -22.80 -38.07 -25.78
N LEU C 159 -22.96 -36.79 -26.09
CA LEU C 159 -21.88 -35.90 -25.70
C LEU C 159 -22.34 -34.69 -24.90
N LEU C 160 -23.46 -34.07 -25.28
CA LEU C 160 -23.90 -32.85 -24.62
C LEU C 160 -24.90 -33.10 -23.50
N ASN C 161 -25.34 -34.35 -23.32
CA ASN C 161 -26.29 -34.66 -22.25
C ASN C 161 -25.56 -34.86 -20.93
N GLN C 162 -26.19 -34.43 -19.84
CA GLN C 162 -25.65 -34.59 -18.51
C GLN C 162 -26.52 -35.45 -17.62
N ASN C 163 -27.76 -35.72 -18.02
CA ASN C 163 -28.70 -36.54 -17.25
C ASN C 163 -28.81 -37.91 -17.91
N GLY C 164 -28.33 -38.94 -17.23
CA GLY C 164 -28.36 -40.29 -17.77
C GLY C 164 -29.19 -41.23 -16.90
N LEU C 165 -29.30 -42.46 -17.38
CA LEU C 165 -30.04 -43.51 -16.68
C LEU C 165 -29.16 -44.74 -16.54
N ILE C 166 -29.22 -45.36 -15.37
CA ILE C 166 -28.51 -46.61 -15.09
C ILE C 166 -29.54 -47.67 -14.74
N TYR C 167 -29.45 -48.82 -15.39
CA TYR C 167 -30.44 -49.88 -15.25
C TYR C 167 -29.92 -50.94 -14.29
N LEU C 168 -30.72 -51.25 -13.27
CA LEU C 168 -30.35 -52.22 -12.25
C LEU C 168 -31.49 -53.23 -12.10
N GLY C 169 -31.28 -54.19 -11.20
CA GLY C 169 -32.22 -55.27 -10.96
C GLY C 169 -31.88 -56.51 -11.74
N THR C 170 -32.79 -57.47 -11.68
CA THR C 170 -32.64 -58.74 -12.38
C THR C 170 -33.01 -58.59 -13.85
N ALA C 171 -32.80 -59.66 -14.61
CA ALA C 171 -33.16 -59.65 -16.02
C ALA C 171 -34.67 -59.62 -16.22
N ASP C 172 -35.45 -59.97 -15.21
CA ASP C 172 -36.90 -59.98 -15.31
C ASP C 172 -37.52 -58.62 -15.03
N CYS C 173 -37.05 -57.93 -13.99
CA CYS C 173 -37.53 -56.59 -13.65
C CYS C 173 -36.36 -55.61 -13.72
N ILE C 174 -36.56 -54.53 -14.47
CA ILE C 174 -35.52 -53.53 -14.71
C ILE C 174 -35.93 -52.24 -14.01
N GLN C 175 -35.04 -51.70 -13.18
CA GLN C 175 -35.29 -50.44 -12.48
C GLN C 175 -34.30 -49.41 -12.99
N ALA C 176 -34.82 -48.26 -13.44
CA ALA C 176 -33.97 -47.18 -13.91
C ALA C 176 -33.68 -46.22 -12.75
N GLU C 177 -32.43 -45.77 -12.70
CA GLU C 177 -31.97 -44.83 -11.68
C GLU C 177 -31.38 -43.62 -12.40
N SER C 178 -31.78 -42.43 -11.96
CA SER C 178 -31.32 -41.20 -12.59
C SER C 178 -29.93 -40.86 -12.10
N TRP C 179 -29.00 -40.65 -13.04
CA TRP C 179 -27.63 -40.30 -12.73
C TRP C 179 -27.31 -38.93 -13.30
N ASP C 180 -26.56 -38.15 -12.54
CA ASP C 180 -26.13 -36.81 -12.95
C ASP C 180 -24.64 -36.90 -13.25
N PHE C 181 -24.31 -37.04 -14.53
CA PHE C 181 -22.92 -37.17 -14.93
C PHE C 181 -22.13 -35.90 -14.59
N GLY C 182 -22.70 -34.74 -14.89
CA GLY C 182 -22.05 -33.48 -14.54
C GLY C 182 -20.70 -33.27 -15.18
N GLN C 183 -20.58 -33.56 -16.48
CA GLN C 183 -19.31 -33.41 -17.16
C GLN C 183 -18.93 -31.95 -17.38
N PHE C 184 -19.88 -31.03 -17.26
CA PHE C 184 -19.63 -29.61 -17.48
C PHE C 184 -19.50 -28.82 -16.19
N GLU C 185 -18.96 -29.44 -15.13
CA GLU C 185 -18.73 -28.72 -13.89
C GLU C 185 -17.46 -27.88 -14.00
N GLY C 186 -17.21 -27.05 -12.99
CA GLY C 186 -16.11 -26.11 -13.07
C GLY C 186 -14.74 -26.77 -13.05
N ASP C 187 -14.55 -27.74 -12.15
CA ASP C 187 -13.22 -28.30 -11.90
C ASP C 187 -13.02 -29.70 -12.46
N VAL C 188 -14.03 -30.29 -13.10
CA VAL C 188 -13.89 -31.65 -13.60
C VAL C 188 -12.85 -31.72 -14.72
N ILE C 189 -12.86 -30.74 -15.62
CA ILE C 189 -11.91 -30.73 -16.73
C ILE C 189 -10.48 -30.57 -16.21
N ASP C 190 -10.29 -29.69 -15.23
CA ASP C 190 -8.97 -29.47 -14.67
C ASP C 190 -8.45 -30.73 -13.99
N LEU C 191 -9.30 -31.40 -13.21
CA LEU C 191 -8.90 -32.64 -12.56
C LEU C 191 -8.58 -33.71 -13.58
N SER C 192 -9.38 -33.83 -14.63
CA SER C 192 -9.13 -34.83 -15.66
C SER C 192 -7.81 -34.58 -16.37
N LEU C 193 -7.52 -33.31 -16.70
CA LEU C 193 -6.26 -33.00 -17.36
C LEU C 193 -5.07 -33.24 -16.43
N ARG C 194 -5.21 -32.88 -15.15
CA ARG C 194 -4.13 -33.12 -14.20
C ARG C 194 -3.86 -34.61 -14.03
N LEU C 195 -4.92 -35.42 -13.98
CA LEU C 195 -4.73 -36.86 -13.92
C LEU C 195 -4.11 -37.40 -15.19
N LEU C 196 -4.51 -36.88 -16.35
CA LEU C 196 -3.94 -37.34 -17.61
C LEU C 196 -2.47 -36.96 -17.74
N SER C 197 -2.05 -35.88 -17.09
CA SER C 197 -0.68 -35.39 -17.21
C SER C 197 0.35 -36.33 -16.61
N LYS C 198 -0.08 -37.44 -16.03
CA LYS C 198 0.80 -38.44 -15.45
C LYS C 198 1.04 -39.62 -16.40
N ASP C 199 1.11 -39.35 -17.70
CA ASP C 199 1.25 -40.38 -18.72
C ASP C 199 2.65 -40.46 -19.32
N LYS C 200 3.31 -39.31 -19.49
CA LYS C 200 4.69 -39.17 -19.97
C LYS C 200 4.85 -39.53 -21.44
N GLN C 201 3.80 -40.05 -22.08
CA GLN C 201 3.80 -40.26 -23.53
C GLN C 201 3.01 -39.13 -24.19
N VAL C 202 3.62 -37.94 -24.18
CA VAL C 202 2.93 -36.74 -24.62
C VAL C 202 2.61 -36.81 -26.12
N GLU C 203 3.55 -37.30 -26.92
CA GLU C 203 3.39 -37.32 -28.37
C GLU C 203 2.16 -38.10 -28.81
N LYS C 204 1.75 -39.10 -28.03
CA LYS C 204 0.61 -39.94 -28.37
C LYS C 204 -0.72 -39.37 -27.89
N TRP C 205 -0.72 -38.15 -27.34
CA TRP C 205 -1.98 -37.55 -26.89
C TRP C 205 -2.85 -37.04 -28.03
N SER C 206 -2.48 -37.31 -29.28
CA SER C 206 -3.28 -36.90 -30.43
C SER C 206 -4.21 -38.01 -30.92
N GLN C 207 -4.21 -39.18 -30.27
CA GLN C 207 -5.04 -40.30 -30.68
C GLN C 207 -5.88 -40.77 -29.50
N PRO C 208 -7.18 -41.03 -29.71
CA PRO C 208 -8.06 -41.34 -28.58
C PRO C 208 -7.77 -42.69 -27.93
N VAL C 209 -7.14 -43.63 -28.63
CA VAL C 209 -6.90 -44.96 -28.08
C VAL C 209 -5.99 -44.88 -26.86
N HIS C 210 -4.89 -44.12 -26.99
CA HIS C 210 -3.93 -44.00 -25.90
C HIS C 210 -4.57 -43.34 -24.68
N VAL C 211 -5.37 -42.30 -24.90
CA VAL C 211 -6.03 -41.60 -23.80
C VAL C 211 -7.02 -42.52 -23.11
N ALA C 212 -7.80 -43.26 -23.89
CA ALA C 212 -8.77 -44.19 -23.31
C ALA C 212 -8.07 -45.26 -22.49
N ARG C 213 -6.96 -45.80 -23.01
CA ARG C 213 -6.23 -46.84 -22.29
C ARG C 213 -5.68 -46.33 -20.97
N VAL C 214 -5.01 -45.18 -20.99
CA VAL C 214 -4.41 -44.66 -19.77
C VAL C 214 -5.49 -44.29 -18.75
N LEU C 215 -6.59 -43.68 -19.20
CA LEU C 215 -7.66 -43.32 -18.29
C LEU C 215 -8.29 -44.54 -17.67
N GLY C 216 -8.53 -45.59 -18.47
CA GLY C 216 -9.08 -46.81 -17.91
C GLY C 216 -8.19 -47.45 -16.87
N ALA C 217 -6.89 -47.54 -17.18
CA ALA C 217 -5.95 -48.14 -16.24
C ALA C 217 -5.88 -47.35 -14.95
N LEU C 218 -5.74 -46.02 -15.06
CA LEU C 218 -5.62 -45.18 -13.86
C LEU C 218 -6.90 -45.19 -13.03
N LEU C 219 -8.07 -45.18 -13.68
CA LEU C 219 -9.32 -45.23 -12.94
C LEU C 219 -9.49 -46.57 -12.24
N HIS C 220 -9.11 -47.67 -12.89
CA HIS C 220 -9.17 -48.96 -12.22
C HIS C 220 -8.24 -49.01 -11.01
N PHE C 221 -7.04 -48.44 -11.16
CA PHE C 221 -6.11 -48.39 -10.02
C PHE C 221 -6.68 -47.56 -8.89
N LEU C 222 -7.27 -46.41 -9.21
CA LEU C 222 -7.86 -45.56 -8.18
C LEU C 222 -9.02 -46.25 -7.48
N LYS C 223 -9.86 -46.96 -8.23
CA LYS C 223 -10.95 -47.70 -7.64
C LYS C 223 -10.42 -48.80 -6.70
N GLU C 224 -9.39 -49.51 -7.13
CA GLU C 224 -8.80 -50.55 -6.29
C GLU C 224 -8.22 -49.95 -5.01
N GLN C 225 -7.62 -48.76 -5.10
CA GLN C 225 -6.98 -48.17 -3.94
C GLN C 225 -7.98 -47.54 -2.97
N ARG C 226 -9.03 -46.91 -3.47
CA ARG C 226 -9.83 -45.99 -2.66
C ARG C 226 -11.19 -46.53 -2.25
N VAL C 227 -11.55 -47.75 -2.62
CA VAL C 227 -12.84 -48.32 -2.27
C VAL C 227 -12.68 -49.16 -1.01
N LEU C 228 -13.44 -48.81 0.03
CA LEU C 228 -13.37 -49.50 1.30
C LEU C 228 -14.35 -50.68 1.34
N PRO C 229 -14.02 -51.73 2.08
CA PRO C 229 -14.98 -52.82 2.29
C PRO C 229 -16.13 -52.38 3.17
N THR C 230 -17.26 -53.04 2.99
CA THR C 230 -18.46 -52.70 3.76
C THR C 230 -18.23 -53.01 5.24
N PRO C 231 -18.75 -52.19 6.15
CA PRO C 231 -18.57 -52.45 7.58
C PRO C 231 -19.24 -53.76 8.00
N GLN C 232 -18.56 -54.49 8.88
CA GLN C 232 -19.09 -55.76 9.38
C GLN C 232 -20.20 -55.52 10.40
N THR C 233 -20.11 -54.42 11.15
CA THR C 233 -21.08 -54.16 12.21
C THR C 233 -22.46 -53.83 11.62
N GLN C 234 -23.48 -54.02 12.46
CA GLN C 234 -24.86 -53.75 12.07
C GLN C 234 -25.25 -52.37 12.58
N ALA C 235 -25.58 -51.47 11.66
CA ALA C 235 -25.93 -50.09 12.03
C ALA C 235 -27.00 -49.60 11.06
N THR C 236 -28.27 -49.72 11.49
CA THR C 236 -29.36 -49.23 10.66
C THR C 236 -29.48 -47.71 10.69
N GLN C 237 -28.99 -47.07 11.76
CA GLN C 237 -29.11 -45.62 11.88
C GLN C 237 -28.31 -44.88 10.82
N GLU C 238 -27.08 -45.33 10.55
CA GLU C 238 -26.23 -44.67 9.57
C GLU C 238 -26.25 -45.35 8.21
N GLY C 239 -27.08 -46.37 8.02
CA GLY C 239 -27.17 -47.04 6.73
C GLY C 239 -27.71 -46.16 5.62
N ALA C 240 -28.49 -45.14 5.96
CA ALA C 240 -29.04 -44.24 4.94
C ALA C 240 -27.99 -43.33 4.32
N LEU C 241 -26.81 -43.20 4.95
CA LEU C 241 -25.76 -42.32 4.47
C LEU C 241 -24.65 -43.07 3.75
N LEU C 242 -24.69 -44.41 3.76
CA LEU C 242 -23.64 -45.19 3.13
C LEU C 242 -23.96 -45.60 1.70
N ASN C 243 -25.24 -45.59 1.31
CA ASN C 243 -25.64 -46.11 0.01
C ASN C 243 -26.34 -45.07 -0.86
N LYS C 244 -26.30 -43.80 -0.46
CA LYS C 244 -26.94 -42.74 -1.23
C LYS C 244 -25.89 -42.04 -2.10
N ARG C 245 -26.24 -41.81 -3.36
CA ARG C 245 -25.32 -41.24 -4.34
C ARG C 245 -25.84 -39.90 -4.84
N ARG C 246 -24.95 -38.92 -4.93
CA ARG C 246 -25.30 -37.59 -5.43
C ARG C 246 -24.75 -37.33 -6.82
N GLY C 247 -24.26 -38.37 -7.50
CA GLY C 247 -23.76 -38.21 -8.86
C GLY C 247 -22.39 -38.85 -9.00
N SER C 248 -21.62 -38.31 -9.94
CA SER C 248 -20.30 -38.84 -10.24
C SER C 248 -19.16 -37.87 -9.97
N VAL C 249 -19.44 -36.59 -9.76
CA VAL C 249 -18.41 -35.59 -9.49
C VAL C 249 -17.90 -35.71 -8.04
N PRO C 250 -18.76 -35.87 -7.02
CA PRO C 250 -18.22 -36.11 -5.68
C PRO C 250 -17.33 -37.34 -5.59
N ILE C 251 -17.67 -38.41 -6.31
CA ILE C 251 -16.85 -39.62 -6.28
C ILE C 251 -15.47 -39.34 -6.86
N LEU C 252 -15.43 -38.64 -8.00
CA LEU C 252 -14.15 -38.31 -8.62
C LEU C 252 -13.32 -37.40 -7.72
N ARG C 253 -13.96 -36.40 -7.11
CA ARG C 253 -13.26 -35.50 -6.20
C ARG C 253 -12.68 -36.25 -5.01
N GLN C 254 -13.47 -37.15 -4.41
CA GLN C 254 -13.00 -37.90 -3.26
C GLN C 254 -11.91 -38.88 -3.63
N TRP C 255 -11.95 -39.44 -4.84
CA TRP C 255 -10.90 -40.35 -5.26
C TRP C 255 -9.60 -39.60 -5.53
N LEU C 256 -9.69 -38.40 -6.10
CA LEU C 256 -8.47 -37.65 -6.41
C LEU C 256 -7.86 -37.00 -5.18
N THR C 257 -8.68 -36.53 -4.23
CA THR C 257 -8.17 -35.76 -3.10
C THR C 257 -8.31 -36.45 -1.76
N GLY C 258 -9.21 -37.41 -1.62
CA GLY C 258 -9.39 -38.09 -0.35
C GLY C 258 -9.89 -37.19 0.77
N ARG C 259 -10.83 -36.31 0.47
CA ARG C 259 -11.36 -35.35 1.42
C ARG C 259 -12.89 -35.29 1.32
N GLY C 260 -13.51 -36.45 1.29
CA GLY C 260 -14.95 -36.54 1.19
C GLY C 260 -15.46 -37.87 1.69
N ARG C 261 -16.72 -38.15 1.36
CA ARG C 261 -17.33 -39.42 1.78
C ARG C 261 -16.83 -40.56 0.91
N PRO C 262 -16.26 -41.61 1.50
CA PRO C 262 -15.77 -42.74 0.71
C PRO C 262 -16.93 -43.62 0.23
N VAL C 263 -16.60 -44.48 -0.73
CA VAL C 263 -17.55 -45.41 -1.32
C VAL C 263 -17.23 -46.81 -0.83
N TYR C 264 -18.26 -47.55 -0.44
CA TYR C 264 -18.12 -48.88 0.13
C TYR C 264 -18.36 -49.96 -0.93
N ASP C 265 -18.17 -51.21 -0.51
CA ASP C 265 -18.25 -52.35 -1.42
C ASP C 265 -19.64 -52.59 -1.97
N GLY C 266 -20.67 -51.99 -1.36
CA GLY C 266 -22.03 -52.20 -1.86
C GLY C 266 -22.26 -51.62 -3.23
N GLN C 267 -21.53 -50.56 -3.59
CA GLN C 267 -21.62 -49.94 -4.91
C GLN C 267 -20.21 -49.84 -5.48
N ALA C 268 -19.77 -50.91 -6.15
CA ALA C 268 -18.49 -50.92 -6.84
C ALA C 268 -18.63 -50.91 -8.36
N TRP C 269 -19.85 -50.79 -8.86
CA TRP C 269 -20.11 -50.72 -10.30
C TRP C 269 -20.11 -49.30 -10.84
N VAL C 270 -19.84 -48.30 -10.00
CA VAL C 270 -19.88 -46.91 -10.44
C VAL C 270 -18.66 -46.54 -11.28
N LEU C 271 -17.68 -47.43 -11.39
CA LEU C 271 -16.48 -47.15 -12.17
C LEU C 271 -16.82 -46.87 -13.63
N ALA C 272 -17.77 -47.62 -14.18
CA ALA C 272 -18.22 -47.40 -15.55
C ALA C 272 -18.82 -46.00 -15.71
N ALA C 273 -19.63 -45.58 -14.73
CA ALA C 273 -20.24 -44.26 -14.78
C ALA C 273 -19.18 -43.16 -14.71
N VAL C 274 -18.19 -43.35 -13.82
CA VAL C 274 -17.12 -42.35 -13.70
C VAL C 274 -16.31 -42.27 -15.00
N ALA C 275 -16.02 -43.42 -15.59
CA ALA C 275 -15.28 -43.45 -16.86
C ALA C 275 -16.08 -42.75 -17.96
N CYS C 276 -17.38 -43.01 -18.01
CA CYS C 276 -18.22 -42.34 -19.01
C CYS C 276 -18.24 -40.83 -18.80
N THR C 277 -18.31 -40.40 -17.54
CA THR C 277 -18.27 -38.98 -17.23
C THR C 277 -16.98 -38.35 -17.71
N VAL C 278 -15.86 -38.99 -17.42
CA VAL C 278 -14.55 -38.45 -17.82
C VAL C 278 -14.43 -38.39 -19.34
N LEU C 279 -14.86 -39.47 -20.02
CA LEU C 279 -14.77 -39.52 -21.48
C LEU C 279 -15.64 -38.46 -22.12
N ARG C 280 -16.86 -38.26 -21.61
CA ARG C 280 -17.69 -37.16 -22.11
C ARG C 280 -17.07 -35.80 -21.83
N CYS C 281 -16.41 -35.65 -20.67
CA CYS C 281 -15.74 -34.39 -20.36
C CYS C 281 -14.62 -34.09 -21.35
N LEU C 282 -13.83 -35.10 -21.71
CA LEU C 282 -12.75 -34.92 -22.67
C LEU C 282 -13.25 -34.72 -24.10
N GLY C 283 -14.48 -35.10 -24.40
CA GLY C 283 -15.04 -34.90 -25.72
C GLY C 283 -15.24 -36.16 -26.54
N ILE C 284 -15.03 -37.34 -25.97
CA ILE C 284 -15.22 -38.61 -26.67
C ILE C 284 -16.58 -39.17 -26.26
N PRO C 285 -17.49 -39.39 -27.20
CA PRO C 285 -18.81 -39.95 -26.83
C PRO C 285 -18.68 -41.31 -26.17
N ALA C 286 -19.50 -41.52 -25.14
CA ALA C 286 -19.48 -42.76 -24.39
C ALA C 286 -20.86 -43.01 -23.79
N ARG C 287 -21.08 -44.27 -23.40
CA ARG C 287 -22.33 -44.68 -22.78
C ARG C 287 -22.09 -45.93 -21.94
N VAL C 288 -22.90 -46.08 -20.90
CA VAL C 288 -22.76 -47.17 -19.94
C VAL C 288 -23.80 -48.22 -20.23
N VAL C 289 -23.36 -49.45 -20.44
CA VAL C 289 -24.27 -50.57 -20.67
C VAL C 289 -24.14 -51.56 -19.51
N THR C 290 -25.17 -52.36 -19.32
CA THR C 290 -25.22 -53.32 -18.22
C THR C 290 -25.60 -54.69 -18.77
N THR C 291 -24.82 -55.70 -18.39
CA THR C 291 -25.05 -57.07 -18.78
C THR C 291 -25.63 -57.83 -17.60
N PHE C 292 -26.76 -58.49 -17.81
CA PHE C 292 -27.47 -59.20 -16.74
C PHE C 292 -27.18 -60.69 -16.85
N ALA C 293 -27.01 -61.33 -15.69
CA ALA C 293 -26.62 -62.73 -15.59
C ALA C 293 -25.30 -62.97 -16.32
N SER C 294 -24.27 -62.29 -15.84
CA SER C 294 -22.94 -62.35 -16.43
C SER C 294 -22.02 -63.20 -15.56
N ALA C 295 -21.29 -64.12 -16.21
CA ALA C 295 -20.36 -65.00 -15.51
C ALA C 295 -19.00 -64.32 -15.47
N GLN C 296 -18.75 -63.59 -14.39
CA GLN C 296 -17.48 -62.92 -14.19
C GLN C 296 -16.50 -63.89 -13.52
N GLY C 297 -15.33 -63.38 -13.14
CA GLY C 297 -14.35 -64.21 -12.46
C GLY C 297 -13.31 -64.85 -13.36
N THR C 298 -13.54 -66.10 -13.74
CA THR C 298 -12.56 -66.86 -14.50
C THR C 298 -12.26 -66.19 -15.84
N GLY C 299 -10.99 -66.28 -16.24
CA GLY C 299 -10.53 -65.65 -17.46
C GLY C 299 -10.35 -66.59 -18.64
N GLY C 300 -11.29 -66.55 -19.59
CA GLY C 300 -11.17 -67.26 -20.83
C GLY C 300 -11.79 -68.65 -20.86
N ARG C 301 -12.07 -69.26 -19.72
CA ARG C 301 -12.70 -70.57 -19.74
C ARG C 301 -14.19 -70.43 -20.05
N LEU C 302 -14.80 -71.55 -20.45
CA LEU C 302 -16.22 -71.61 -20.77
C LEU C 302 -16.96 -72.49 -19.78
N LEU C 303 -16.39 -72.68 -18.60
CA LEU C 303 -16.98 -73.55 -17.59
C LEU C 303 -16.98 -72.82 -16.24
N ILE C 304 -18.09 -72.93 -15.52
CA ILE C 304 -18.23 -72.37 -14.19
C ILE C 304 -18.58 -73.52 -13.24
N ASP C 305 -17.81 -73.67 -12.17
CA ASP C 305 -18.03 -74.75 -11.21
C ASP C 305 -18.71 -74.18 -9.98
N GLU C 306 -19.84 -74.78 -9.61
CA GLU C 306 -20.63 -74.34 -8.47
C GLU C 306 -20.98 -75.53 -7.59
N TYR C 307 -20.95 -75.32 -6.28
CA TYR C 307 -21.20 -76.37 -5.29
C TYR C 307 -22.35 -75.95 -4.38
N TYR C 308 -23.26 -76.89 -4.10
CA TYR C 308 -24.38 -76.65 -3.21
C TYR C 308 -24.41 -77.68 -2.09
N ASN C 309 -24.97 -77.28 -0.96
CA ASN C 309 -25.08 -78.14 0.22
C ASN C 309 -26.18 -79.18 0.02
N GLU C 310 -26.28 -80.09 0.98
CA GLU C 310 -27.34 -81.10 0.95
C GLU C 310 -28.71 -80.45 1.05
N GLU C 311 -28.86 -79.45 1.92
CA GLU C 311 -30.14 -78.76 2.09
C GLU C 311 -30.51 -77.91 0.90
N GLY C 312 -29.59 -77.67 -0.03
CA GLY C 312 -29.82 -76.77 -1.14
C GLY C 312 -29.15 -75.41 -1.00
N LEU C 313 -28.35 -75.21 0.04
CA LEU C 313 -27.63 -73.96 0.26
C LEU C 313 -26.21 -74.12 -0.27
N GLN C 314 -25.40 -73.08 -0.07
CA GLN C 314 -24.04 -73.05 -0.60
C GLN C 314 -23.04 -73.18 0.53
N ASN C 315 -22.34 -74.32 0.58
CA ASN C 315 -21.28 -74.52 1.56
C ASN C 315 -20.11 -73.60 1.27
N GLY C 316 -19.46 -73.14 2.33
CA GLY C 316 -18.32 -72.24 2.17
C GLY C 316 -18.77 -70.86 1.71
N GLU C 317 -17.77 -70.08 1.31
CA GLU C 317 -18.01 -68.74 0.80
C GLU C 317 -17.08 -68.46 -0.38
N GLY C 318 -17.61 -67.78 -1.39
CA GLY C 318 -16.81 -67.27 -2.47
C GLY C 318 -16.39 -68.33 -3.47
N GLN C 319 -15.78 -67.85 -4.55
CA GLN C 319 -15.26 -68.68 -5.64
C GLN C 319 -14.44 -67.77 -6.54
N ARG C 320 -13.66 -68.37 -7.43
CA ARG C 320 -12.88 -67.60 -8.39
C ARG C 320 -13.78 -67.03 -9.48
N GLY C 321 -14.51 -67.89 -10.18
CA GLY C 321 -15.44 -67.45 -11.19
C GLY C 321 -16.87 -67.83 -10.85
N ARG C 322 -17.70 -66.82 -10.60
CA ARG C 322 -19.08 -67.01 -10.20
C ARG C 322 -20.00 -66.24 -11.14
N ILE C 323 -21.29 -66.43 -10.95
CA ILE C 323 -22.30 -65.77 -11.76
C ILE C 323 -22.77 -64.52 -11.02
N TRP C 324 -22.52 -63.36 -11.62
CA TRP C 324 -22.95 -62.10 -11.03
C TRP C 324 -24.38 -61.79 -11.44
N ILE C 325 -25.04 -60.97 -10.63
CA ILE C 325 -26.40 -60.54 -10.96
C ILE C 325 -26.36 -59.61 -12.17
N PHE C 326 -25.44 -58.65 -12.18
CA PHE C 326 -25.27 -57.75 -13.30
C PHE C 326 -23.85 -57.20 -13.26
N GLN C 327 -23.42 -56.64 -14.40
CA GLN C 327 -22.09 -56.05 -14.51
C GLN C 327 -22.15 -54.87 -15.46
N THR C 328 -21.55 -53.76 -15.07
CA THR C 328 -21.57 -52.55 -15.88
C THR C 328 -20.28 -52.43 -16.69
N SER C 329 -20.38 -51.75 -17.82
CA SER C 329 -19.23 -51.55 -18.68
C SER C 329 -19.43 -50.27 -19.50
N THR C 330 -18.31 -49.71 -19.96
CA THR C 330 -18.31 -48.47 -20.72
C THR C 330 -18.08 -48.79 -22.20
N GLU C 331 -18.76 -48.05 -23.06
CA GLU C 331 -18.64 -48.17 -24.51
C GLU C 331 -18.37 -46.79 -25.08
N CYS C 332 -17.42 -46.71 -26.01
CA CYS C 332 -17.02 -45.44 -26.60
C CYS C 332 -17.07 -45.52 -28.12
N TRP C 333 -17.60 -44.48 -28.73
CA TRP C 333 -17.67 -44.41 -30.19
C TRP C 333 -16.44 -43.67 -30.70
N MET C 334 -15.67 -44.35 -31.56
CA MET C 334 -14.43 -43.82 -32.10
C MET C 334 -13.99 -44.75 -33.24
N THR C 335 -12.91 -44.38 -33.92
CA THR C 335 -12.48 -45.10 -35.11
C THR C 335 -11.04 -45.59 -34.96
N ARG C 336 -10.79 -46.82 -35.38
CA ARG C 336 -9.52 -47.48 -35.17
C ARG C 336 -8.68 -47.42 -36.44
N PRO C 337 -7.63 -46.61 -36.49
CA PRO C 337 -6.80 -46.56 -37.70
C PRO C 337 -5.71 -47.63 -37.72
N ALA C 338 -5.26 -48.07 -36.55
CA ALA C 338 -4.19 -49.02 -36.43
C ALA C 338 -4.63 -50.46 -36.62
N LEU C 339 -5.93 -50.71 -36.68
CA LEU C 339 -6.47 -52.05 -36.87
C LEU C 339 -6.87 -52.25 -38.33
N PRO C 340 -6.97 -53.50 -38.78
CA PRO C 340 -7.47 -53.77 -40.14
C PRO C 340 -8.86 -53.19 -40.36
N GLN C 341 -9.23 -53.11 -41.63
CA GLN C 341 -10.47 -52.47 -42.03
C GLN C 341 -11.68 -53.27 -41.54
N GLY C 342 -12.67 -52.56 -41.03
CA GLY C 342 -13.92 -53.14 -40.62
C GLY C 342 -14.19 -53.23 -39.12
N TYR C 343 -13.49 -52.45 -38.30
CA TYR C 343 -13.68 -52.49 -36.86
C TYR C 343 -13.82 -51.09 -36.25
N ASP C 344 -14.24 -50.10 -37.04
CA ASP C 344 -14.47 -48.77 -36.50
C ASP C 344 -15.89 -48.66 -35.94
N GLY C 345 -16.01 -47.96 -34.82
CA GLY C 345 -17.32 -47.79 -34.21
C GLY C 345 -17.32 -47.82 -32.69
N TRP C 346 -18.13 -48.70 -32.12
CA TRP C 346 -18.27 -48.79 -30.68
C TRP C 346 -17.23 -49.76 -30.12
N GLN C 347 -16.58 -49.36 -29.04
CA GLN C 347 -15.54 -50.15 -28.39
C GLN C 347 -15.84 -50.30 -26.90
N ILE C 348 -15.79 -51.54 -26.43
CA ILE C 348 -16.00 -51.87 -25.02
C ILE C 348 -14.68 -51.72 -24.28
N LEU C 349 -14.71 -50.98 -23.18
CA LEU C 349 -13.52 -50.79 -22.34
C LEU C 349 -13.48 -51.88 -21.27
N HIS C 350 -12.48 -52.76 -21.36
CA HIS C 350 -12.36 -53.89 -20.44
C HIS C 350 -11.05 -53.84 -19.66
N PRO C 351 -11.07 -53.41 -18.40
CA PRO C 351 -9.84 -53.44 -17.60
C PRO C 351 -9.55 -54.84 -17.08
N SER C 352 -8.26 -55.13 -16.90
CA SER C 352 -7.81 -56.42 -16.40
C SER C 352 -7.14 -56.24 -15.04
N ALA C 353 -7.50 -57.11 -14.11
CA ALA C 353 -6.95 -57.05 -12.75
C ALA C 353 -5.48 -57.45 -12.74
N GLY C 361 -1.95 -51.80 -13.12
CA GLY C 361 -2.65 -52.61 -14.10
C GLY C 361 -2.73 -51.98 -15.47
N SER C 362 -3.18 -52.77 -16.45
CA SER C 362 -3.30 -52.30 -17.83
C SER C 362 -4.71 -52.58 -18.33
N CYS C 363 -5.34 -51.58 -18.92
CA CYS C 363 -6.66 -51.72 -19.53
C CYS C 363 -6.54 -51.72 -21.04
N ASP C 364 -7.68 -51.93 -21.70
CA ASP C 364 -7.73 -51.87 -23.16
C ASP C 364 -9.19 -51.74 -23.59
N LEU C 365 -9.37 -51.59 -24.90
CA LEU C 365 -10.67 -51.45 -25.52
C LEU C 365 -10.75 -52.35 -26.74
N VAL C 366 -11.91 -52.97 -26.94
CA VAL C 366 -12.07 -53.98 -27.98
C VAL C 366 -13.31 -53.66 -28.80
N PRO C 367 -13.28 -53.81 -30.13
CA PRO C 367 -14.49 -53.60 -30.93
C PRO C 367 -15.57 -54.62 -30.60
N VAL C 368 -16.82 -54.19 -30.76
CA VAL C 368 -17.95 -55.07 -30.48
C VAL C 368 -18.03 -56.19 -31.51
N ARG C 369 -17.78 -55.86 -32.79
CA ARG C 369 -17.83 -56.87 -33.84
C ARG C 369 -16.82 -57.98 -33.60
N ALA C 370 -15.68 -57.66 -32.98
CA ALA C 370 -14.71 -58.69 -32.63
C ALA C 370 -15.30 -59.67 -31.63
N VAL C 371 -16.08 -59.17 -30.68
CA VAL C 371 -16.74 -60.04 -29.71
C VAL C 371 -17.83 -60.87 -30.38
N LYS C 372 -18.60 -60.24 -31.28
CA LYS C 372 -19.70 -60.95 -31.92
C LYS C 372 -19.19 -62.07 -32.83
N GLU C 373 -18.25 -61.76 -33.73
CA GLU C 373 -17.78 -62.76 -34.68
C GLU C 373 -16.95 -63.84 -33.98
N GLY C 374 -16.02 -63.44 -33.12
CA GLY C 374 -15.19 -64.38 -32.40
C GLY C 374 -13.72 -64.39 -32.75
N THR C 375 -13.16 -63.26 -33.20
CA THR C 375 -11.75 -63.21 -33.54
C THR C 375 -10.89 -63.19 -32.29
N LEU C 376 -10.56 -64.39 -31.77
CA LEU C 376 -9.86 -64.50 -30.50
C LEU C 376 -8.38 -64.16 -30.60
N GLY C 377 -7.83 -64.12 -31.81
CA GLY C 377 -6.40 -63.89 -31.96
C GLY C 377 -6.02 -62.46 -32.23
N LEU C 378 -6.92 -61.52 -31.95
CA LEU C 378 -6.65 -60.11 -32.22
C LEU C 378 -6.23 -59.31 -30.99
N THR C 379 -6.69 -59.70 -29.80
CA THR C 379 -6.40 -58.96 -28.59
C THR C 379 -6.51 -59.93 -27.42
N PRO C 380 -5.62 -59.86 -26.42
CA PRO C 380 -5.70 -60.80 -25.30
C PRO C 380 -7.00 -60.76 -24.53
N ALA C 381 -7.75 -59.66 -24.58
CA ALA C 381 -8.98 -59.52 -23.80
C ALA C 381 -10.22 -59.98 -24.57
N VAL C 382 -10.05 -60.45 -25.82
CA VAL C 382 -11.20 -60.93 -26.57
C VAL C 382 -11.75 -62.22 -25.95
N SER C 383 -10.86 -63.13 -25.54
CA SER C 383 -11.29 -64.40 -24.98
C SER C 383 -12.03 -64.21 -23.66
N ASP C 384 -11.55 -63.29 -22.81
CA ASP C 384 -12.18 -63.06 -21.53
C ASP C 384 -13.60 -62.51 -21.68
N LEU C 385 -13.78 -61.56 -22.60
CA LEU C 385 -15.12 -61.01 -22.82
C LEU C 385 -16.03 -61.98 -23.54
N PHE C 386 -15.48 -62.79 -24.45
CA PHE C 386 -16.27 -63.82 -25.10
C PHE C 386 -16.76 -64.85 -24.09
N ALA C 387 -15.91 -65.20 -23.12
CA ALA C 387 -16.32 -66.12 -22.08
C ALA C 387 -17.45 -65.54 -21.23
N ALA C 388 -17.52 -64.21 -21.14
CA ALA C 388 -18.51 -63.57 -20.30
C ALA C 388 -19.90 -63.50 -20.94
N ILE C 389 -20.03 -63.78 -22.22
CA ILE C 389 -21.32 -63.66 -22.89
C ILE C 389 -21.99 -65.00 -23.15
N ASN C 390 -21.23 -66.08 -23.34
CA ASN C 390 -21.82 -67.41 -23.55
C ASN C 390 -20.91 -68.43 -22.87
N ALA C 391 -21.29 -68.80 -21.65
CA ALA C 391 -20.55 -69.79 -20.87
C ALA C 391 -21.54 -70.74 -20.22
N SER C 392 -21.02 -71.90 -19.82
CA SER C 392 -21.82 -72.95 -19.22
C SER C 392 -21.39 -73.19 -17.79
N CYS C 393 -22.35 -73.51 -16.94
CA CYS C 393 -22.11 -73.76 -15.52
C CYS C 393 -22.42 -75.21 -15.19
N VAL C 394 -21.68 -75.76 -14.23
CA VAL C 394 -21.89 -77.12 -13.74
C VAL C 394 -22.08 -77.06 -12.23
N VAL C 395 -23.02 -77.87 -11.73
CA VAL C 395 -23.38 -77.89 -10.31
C VAL C 395 -22.93 -79.21 -9.73
N TRP C 396 -22.22 -79.15 -8.60
CA TRP C 396 -21.78 -80.32 -7.88
C TRP C 396 -22.47 -80.37 -6.53
N LYS C 397 -22.95 -81.56 -6.16
CA LYS C 397 -23.71 -81.75 -4.93
C LYS C 397 -22.78 -82.26 -3.85
N CYS C 398 -22.51 -81.42 -2.84
CA CYS C 398 -21.73 -81.83 -1.70
C CYS C 398 -22.57 -82.71 -0.77
N CYS C 399 -21.88 -83.49 0.06
CA CYS C 399 -22.52 -84.39 1.00
C CYS C 399 -21.72 -84.38 2.30
N GLU C 400 -22.27 -85.06 3.31
CA GLU C 400 -21.56 -85.18 4.58
C GLU C 400 -20.25 -85.94 4.40
N ASP C 401 -20.21 -86.87 3.45
CA ASP C 401 -18.96 -87.56 3.14
C ASP C 401 -17.93 -86.61 2.56
N GLY C 402 -18.37 -85.68 1.71
CA GLY C 402 -17.48 -84.70 1.12
C GLY C 402 -17.26 -84.85 -0.38
N THR C 403 -17.76 -85.91 -1.01
CA THR C 403 -17.54 -86.14 -2.44
C THR C 403 -18.46 -85.25 -3.26
N LEU C 404 -17.90 -84.60 -4.28
CA LEU C 404 -18.70 -83.79 -5.18
C LEU C 404 -19.45 -84.68 -6.16
N GLU C 405 -20.75 -84.42 -6.30
CA GLU C 405 -21.63 -85.25 -7.10
C GLU C 405 -22.37 -84.41 -8.12
N LEU C 406 -22.34 -84.84 -9.38
CA LEU C 406 -23.09 -84.14 -10.42
C LEU C 406 -24.59 -84.38 -10.24
N THR C 407 -25.38 -83.38 -10.66
CA THR C 407 -26.82 -83.43 -10.53
C THR C 407 -27.46 -82.98 -11.85
N ASP C 408 -28.69 -83.42 -12.06
CA ASP C 408 -29.47 -82.98 -13.21
C ASP C 408 -30.11 -81.64 -12.88
N SER C 409 -29.66 -80.58 -13.55
CA SER C 409 -30.13 -79.23 -13.27
C SER C 409 -30.76 -78.64 -14.53
N ASN C 410 -31.80 -77.84 -14.32
CA ASN C 410 -32.40 -77.11 -15.44
C ASN C 410 -31.45 -76.02 -15.90
N THR C 411 -31.30 -75.89 -17.21
CA THR C 411 -30.34 -74.95 -17.77
C THR C 411 -30.74 -73.51 -17.43
N LYS C 412 -29.77 -72.72 -17.00
CA LYS C 412 -29.96 -71.31 -16.72
C LYS C 412 -29.24 -70.49 -17.78
N TYR C 413 -29.86 -69.38 -18.17
CA TYR C 413 -29.36 -68.57 -19.27
C TYR C 413 -28.42 -67.50 -18.74
N VAL C 414 -27.29 -67.33 -19.43
CA VAL C 414 -26.21 -66.45 -18.99
C VAL C 414 -26.02 -65.37 -20.04
N GLY C 415 -25.99 -64.11 -19.60
CA GLY C 415 -25.77 -62.99 -20.49
C GLY C 415 -26.89 -62.79 -21.49
N ASN C 416 -28.06 -62.39 -21.00
CA ASN C 416 -29.22 -62.18 -21.84
C ASN C 416 -29.88 -60.85 -21.49
N ASN C 417 -30.58 -60.29 -22.48
CA ASN C 417 -31.36 -59.06 -22.34
C ASN C 417 -30.48 -57.89 -21.88
N ILE C 418 -29.33 -57.73 -22.56
CA ILE C 418 -28.46 -56.59 -22.30
C ILE C 418 -29.11 -55.34 -22.88
N SER C 419 -29.26 -54.31 -22.06
CA SER C 419 -29.98 -53.10 -22.45
C SER C 419 -29.23 -51.86 -21.97
N THR C 420 -29.54 -50.74 -22.63
CA THR C 420 -28.98 -49.45 -22.28
C THR C 420 -30.03 -48.38 -22.55
N LYS C 421 -29.65 -47.12 -22.37
CA LYS C 421 -30.58 -46.02 -22.55
C LYS C 421 -30.80 -45.72 -24.02
N GLY C 422 -32.05 -45.52 -24.41
CA GLY C 422 -32.36 -45.14 -25.78
C GLY C 422 -31.98 -43.71 -26.09
N VAL C 423 -31.77 -43.45 -27.38
CA VAL C 423 -31.36 -42.12 -27.83
C VAL C 423 -32.60 -41.27 -28.06
N GLY C 424 -32.58 -40.05 -27.53
CA GLY C 424 -33.64 -39.08 -27.75
C GLY C 424 -34.88 -39.28 -26.90
N SER C 425 -34.91 -40.26 -26.01
CA SER C 425 -36.09 -40.53 -25.19
C SER C 425 -35.61 -41.07 -23.84
N ASP C 426 -36.56 -41.57 -23.05
CA ASP C 426 -36.29 -42.12 -21.74
C ASP C 426 -36.65 -43.60 -21.66
N ARG C 427 -36.65 -44.30 -22.79
CA ARG C 427 -36.99 -45.71 -22.86
C ARG C 427 -35.73 -46.54 -23.08
N CYS C 428 -35.69 -47.71 -22.45
CA CYS C 428 -34.56 -48.62 -22.58
C CYS C 428 -34.61 -49.32 -23.93
N GLU C 429 -33.43 -49.55 -24.50
CA GLU C 429 -33.28 -50.31 -25.73
C GLU C 429 -32.30 -51.45 -25.48
N ASP C 430 -32.68 -52.65 -25.92
CA ASP C 430 -31.84 -53.83 -25.75
C ASP C 430 -31.02 -54.03 -27.03
N ILE C 431 -29.70 -54.18 -26.85
CA ILE C 431 -28.79 -54.31 -27.98
C ILE C 431 -28.06 -55.63 -27.89
N THR C 432 -28.72 -56.64 -27.31
CA THR C 432 -28.13 -57.97 -27.21
C THR C 432 -27.89 -58.62 -28.57
N GLN C 433 -28.53 -58.11 -29.63
CA GLN C 433 -28.28 -58.61 -30.97
C GLN C 433 -26.94 -58.15 -31.54
N ASN C 434 -26.33 -57.13 -30.93
CA ASN C 434 -25.01 -56.67 -31.36
C ASN C 434 -23.88 -57.43 -30.68
N TYR C 435 -24.19 -58.35 -29.77
CA TYR C 435 -23.17 -59.11 -29.06
C TYR C 435 -23.21 -60.60 -29.33
N LYS C 436 -24.40 -61.18 -29.50
CA LYS C 436 -24.55 -62.59 -29.76
C LYS C 436 -25.58 -62.80 -30.86
N TYR C 437 -25.44 -63.90 -31.58
CA TYR C 437 -26.41 -64.24 -32.60
C TYR C 437 -27.69 -64.78 -31.96
N PRO C 438 -28.83 -64.64 -32.66
CA PRO C 438 -30.08 -65.19 -32.12
C PRO C 438 -30.01 -66.69 -31.93
N GLU C 439 -30.68 -67.16 -30.88
CA GLU C 439 -30.68 -68.58 -30.54
C GLU C 439 -31.40 -69.38 -31.62
N GLY C 440 -30.93 -70.61 -31.85
CA GLY C 440 -31.50 -71.46 -32.87
C GLY C 440 -31.24 -71.01 -34.29
N SER C 441 -30.03 -70.50 -34.56
CA SER C 441 -29.62 -70.08 -35.89
C SER C 441 -28.40 -70.90 -36.33
N LEU C 442 -28.11 -70.83 -37.62
CA LEU C 442 -26.94 -71.54 -38.14
C LEU C 442 -25.66 -70.80 -37.81
N GLN C 443 -25.69 -69.47 -37.82
CA GLN C 443 -24.49 -68.68 -37.57
C GLN C 443 -24.00 -68.88 -36.14
N GLU C 444 -24.91 -68.89 -35.17
CA GLU C 444 -24.50 -69.05 -33.77
C GLU C 444 -23.89 -70.43 -33.53
N LYS C 445 -24.48 -71.48 -34.11
CA LYS C 445 -23.93 -72.82 -33.92
C LYS C 445 -22.59 -72.97 -34.63
N GLU C 446 -22.44 -72.33 -35.80
CA GLU C 446 -21.15 -72.33 -36.48
C GLU C 446 -20.10 -71.62 -35.64
N VAL C 447 -20.46 -70.48 -35.03
CA VAL C 447 -19.51 -69.76 -34.19
C VAL C 447 -19.11 -70.62 -32.99
N LEU C 448 -20.09 -71.26 -32.35
CA LEU C 448 -19.78 -72.10 -31.19
C LEU C 448 -18.87 -73.27 -31.57
N GLU C 449 -19.15 -73.94 -32.69
CA GLU C 449 -18.30 -75.06 -33.07
C GLU C 449 -16.91 -74.60 -33.48
N ARG C 450 -16.81 -73.43 -34.12
CA ARG C 450 -15.51 -72.86 -34.46
C ARG C 450 -14.70 -72.54 -33.21
N VAL C 451 -15.34 -71.93 -32.22
CA VAL C 451 -14.65 -71.60 -30.97
C VAL C 451 -14.23 -72.86 -30.24
N GLU C 452 -15.09 -73.89 -30.24
CA GLU C 452 -14.71 -75.15 -29.61
C GLU C 452 -13.51 -75.78 -30.31
N LYS C 453 -13.50 -75.75 -31.64
CA LYS C 453 -12.37 -76.29 -32.40
C LYS C 453 -11.09 -75.52 -32.07
N GLU C 454 -11.19 -74.19 -31.97
CA GLU C 454 -10.02 -73.39 -31.62
C GLU C 454 -9.53 -73.69 -30.21
N LYS C 455 -10.45 -73.87 -29.27
CA LYS C 455 -10.05 -74.10 -27.88
C LYS C 455 -9.48 -75.51 -27.67
N MET C 456 -9.90 -76.49 -28.47
CA MET C 456 -9.36 -77.84 -28.30
C MET C 456 -7.87 -77.88 -28.61
N GLU C 457 -7.39 -76.97 -29.47
CA GLU C 457 -5.96 -76.90 -29.74
C GLU C 457 -5.19 -76.46 -28.50
N ARG C 458 -5.70 -75.47 -27.77
CA ARG C 458 -5.06 -75.00 -26.55
C ARG C 458 -5.83 -75.50 -25.33
N SER C 473 -32.36 -90.18 -15.66
CA SER C 473 -33.29 -89.22 -15.09
C SER C 473 -34.74 -89.68 -15.28
N PRO C 474 -35.19 -90.63 -14.46
CA PRO C 474 -36.58 -91.10 -14.58
C PRO C 474 -37.61 -90.02 -14.34
N LEU C 475 -37.30 -89.04 -13.50
CA LEU C 475 -38.22 -87.96 -13.17
C LEU C 475 -37.54 -86.61 -13.36
N TYR C 476 -38.37 -85.58 -13.59
CA TYR C 476 -37.87 -84.23 -13.65
C TYR C 476 -38.94 -83.28 -13.10
N LEU C 477 -38.50 -82.08 -12.74
CA LEU C 477 -39.35 -81.09 -12.11
C LEU C 477 -39.19 -79.74 -12.80
N LEU C 478 -40.19 -78.88 -12.61
CA LEU C 478 -40.06 -77.49 -13.02
C LEU C 478 -40.74 -76.59 -12.00
N LEU C 479 -40.23 -75.35 -11.91
CA LEU C 479 -40.59 -74.41 -10.86
C LEU C 479 -41.20 -73.16 -11.46
N LYS C 480 -42.36 -72.76 -10.94
CA LYS C 480 -43.01 -71.50 -11.29
C LYS C 480 -42.92 -70.57 -10.09
N ALA C 481 -42.31 -69.41 -10.29
CA ALA C 481 -42.11 -68.44 -9.23
C ALA C 481 -42.47 -67.05 -9.72
N PRO C 482 -42.93 -66.17 -8.83
CA PRO C 482 -43.24 -64.79 -9.23
C PRO C 482 -41.98 -64.02 -9.59
N SER C 483 -42.18 -63.01 -10.44
CA SER C 483 -41.06 -62.18 -10.89
C SER C 483 -40.63 -61.15 -9.85
N SER C 484 -41.46 -60.89 -8.84
CA SER C 484 -41.13 -59.89 -7.84
C SER C 484 -41.80 -60.24 -6.52
N LEU C 485 -41.25 -59.68 -5.45
CA LEU C 485 -41.76 -59.90 -4.10
C LEU C 485 -42.07 -58.56 -3.44
N PRO C 486 -43.32 -58.32 -3.02
CA PRO C 486 -43.61 -57.08 -2.29
C PRO C 486 -42.86 -57.03 -0.97
N LEU C 487 -42.41 -55.84 -0.60
CA LEU C 487 -41.71 -55.63 0.65
C LEU C 487 -42.64 -55.90 1.82
N ARG C 488 -42.14 -56.65 2.82
CA ARG C 488 -42.92 -57.06 3.99
C ARG C 488 -44.19 -57.81 3.56
N GLY C 489 -44.07 -58.58 2.48
CA GLY C 489 -45.22 -59.26 1.91
C GLY C 489 -45.08 -60.76 1.77
N ASP C 490 -45.70 -61.31 0.73
CA ASP C 490 -45.72 -62.74 0.52
C ASP C 490 -45.87 -63.04 -0.96
N ALA C 491 -45.51 -64.26 -1.34
CA ALA C 491 -45.68 -64.71 -2.71
C ALA C 491 -45.77 -66.24 -2.73
N GLN C 492 -46.55 -66.74 -3.68
CA GLN C 492 -46.75 -68.18 -3.83
C GLN C 492 -45.85 -68.73 -4.94
N ILE C 493 -45.32 -69.92 -4.70
CA ILE C 493 -44.48 -70.61 -5.67
C ILE C 493 -45.00 -72.03 -5.84
N SER C 494 -44.72 -72.61 -7.02
CA SER C 494 -45.18 -73.95 -7.34
C SER C 494 -44.03 -74.76 -7.89
N VAL C 495 -43.94 -76.03 -7.45
CA VAL C 495 -42.98 -76.97 -7.98
C VAL C 495 -43.75 -78.19 -8.44
N THR C 496 -43.55 -78.61 -9.68
CA THR C 496 -44.23 -79.77 -10.21
C THR C 496 -43.21 -80.84 -10.61
N LEU C 497 -43.57 -82.10 -10.32
CA LEU C 497 -42.73 -83.26 -10.55
C LEU C 497 -43.47 -84.24 -11.45
N VAL C 498 -42.76 -84.76 -12.45
CA VAL C 498 -43.28 -85.80 -13.32
C VAL C 498 -42.24 -86.91 -13.43
N ASN C 499 -42.66 -88.13 -13.16
CA ASN C 499 -41.80 -89.31 -13.18
C ASN C 499 -42.20 -90.24 -14.31
N HIS C 500 -41.22 -91.01 -14.78
CA HIS C 500 -41.41 -91.97 -15.89
C HIS C 500 -40.79 -93.30 -15.49
N SER C 501 -41.58 -94.16 -14.84
CA SER C 501 -41.13 -95.49 -14.48
C SER C 501 -42.36 -96.37 -14.26
N GLU C 502 -42.15 -97.69 -14.31
CA GLU C 502 -43.26 -98.61 -14.14
C GLU C 502 -43.72 -98.69 -12.69
N GLN C 503 -42.80 -98.55 -11.75
CA GLN C 503 -43.10 -98.68 -10.33
C GLN C 503 -43.11 -97.33 -9.64
N GLU C 504 -43.75 -97.30 -8.47
CA GLU C 504 -43.83 -96.09 -7.66
C GLU C 504 -42.47 -95.77 -7.05
N LYS C 505 -42.32 -94.54 -6.58
CA LYS C 505 -41.05 -94.09 -6.04
C LYS C 505 -41.26 -92.97 -5.04
N ALA C 506 -40.39 -92.92 -4.04
CA ALA C 506 -40.38 -91.87 -3.03
C ALA C 506 -39.22 -90.92 -3.28
N VAL C 507 -39.46 -89.63 -3.09
CA VAL C 507 -38.47 -88.59 -3.32
C VAL C 507 -38.41 -87.66 -2.11
N GLN C 508 -37.25 -87.04 -1.92
CA GLN C 508 -37.03 -86.09 -0.84
C GLN C 508 -36.79 -84.71 -1.42
N LEU C 509 -37.60 -83.74 -1.02
CA LEU C 509 -37.53 -82.37 -1.53
C LEU C 509 -36.93 -81.46 -0.48
N ALA C 510 -35.89 -80.71 -0.86
CA ALA C 510 -35.30 -79.70 0.01
C ALA C 510 -35.26 -78.38 -0.74
N ILE C 511 -35.72 -77.33 -0.07
CA ILE C 511 -35.83 -76.00 -0.68
C ILE C 511 -35.24 -74.97 0.28
N GLY C 512 -34.41 -74.08 -0.26
CA GLY C 512 -33.78 -73.05 0.54
C GLY C 512 -33.87 -71.69 -0.12
N VAL C 513 -34.03 -70.67 0.72
CA VAL C 513 -34.08 -69.28 0.28
C VAL C 513 -33.05 -68.50 1.06
N GLN C 514 -32.16 -67.81 0.36
CA GLN C 514 -31.09 -67.07 1.02
C GLN C 514 -30.74 -65.83 0.23
N ALA C 515 -30.28 -64.80 0.93
CA ALA C 515 -29.94 -63.55 0.27
C ALA C 515 -28.56 -63.64 -0.37
N VAL C 516 -28.33 -62.80 -1.36
CA VAL C 516 -27.05 -62.76 -2.06
C VAL C 516 -26.81 -61.33 -2.54
N HIS C 517 -25.54 -60.94 -2.59
CA HIS C 517 -25.16 -59.61 -3.05
C HIS C 517 -25.29 -59.52 -4.57
N TYR C 518 -24.89 -58.37 -5.12
CA TYR C 518 -24.98 -58.17 -6.56
C TYR C 518 -23.84 -58.84 -7.32
N ASN C 519 -22.80 -59.30 -6.62
CA ASN C 519 -21.65 -59.94 -7.26
C ASN C 519 -21.54 -61.41 -6.86
N GLY C 520 -22.65 -62.02 -6.46
CA GLY C 520 -22.68 -63.42 -6.11
C GLY C 520 -22.19 -63.73 -4.70
N VAL C 521 -21.83 -62.73 -3.92
CA VAL C 521 -21.37 -62.96 -2.55
C VAL C 521 -22.58 -63.24 -1.67
N LEU C 522 -22.51 -64.33 -0.91
CA LEU C 522 -23.60 -64.69 -0.02
C LEU C 522 -23.77 -63.65 1.07
N ALA C 523 -25.01 -63.42 1.46
CA ALA C 523 -25.34 -62.40 2.46
C ALA C 523 -25.88 -62.99 3.76
N ALA C 524 -26.94 -63.79 3.69
CA ALA C 524 -27.53 -64.37 4.88
C ALA C 524 -28.40 -65.54 4.48
N LYS C 525 -28.69 -66.40 5.46
CA LYS C 525 -29.60 -67.53 5.29
C LYS C 525 -30.96 -67.15 5.85
N LEU C 526 -32.01 -67.42 5.08
CA LEU C 526 -33.34 -66.94 5.44
C LEU C 526 -34.36 -68.05 5.69
N TRP C 527 -34.40 -69.09 4.85
CA TRP C 527 -35.46 -70.07 5.00
C TRP C 527 -35.02 -71.41 4.45
N ARG C 528 -35.50 -72.49 5.08
CA ARG C 528 -35.22 -73.85 4.62
C ARG C 528 -36.43 -74.73 4.92
N LYS C 529 -36.65 -75.73 4.06
CA LYS C 529 -37.77 -76.64 4.24
C LYS C 529 -37.44 -77.97 3.57
N LYS C 530 -37.70 -79.08 4.29
CA LYS C 530 -37.47 -80.42 3.78
C LYS C 530 -38.75 -81.24 3.96
N LEU C 531 -39.05 -82.07 2.97
CA LEU C 531 -40.27 -82.87 3.00
C LEU C 531 -40.10 -84.10 2.11
N HIS C 532 -41.06 -85.01 2.21
CA HIS C 532 -41.04 -86.28 1.49
C HIS C 532 -42.29 -86.40 0.64
N LEU C 533 -42.13 -86.92 -0.58
CA LEU C 533 -43.27 -87.15 -1.47
C LEU C 533 -43.17 -88.56 -2.03
N THR C 534 -44.31 -89.06 -2.50
CA THR C 534 -44.39 -90.41 -3.07
C THR C 534 -45.26 -90.37 -4.31
N LEU C 535 -44.70 -90.75 -5.46
CA LEU C 535 -45.41 -90.75 -6.73
C LEU C 535 -45.62 -92.18 -7.19
N SER C 536 -46.76 -92.41 -7.85
CA SER C 536 -47.15 -93.75 -8.26
C SER C 536 -47.79 -93.70 -9.64
N ALA C 537 -47.45 -94.69 -10.47
CA ALA C 537 -48.08 -94.91 -11.77
C ALA C 537 -47.90 -93.70 -12.70
N ASN C 538 -46.78 -92.99 -12.52
CA ASN C 538 -46.38 -91.89 -13.40
C ASN C 538 -47.44 -90.79 -13.46
N LEU C 539 -47.81 -90.29 -12.29
CA LEU C 539 -48.74 -89.16 -12.17
C LEU C 539 -47.96 -87.94 -11.71
N GLU C 540 -48.09 -86.84 -12.45
CA GLU C 540 -47.45 -85.60 -12.06
C GLU C 540 -48.10 -85.04 -10.81
N LYS C 541 -47.31 -84.30 -10.03
CA LYS C 541 -47.81 -83.69 -8.80
C LYS C 541 -47.30 -82.27 -8.69
N ILE C 542 -48.19 -81.35 -8.33
CA ILE C 542 -47.86 -79.95 -8.14
C ILE C 542 -47.97 -79.61 -6.67
N ILE C 543 -47.00 -78.86 -6.16
CA ILE C 543 -47.00 -78.39 -4.78
C ILE C 543 -46.86 -76.88 -4.83
N THR C 544 -47.90 -76.17 -4.39
CA THR C 544 -47.90 -74.72 -4.34
C THR C 544 -47.90 -74.29 -2.88
N ILE C 545 -46.88 -73.53 -2.49
CA ILE C 545 -46.76 -73.05 -1.12
C ILE C 545 -46.49 -71.55 -1.13
N GLY C 546 -46.93 -70.89 -0.06
CA GLY C 546 -46.67 -69.48 0.11
C GLY C 546 -45.41 -69.24 0.91
N LEU C 547 -44.80 -68.08 0.67
CA LEU C 547 -43.60 -67.63 1.36
C LEU C 547 -43.87 -66.22 1.86
N PHE C 548 -43.58 -66.00 3.14
CA PHE C 548 -43.89 -64.75 3.82
C PHE C 548 -42.59 -64.06 4.22
N PHE C 549 -42.65 -62.74 4.39
CA PHE C 549 -41.48 -61.99 4.82
C PHE C 549 -41.24 -62.12 6.32
N SER C 550 -42.21 -62.63 7.07
CA SER C 550 -42.08 -62.81 8.51
C SER C 550 -41.41 -64.12 8.89
N ASN C 551 -41.14 -65.00 7.92
CA ASN C 551 -40.57 -66.31 8.20
C ASN C 551 -39.05 -66.35 8.08
N PHE C 552 -38.42 -65.24 7.73
CA PHE C 552 -36.98 -65.22 7.57
C PHE C 552 -36.28 -65.28 8.92
N GLU C 553 -35.10 -65.92 8.93
CA GLU C 553 -34.33 -66.03 10.17
C GLU C 553 -33.85 -64.67 10.66
N ARG C 554 -33.56 -63.75 9.75
CA ARG C 554 -33.11 -62.41 10.14
C ARG C 554 -33.66 -61.42 9.11
N ASN C 555 -33.21 -60.16 9.23
CA ASN C 555 -33.65 -59.10 8.34
C ASN C 555 -32.68 -59.01 7.17
N PRO C 556 -33.15 -59.13 5.93
CA PRO C 556 -32.24 -59.07 4.79
C PRO C 556 -31.61 -57.71 4.67
N PRO C 557 -30.37 -57.64 4.15
CA PRO C 557 -29.69 -56.35 4.01
C PRO C 557 -30.33 -55.43 2.98
N GLU C 558 -29.74 -54.25 2.79
CA GLU C 558 -30.33 -53.23 1.93
C GLU C 558 -30.34 -53.67 0.46
N ASN C 559 -29.16 -53.90 -0.11
CA ASN C 559 -29.03 -54.23 -1.52
C ASN C 559 -28.67 -55.70 -1.66
N THR C 560 -29.70 -56.55 -1.66
CA THR C 560 -29.53 -57.99 -1.86
C THR C 560 -30.69 -58.51 -2.70
N PHE C 561 -30.49 -59.69 -3.28
CA PHE C 561 -31.52 -60.39 -4.03
C PHE C 561 -31.69 -61.77 -3.43
N LEU C 562 -32.92 -62.29 -3.44
CA LEU C 562 -33.15 -63.60 -2.86
C LEU C 562 -32.91 -64.69 -3.89
N ARG C 563 -32.31 -65.79 -3.45
CA ARG C 563 -32.02 -66.94 -4.27
C ARG C 563 -32.78 -68.13 -3.69
N LEU C 564 -33.58 -68.77 -4.54
CA LEU C 564 -34.40 -69.92 -4.16
C LEU C 564 -33.90 -71.14 -4.89
N THR C 565 -33.54 -72.18 -4.15
CA THR C 565 -33.04 -73.42 -4.71
C THR C 565 -33.94 -74.58 -4.27
N ALA C 566 -34.23 -75.47 -5.20
CA ALA C 566 -35.06 -76.65 -4.94
C ALA C 566 -34.35 -77.88 -5.50
N MET C 567 -34.20 -78.90 -4.66
CA MET C 567 -33.52 -80.13 -5.08
C MET C 567 -34.33 -81.34 -4.62
N ALA C 568 -34.54 -82.27 -5.55
CA ALA C 568 -35.28 -83.50 -5.30
C ALA C 568 -34.33 -84.69 -5.43
N THR C 569 -34.25 -85.49 -4.39
CA THR C 569 -33.37 -86.65 -4.34
C THR C 569 -34.20 -87.92 -4.45
N HIS C 570 -33.80 -88.80 -5.38
CA HIS C 570 -34.44 -90.09 -5.59
C HIS C 570 -33.99 -91.07 -4.52
N SER C 571 -34.91 -91.95 -4.11
CA SER C 571 -34.63 -92.83 -2.98
C SER C 571 -33.65 -93.93 -3.35
N GLU C 572 -34.01 -94.79 -4.32
CA GLU C 572 -33.15 -95.92 -4.64
C GLU C 572 -31.94 -95.50 -5.46
N SER C 573 -32.08 -94.48 -6.29
CA SER C 573 -30.98 -94.03 -7.13
C SER C 573 -30.15 -92.99 -6.38
N ASN C 574 -29.12 -92.46 -7.02
CA ASN C 574 -28.27 -91.45 -6.44
C ASN C 574 -28.38 -90.09 -7.13
N LEU C 575 -28.70 -90.07 -8.42
CA LEU C 575 -28.83 -88.81 -9.13
C LEU C 575 -30.03 -88.03 -8.63
N SER C 576 -29.89 -86.71 -8.57
CA SER C 576 -30.94 -85.84 -8.04
C SER C 576 -31.15 -84.66 -8.98
N CYS C 577 -32.35 -84.10 -8.95
CA CYS C 577 -32.73 -82.99 -9.80
C CYS C 577 -32.66 -81.68 -9.03
N PHE C 578 -32.29 -80.61 -9.73
CA PHE C 578 -32.07 -79.32 -9.09
C PHE C 578 -32.61 -78.20 -9.97
N ALA C 579 -33.05 -77.12 -9.33
CA ALA C 579 -33.47 -75.91 -10.00
C ALA C 579 -33.27 -74.73 -9.05
N GLN C 580 -33.10 -73.54 -9.63
CA GLN C 580 -32.88 -72.34 -8.81
C GLN C 580 -33.30 -71.10 -9.57
N GLU C 581 -33.75 -70.09 -8.84
CA GLU C 581 -34.17 -68.81 -9.41
C GLU C 581 -33.76 -67.66 -8.48
N ASP C 582 -33.73 -66.46 -9.06
CA ASP C 582 -33.42 -65.22 -8.35
C ASP C 582 -34.59 -64.26 -8.43
N ILE C 583 -34.94 -63.65 -7.29
CA ILE C 583 -36.04 -62.69 -7.21
C ILE C 583 -35.55 -61.43 -6.51
N ALA C 584 -36.03 -60.27 -6.98
CA ALA C 584 -35.73 -58.98 -6.39
C ALA C 584 -36.95 -58.45 -5.64
N ILE C 585 -36.69 -57.59 -4.66
CA ILE C 585 -37.71 -57.03 -3.80
C ILE C 585 -38.08 -55.64 -4.31
N CYS C 586 -39.38 -55.40 -4.50
CA CYS C 586 -39.90 -54.14 -5.02
C CYS C 586 -40.40 -53.26 -3.88
N ARG C 587 -40.27 -51.95 -4.08
CA ARG C 587 -40.66 -50.92 -3.12
C ARG C 587 -41.90 -50.17 -3.61
N PRO C 588 -42.64 -49.51 -2.71
CA PRO C 588 -43.90 -48.88 -3.13
C PRO C 588 -43.70 -47.82 -4.20
N HIS C 589 -44.69 -47.70 -5.07
CA HIS C 589 -44.62 -46.76 -6.19
C HIS C 589 -44.69 -45.34 -5.67
N LEU C 590 -43.88 -44.46 -6.25
CA LEU C 590 -43.80 -43.07 -5.86
C LEU C 590 -44.23 -42.22 -7.05
N ALA C 591 -45.40 -41.60 -6.95
CA ALA C 591 -45.98 -40.89 -8.08
C ALA C 591 -45.64 -39.41 -8.03
N ILE C 592 -45.31 -38.85 -9.19
CA ILE C 592 -45.01 -37.44 -9.35
C ILE C 592 -45.96 -36.87 -10.40
N LYS C 593 -46.63 -35.78 -10.05
CA LYS C 593 -47.57 -35.13 -10.96
C LYS C 593 -47.21 -33.66 -11.10
N MET C 594 -47.03 -33.20 -12.35
CA MET C 594 -46.63 -31.84 -12.63
C MET C 594 -46.80 -31.57 -14.11
N PRO C 595 -47.13 -30.34 -14.50
CA PRO C 595 -47.27 -30.03 -15.93
C PRO C 595 -45.97 -30.20 -16.70
N GLU C 596 -46.10 -30.59 -17.96
CA GLU C 596 -44.94 -30.89 -18.79
C GLU C 596 -44.20 -29.64 -19.23
N LYS C 597 -44.92 -28.53 -19.43
CA LYS C 597 -44.32 -27.31 -19.97
C LYS C 597 -44.46 -26.17 -18.97
N ALA C 598 -43.44 -25.32 -18.95
CA ALA C 598 -43.40 -24.16 -18.06
C ALA C 598 -42.68 -23.01 -18.75
N GLU C 599 -42.92 -21.80 -18.24
CA GLU C 599 -42.29 -20.59 -18.75
C GLU C 599 -41.19 -20.15 -17.80
N GLN C 600 -40.16 -19.50 -18.35
CA GLN C 600 -39.04 -19.05 -17.55
C GLN C 600 -39.45 -18.00 -16.54
N TYR C 601 -38.78 -18.02 -15.39
CA TYR C 601 -38.99 -17.05 -14.31
C TYR C 601 -40.45 -17.03 -13.84
N GLN C 602 -41.09 -18.20 -13.79
CA GLN C 602 -42.46 -18.30 -13.32
C GLN C 602 -42.58 -19.48 -12.35
N PRO C 603 -43.41 -19.35 -11.31
CA PRO C 603 -43.55 -20.44 -10.34
C PRO C 603 -44.18 -21.68 -10.97
N LEU C 604 -43.73 -22.84 -10.49
CA LEU C 604 -44.26 -24.13 -10.93
C LEU C 604 -44.44 -25.01 -9.71
N THR C 605 -45.52 -25.79 -9.71
CA THR C 605 -45.88 -26.64 -8.57
C THR C 605 -45.87 -28.11 -8.99
N ALA C 606 -45.28 -28.95 -8.15
CA ALA C 606 -45.20 -30.38 -8.37
C ALA C 606 -45.76 -31.11 -7.15
N SER C 607 -46.47 -32.22 -7.38
CA SER C 607 -47.07 -33.01 -6.33
C SER C 607 -46.42 -34.38 -6.25
N VAL C 608 -46.15 -34.84 -5.04
CA VAL C 608 -45.52 -36.13 -4.78
C VAL C 608 -46.48 -36.95 -3.92
N SER C 609 -46.73 -38.19 -4.35
CA SER C 609 -47.67 -39.07 -3.66
C SER C 609 -47.01 -40.42 -3.41
N LEU C 610 -47.32 -41.01 -2.26
CA LEU C 610 -46.82 -42.32 -1.88
C LEU C 610 -47.90 -43.05 -1.11
N GLN C 611 -47.94 -44.38 -1.26
CA GLN C 611 -48.91 -45.21 -0.58
C GLN C 611 -48.18 -46.25 0.26
N ASN C 612 -48.68 -46.46 1.49
CA ASN C 612 -48.06 -47.39 2.43
C ASN C 612 -48.68 -48.77 2.20
N SER C 613 -47.95 -49.63 1.48
CA SER C 613 -48.37 -51.00 1.27
C SER C 613 -47.77 -51.96 2.31
N LEU C 614 -47.02 -51.44 3.28
CA LEU C 614 -46.36 -52.28 4.27
C LEU C 614 -47.36 -52.70 5.34
N ASP C 615 -46.86 -53.41 6.36
CA ASP C 615 -47.67 -53.85 7.48
C ASP C 615 -47.42 -53.05 8.76
N ALA C 616 -46.47 -52.13 8.74
CA ALA C 616 -46.11 -51.34 9.90
C ALA C 616 -46.16 -49.85 9.54
N PRO C 617 -46.45 -48.99 10.51
CA PRO C 617 -46.52 -47.56 10.21
C PRO C 617 -45.16 -46.97 9.90
N MET C 618 -45.16 -45.85 9.20
CA MET C 618 -43.94 -45.17 8.80
C MET C 618 -43.50 -44.22 9.92
N GLU C 619 -42.18 -44.13 10.11
CA GLU C 619 -41.62 -43.19 11.08
C GLU C 619 -40.38 -42.54 10.47
N ASP C 620 -40.13 -41.31 10.91
CA ASP C 620 -38.99 -40.51 10.45
C ASP C 620 -38.97 -40.36 8.93
N CYS C 621 -40.13 -40.17 8.33
CA CYS C 621 -40.19 -40.04 6.88
C CYS C 621 -39.63 -38.70 6.44
N VAL C 622 -38.53 -38.75 5.69
CA VAL C 622 -37.81 -37.56 5.25
C VAL C 622 -37.63 -37.63 3.74
N ILE C 623 -37.95 -36.55 3.04
CA ILE C 623 -37.80 -36.52 1.59
C ILE C 623 -36.86 -35.38 1.20
N SER C 624 -36.08 -35.62 0.16
CA SER C 624 -35.18 -34.64 -0.40
C SER C 624 -35.46 -34.47 -1.88
N ILE C 625 -35.38 -33.23 -2.36
CA ILE C 625 -35.60 -32.92 -3.76
C ILE C 625 -34.37 -32.19 -4.30
N LEU C 626 -34.07 -32.44 -5.58
CA LEU C 626 -32.98 -31.75 -6.25
C LEU C 626 -33.24 -31.75 -7.75
N GLY C 627 -32.37 -31.04 -8.47
CA GLY C 627 -32.49 -30.95 -9.91
C GLY C 627 -31.66 -29.81 -10.49
N ARG C 628 -31.00 -30.08 -11.60
CA ARG C 628 -30.11 -29.10 -12.23
C ARG C 628 -30.92 -28.18 -13.14
N GLY C 629 -30.78 -26.88 -12.95
CA GLY C 629 -31.50 -25.90 -13.73
C GLY C 629 -32.85 -25.51 -13.17
N LEU C 630 -33.33 -26.19 -12.13
CA LEU C 630 -34.59 -25.88 -11.49
C LEU C 630 -34.44 -25.43 -10.04
N ILE C 631 -33.61 -26.13 -9.28
CA ILE C 631 -33.43 -25.91 -7.85
C ILE C 631 -31.95 -25.79 -7.58
N HIS C 632 -31.60 -25.28 -6.40
CA HIS C 632 -30.22 -25.28 -5.94
C HIS C 632 -29.85 -26.70 -5.52
N ARG C 633 -28.75 -26.85 -4.78
CA ARG C 633 -28.17 -28.16 -4.46
C ARG C 633 -29.20 -29.22 -4.06
N GLU C 634 -29.94 -29.00 -2.98
CA GLU C 634 -31.00 -29.91 -2.56
C GLU C 634 -31.78 -29.27 -1.42
N ARG C 635 -33.04 -29.69 -1.29
CA ARG C 635 -33.87 -29.26 -0.18
C ARG C 635 -34.52 -30.46 0.48
N SER C 636 -34.53 -30.47 1.82
CA SER C 636 -35.01 -31.62 2.59
C SER C 636 -36.18 -31.20 3.48
N TYR C 637 -37.10 -32.13 3.69
CA TYR C 637 -38.28 -31.88 4.51
C TYR C 637 -38.63 -33.14 5.29
N ARG C 638 -39.28 -32.94 6.44
CA ARG C 638 -39.78 -34.01 7.29
C ARG C 638 -41.30 -34.15 7.15
N PHE C 639 -41.79 -35.36 7.43
CA PHE C 639 -43.21 -35.68 7.43
C PHE C 639 -43.59 -36.24 8.79
N ARG C 640 -44.89 -36.46 8.98
CA ARG C 640 -45.44 -37.10 10.15
C ARG C 640 -45.51 -38.61 9.92
N SER C 641 -45.82 -39.35 10.99
CA SER C 641 -45.94 -40.79 10.86
C SER C 641 -47.12 -41.15 9.95
N VAL C 642 -46.89 -42.15 9.10
CA VAL C 642 -47.90 -42.62 8.16
C VAL C 642 -48.21 -44.07 8.48
N TRP C 643 -49.49 -44.38 8.64
CA TRP C 643 -50.06 -45.67 9.00
C TRP C 643 -50.07 -46.61 7.80
N PRO C 644 -50.14 -47.93 8.03
CA PRO C 644 -50.17 -48.87 6.91
C PRO C 644 -51.38 -48.72 6.00
N GLU C 645 -52.44 -48.04 6.43
CA GLU C 645 -53.63 -47.82 5.62
C GLU C 645 -53.55 -46.56 4.77
N ASN C 646 -53.21 -45.43 5.38
CA ASN C 646 -53.31 -44.13 4.73
C ASN C 646 -52.17 -43.92 3.74
N THR C 647 -52.22 -42.78 3.04
CA THR C 647 -51.21 -42.40 2.07
C THR C 647 -50.55 -41.10 2.49
N MET C 648 -49.46 -40.74 1.81
CA MET C 648 -48.70 -39.54 2.08
C MET C 648 -48.70 -38.69 0.81
N CYS C 649 -49.04 -37.41 0.94
CA CYS C 649 -49.08 -36.54 -0.23
C CYS C 649 -48.53 -35.15 0.12
N ALA C 650 -47.73 -34.60 -0.79
CA ALA C 650 -47.10 -33.30 -0.56
C ALA C 650 -47.01 -32.55 -1.87
N LYS C 651 -46.87 -31.23 -1.78
CA LYS C 651 -46.72 -30.40 -2.96
C LYS C 651 -45.66 -29.33 -2.70
N PHE C 652 -44.91 -28.99 -3.75
CA PHE C 652 -43.84 -28.01 -3.66
C PHE C 652 -43.94 -27.04 -4.83
N GLN C 653 -43.39 -25.85 -4.61
CA GLN C 653 -43.42 -24.77 -5.58
C GLN C 653 -42.02 -24.19 -5.72
N PHE C 654 -41.59 -23.97 -6.96
CA PHE C 654 -40.26 -23.44 -7.23
C PHE C 654 -40.33 -22.60 -8.50
N THR C 655 -39.17 -22.30 -9.08
CA THR C 655 -39.12 -21.46 -10.28
C THR C 655 -37.98 -21.87 -11.21
N PRO C 656 -38.29 -22.31 -12.42
CA PRO C 656 -37.22 -22.57 -13.39
C PRO C 656 -36.51 -21.30 -13.81
N THR C 657 -35.24 -21.44 -14.13
CA THR C 657 -34.43 -20.30 -14.56
C THR C 657 -33.74 -20.52 -15.89
N HIS C 658 -33.28 -21.73 -16.17
CA HIS C 658 -32.63 -22.04 -17.44
C HIS C 658 -33.62 -22.76 -18.35
N VAL C 659 -33.44 -22.57 -19.66
CA VAL C 659 -34.37 -23.11 -20.64
C VAL C 659 -33.89 -24.47 -21.12
N GLY C 660 -34.80 -25.24 -21.70
CA GLY C 660 -34.49 -26.52 -22.29
C GLY C 660 -35.23 -27.66 -21.60
N LEU C 661 -34.66 -28.86 -21.72
CA LEU C 661 -35.25 -30.07 -21.15
C LEU C 661 -34.54 -30.39 -19.84
N GLN C 662 -35.23 -30.18 -18.73
CA GLN C 662 -34.68 -30.43 -17.41
C GLN C 662 -35.38 -31.62 -16.78
N ARG C 663 -34.90 -32.02 -15.61
CA ARG C 663 -35.61 -33.02 -14.81
C ARG C 663 -35.26 -32.82 -13.35
N LEU C 664 -36.17 -33.27 -12.49
CA LEU C 664 -36.00 -33.19 -11.05
C LEU C 664 -36.10 -34.57 -10.43
N THR C 665 -35.35 -34.78 -9.37
CA THR C 665 -35.28 -36.07 -8.69
C THR C 665 -35.69 -35.90 -7.22
N VAL C 666 -36.57 -36.78 -6.75
CA VAL C 666 -36.99 -36.82 -5.36
C VAL C 666 -36.54 -38.15 -4.77
N GLU C 667 -36.31 -38.13 -3.46
CA GLU C 667 -35.78 -39.28 -2.74
C GLU C 667 -36.42 -39.34 -1.36
N VAL C 668 -36.77 -40.55 -0.93
CA VAL C 668 -37.49 -40.78 0.31
C VAL C 668 -36.66 -41.72 1.18
N ASP C 669 -36.55 -41.38 2.47
CA ASP C 669 -35.89 -42.21 3.46
C ASP C 669 -36.80 -42.33 4.68
N CYS C 670 -36.79 -43.50 5.30
CA CYS C 670 -37.55 -43.74 6.51
C CYS C 670 -36.89 -44.88 7.28
N ASN C 671 -37.55 -45.35 8.33
CA ASN C 671 -37.01 -46.45 9.11
C ASN C 671 -37.17 -47.80 8.42
N MET C 672 -38.27 -47.98 7.67
CA MET C 672 -38.51 -49.25 7.02
C MET C 672 -37.64 -49.42 5.78
N PHE C 673 -37.42 -48.34 5.03
CA PHE C 673 -36.61 -48.42 3.82
C PHE C 673 -35.88 -47.10 3.64
N GLN C 674 -34.81 -47.15 2.84
CA GLN C 674 -33.96 -46.00 2.59
C GLN C 674 -33.67 -45.87 1.11
N ASN C 675 -33.49 -44.63 0.66
CA ASN C 675 -33.08 -44.30 -0.70
C ASN C 675 -34.09 -44.82 -1.73
N LEU C 676 -35.32 -44.34 -1.61
CA LEU C 676 -36.36 -44.64 -2.58
C LEU C 676 -36.48 -43.42 -3.51
N THR C 677 -35.99 -43.54 -4.73
CA THR C 677 -35.81 -42.41 -5.60
C THR C 677 -36.74 -42.47 -6.80
N ASN C 678 -37.05 -41.29 -7.34
CA ASN C 678 -37.85 -41.17 -8.55
C ASN C 678 -37.47 -39.86 -9.24
N TYR C 679 -37.82 -39.77 -10.53
CA TYR C 679 -37.46 -38.62 -11.33
C TYR C 679 -38.62 -38.23 -12.22
N LYS C 680 -38.60 -36.98 -12.68
CA LYS C 680 -39.63 -36.48 -13.58
C LYS C 680 -39.04 -35.37 -14.44
N SER C 681 -39.37 -35.39 -15.72
CA SER C 681 -38.81 -34.48 -16.70
C SER C 681 -39.75 -33.31 -16.98
N VAL C 682 -39.20 -32.28 -17.63
CA VAL C 682 -39.95 -31.06 -17.93
C VAL C 682 -39.26 -30.36 -19.09
N THR C 683 -40.05 -29.62 -19.87
CA THR C 683 -39.54 -28.78 -20.95
C THR C 683 -39.95 -27.35 -20.65
N VAL C 684 -38.97 -26.44 -20.62
CA VAL C 684 -39.20 -25.04 -20.29
C VAL C 684 -38.69 -24.18 -21.43
N VAL C 685 -39.50 -23.19 -21.82
CA VAL C 685 -39.22 -22.35 -22.98
C VAL C 685 -38.97 -20.92 -22.53
N ALA C 686 -38.51 -20.10 -23.47
CA ALA C 686 -38.23 -18.71 -23.21
C ALA C 686 -39.54 -17.95 -22.95
N PRO C 687 -39.48 -16.86 -22.17
CA PRO C 687 -40.70 -16.09 -21.90
C PRO C 687 -41.20 -15.38 -23.15
N GLU C 688 -42.50 -15.11 -23.17
CA GLU C 688 -43.10 -14.39 -24.28
C GLU C 688 -42.68 -12.93 -24.25
N LEU C 689 -42.23 -12.43 -25.40
CA LEU C 689 -41.80 -11.05 -25.52
C LEU C 689 -42.99 -10.10 -25.48
C1 NAG D . 36.05 71.45 23.66
C2 NAG D . 36.63 71.27 22.25
C3 NAG D . 37.29 72.57 21.80
C4 NAG D . 36.31 73.73 21.91
C5 NAG D . 35.74 73.80 23.32
C6 NAG D . 34.67 74.85 23.47
C7 NAG D . 37.58 69.22 21.27
C8 NAG D . 36.53 69.35 20.20
N2 NAG D . 37.57 70.17 22.21
O3 NAG D . 37.72 72.43 20.44
O4 NAG D . 36.99 74.96 21.63
O5 NAG D . 35.13 72.55 23.66
O6 NAG D . 33.37 74.32 23.27
O7 NAG D . 38.39 68.30 21.26
C1 NAG E . 57.31 24.32 -36.20
C2 NAG E . 57.83 25.04 -34.95
C3 NAG E . 59.29 25.43 -35.13
C4 NAG E . 60.12 24.21 -35.53
C5 NAG E . 59.51 23.53 -36.75
C6 NAG E . 60.22 22.24 -37.12
C7 NAG E . 56.56 26.49 -33.42
C8 NAG E . 56.92 25.53 -32.33
N2 NAG E . 57.02 26.21 -34.64
O3 NAG E . 59.79 25.98 -33.92
O4 NAG E . 61.46 24.60 -35.81
O5 NAG E . 58.14 23.19 -36.49
O6 NAG E . 60.57 21.50 -35.96
O7 NAG E . 55.87 27.49 -33.20
#